data_5K86
# 
_entry.id   5K86 
# 
_audit_conform.dict_name       mmcif_pdbx.dic 
_audit_conform.dict_version    5.381 
_audit_conform.dict_location   http://mmcif.pdb.org/dictionaries/ascii/mmcif_pdbx.dic 
# 
loop_
_database_2.database_id 
_database_2.database_code 
_database_2.pdbx_database_accession 
_database_2.pdbx_DOI 
PDB   5K86         pdb_00005k86 10.2210/pdb5k86/pdb 
WWPDB D_1000221878 ?            ?                   
# 
_pdbx_database_status.status_code                     REL 
_pdbx_database_status.status_code_sf                  REL 
_pdbx_database_status.status_code_mr                  ? 
_pdbx_database_status.entry_id                        5K86 
_pdbx_database_status.recvd_initial_deposition_date   2016-05-27 
_pdbx_database_status.SG_entry                        N 
_pdbx_database_status.deposit_site                    RCSB 
_pdbx_database_status.process_site                    RCSB 
_pdbx_database_status.status_code_cs                  ? 
_pdbx_database_status.methods_development_category    ? 
_pdbx_database_status.pdb_format_compatible           Y 
_pdbx_database_status.status_code_nmr_data            ? 
# 
loop_
_audit_author.name 
_audit_author.pdbx_ordinal 
'Chenoweth, D.M.' 1 
'Kasznel, A.J.'   2 
'Hai, Y.'         3 
# 
_citation.abstract                  ? 
_citation.abstract_id_CAS           ? 
_citation.book_id_ISBN              ? 
_citation.book_publisher            ? 
_citation.book_publisher_city       ? 
_citation.book_title                ? 
_citation.coordinate_linkage        ? 
_citation.country                   US 
_citation.database_id_Medline       ? 
_citation.details                   ? 
_citation.id                        primary 
_citation.journal_abbrev            'J. Am. Chem. Soc.' 
_citation.journal_id_ASTM           JACSAT 
_citation.journal_id_CSD            ? 
_citation.journal_id_ISSN           1520-5126 
_citation.journal_full              ? 
_citation.journal_issue             ? 
_citation.journal_volume            139 
_citation.language                  ? 
_citation.page_first                9427 
_citation.page_last                 9430 
_citation.title                     'Structural Basis for Aza-Glycine Stabilization of Collagen.' 
_citation.year                      2017 
_citation.database_id_CSD           ? 
_citation.pdbx_database_id_DOI      10.1021/jacs.7b03398 
_citation.pdbx_database_id_PubMed   28650147 
_citation.unpublished_flag          ? 
# 
loop_
_citation_author.citation_id 
_citation_author.name 
_citation_author.ordinal 
_citation_author.identifier_ORCID 
primary 'Kasznel, A.J.'   1 ? 
primary 'Zhang, Y.'       2 ? 
primary 'Hai, Y.'         3 ? 
primary 'Chenoweth, D.M.' 4 ? 
# 
_cell.angle_alpha                  90.00 
_cell.angle_alpha_esd              ? 
_cell.angle_beta                   91.66 
_cell.angle_beta_esd               ? 
_cell.angle_gamma                  90.00 
_cell.angle_gamma_esd              ? 
_cell.entry_id                     5K86 
_cell.details                      ? 
_cell.formula_units_Z              ? 
_cell.length_a                     27.490 
_cell.length_a_esd                 ? 
_cell.length_b                     18.240 
_cell.length_b_esd                 ? 
_cell.length_c                     48.840 
_cell.length_c_esd                 ? 
_cell.volume                       ? 
_cell.volume_esd                   ? 
_cell.Z_PDB                        6 
_cell.reciprocal_angle_alpha       ? 
_cell.reciprocal_angle_beta        ? 
_cell.reciprocal_angle_gamma       ? 
_cell.reciprocal_angle_alpha_esd   ? 
_cell.reciprocal_angle_beta_esd    ? 
_cell.reciprocal_angle_gamma_esd   ? 
_cell.reciprocal_length_a          ? 
_cell.reciprocal_length_b          ? 
_cell.reciprocal_length_c          ? 
_cell.reciprocal_length_a_esd      ? 
_cell.reciprocal_length_b_esd      ? 
_cell.reciprocal_length_c_esd      ? 
_cell.pdbx_unique_axis             ? 
# 
_symmetry.entry_id                         5K86 
_symmetry.cell_setting                     ? 
_symmetry.Int_Tables_number                4 
_symmetry.space_group_name_Hall            ? 
_symmetry.space_group_name_H-M             'P 1 21 1' 
_symmetry.pdbx_full_space_group_name_H-M   ? 
# 
loop_
_entity.id 
_entity.type 
_entity.src_method 
_entity.pdbx_description 
_entity.formula_weight 
_entity.pdbx_number_of_molecules 
_entity.pdbx_ec 
_entity.pdbx_mutation 
_entity.pdbx_fragment 
_entity.details 
1 polymer     syn 'Aza-glycine containing collagen peptide' 2199.341 3   ? ? ? ? 
2 non-polymer syn 'SULFATE ION'                             96.063   1   ? ? ? ? 
3 water       nat water                                     18.015   133 ? ? ? ? 
# 
_entity_poly.entity_id                      1 
_entity_poly.type                           'polypeptide(L)' 
_entity_poly.nstd_linkage                   no 
_entity_poly.nstd_monomer                   yes 
_entity_poly.pdbx_seq_one_letter_code       'P(HYP)GP(HYP)GP(HYP)GPR(XZA)P(HYP)GP(HYP)GP(HYP)GP(HYP)G(NH2)' 
_entity_poly.pdbx_seq_one_letter_code_can   PPGPPGPPGPRXPPGPPGPPGPPGX 
_entity_poly.pdbx_strand_id                 A,B,C 
_entity_poly.pdbx_target_identifier         ? 
# 
loop_
_entity_poly_seq.entity_id 
_entity_poly_seq.num 
_entity_poly_seq.mon_id 
_entity_poly_seq.hetero 
1 1  PRO n 
1 2  HYP n 
1 3  GLY n 
1 4  PRO n 
1 5  HYP n 
1 6  GLY n 
1 7  PRO n 
1 8  HYP n 
1 9  GLY n 
1 10 PRO n 
1 11 ARG n 
1 12 XZA n 
1 13 PRO n 
1 14 HYP n 
1 15 GLY n 
1 16 PRO n 
1 17 HYP n 
1 18 GLY n 
1 19 PRO n 
1 20 HYP n 
1 21 GLY n 
1 22 PRO n 
1 23 HYP n 
1 24 GLY n 
1 25 NH2 n 
# 
_pdbx_entity_src_syn.entity_id              1 
_pdbx_entity_src_syn.pdbx_src_id            1 
_pdbx_entity_src_syn.pdbx_alt_source_flag   sample 
_pdbx_entity_src_syn.pdbx_beg_seq_num       1 
_pdbx_entity_src_syn.pdbx_end_seq_num       25 
_pdbx_entity_src_syn.organism_scientific    'synthetic construct' 
_pdbx_entity_src_syn.organism_common_name   ? 
_pdbx_entity_src_syn.ncbi_taxonomy_id       32630 
_pdbx_entity_src_syn.details                ? 
# 
_struct_ref.id                         1 
_struct_ref.db_name                    PDB 
_struct_ref.db_code                    5K86 
_struct_ref.pdbx_db_accession          5K86 
_struct_ref.pdbx_db_isoform            ? 
_struct_ref.entity_id                  1 
_struct_ref.pdbx_seq_one_letter_code   ? 
_struct_ref.pdbx_align_begin           1 
# 
loop_
_struct_ref_seq.align_id 
_struct_ref_seq.ref_id 
_struct_ref_seq.pdbx_PDB_id_code 
_struct_ref_seq.pdbx_strand_id 
_struct_ref_seq.seq_align_beg 
_struct_ref_seq.pdbx_seq_align_beg_ins_code 
_struct_ref_seq.seq_align_end 
_struct_ref_seq.pdbx_seq_align_end_ins_code 
_struct_ref_seq.pdbx_db_accession 
_struct_ref_seq.db_align_beg 
_struct_ref_seq.pdbx_db_align_beg_ins_code 
_struct_ref_seq.db_align_end 
_struct_ref_seq.pdbx_db_align_end_ins_code 
_struct_ref_seq.pdbx_auth_seq_align_beg 
_struct_ref_seq.pdbx_auth_seq_align_end 
1 1 5K86 A 1 ? 25 ? 5K86 1 ? 25 ? 1 25 
2 1 5K86 B 1 ? 25 ? 5K86 1 ? 25 ? 1 25 
3 1 5K86 C 1 ? 25 ? 5K86 1 ? 25 ? 1 25 
# 
loop_
_chem_comp.id 
_chem_comp.type 
_chem_comp.mon_nstd_flag 
_chem_comp.name 
_chem_comp.pdbx_synonyms 
_chem_comp.formula 
_chem_comp.formula_weight 
ARG 'L-peptide linking' y ARGININE                 ?              'C6 H15 N4 O2 1' 175.209 
GLY 'peptide linking'   y GLYCINE                  ?              'C2 H5 N O2'     75.067  
HOH non-polymer         . WATER                    ?              'H2 O'           18.015  
HYP 'L-peptide linking' n 4-HYDROXYPROLINE         HYDROXYPROLINE 'C5 H9 N O3'     131.130 
NH2 non-polymer         . 'AMINO GROUP'            ?              'H2 N'           16.023  
PRO 'L-peptide linking' y PROLINE                  ?              'C5 H9 N O2'     115.130 
SO4 non-polymer         . 'SULFATE ION'            ?              'O4 S -2'        96.063  
XZA peptide-like        . 'diazanecarboxylic acid' ?              'C H4 N2 O2'     76.055  
# 
_exptl.absorpt_coefficient_mu     ? 
_exptl.absorpt_correction_T_max   ? 
_exptl.absorpt_correction_T_min   ? 
_exptl.absorpt_correction_type    ? 
_exptl.absorpt_process_details    ? 
_exptl.entry_id                   5K86 
_exptl.crystals_number            1 
_exptl.details                    ? 
_exptl.method                     'X-RAY DIFFRACTION' 
_exptl.method_details             ? 
# 
_exptl_crystal.colour                      ? 
_exptl_crystal.density_diffrn              ? 
_exptl_crystal.density_Matthews            1.80 
_exptl_crystal.density_method              ? 
_exptl_crystal.density_percent_sol         31.85 
_exptl_crystal.description                 ? 
_exptl_crystal.F_000                       ? 
_exptl_crystal.id                          1 
_exptl_crystal.preparation                 ? 
_exptl_crystal.size_max                    ? 
_exptl_crystal.size_mid                    ? 
_exptl_crystal.size_min                    ? 
_exptl_crystal.size_rad                    ? 
_exptl_crystal.colour_lustre               ? 
_exptl_crystal.colour_modifier             ? 
_exptl_crystal.colour_primary              ? 
_exptl_crystal.density_meas                ? 
_exptl_crystal.density_meas_esd            ? 
_exptl_crystal.density_meas_gt             ? 
_exptl_crystal.density_meas_lt             ? 
_exptl_crystal.density_meas_temp           ? 
_exptl_crystal.density_meas_temp_esd       ? 
_exptl_crystal.density_meas_temp_gt        ? 
_exptl_crystal.density_meas_temp_lt        ? 
_exptl_crystal.pdbx_crystal_image_url      ? 
_exptl_crystal.pdbx_crystal_image_format   ? 
_exptl_crystal.pdbx_mosaicity              ? 
_exptl_crystal.pdbx_mosaicity_esd          ? 
# 
_exptl_crystal_grow.apparatus       ? 
_exptl_crystal_grow.atmosphere      ? 
_exptl_crystal_grow.crystal_id      1 
_exptl_crystal_grow.details         ? 
_exptl_crystal_grow.method          'VAPOR DIFFUSION, SITTING DROP' 
_exptl_crystal_grow.method_ref      ? 
_exptl_crystal_grow.pH              7.6 
_exptl_crystal_grow.pressure        ? 
_exptl_crystal_grow.pressure_esd    ? 
_exptl_crystal_grow.seeding         ? 
_exptl_crystal_grow.seeding_ref     ? 
_exptl_crystal_grow.temp            277 
_exptl_crystal_grow.temp_details    ? 
_exptl_crystal_grow.temp_esd        ? 
_exptl_crystal_grow.time            ? 
_exptl_crystal_grow.pdbx_details    '0.094 M Tris-HCl (pH 7.6), 30% (w/v) PEG 4000, 0.01 M Li2SO4 monohydrate' 
_exptl_crystal_grow.pdbx_pH_range   ? 
# 
_diffrn.ambient_environment    ? 
_diffrn.ambient_temp           100 
_diffrn.ambient_temp_details   ? 
_diffrn.ambient_temp_esd       ? 
_diffrn.crystal_id             1 
_diffrn.crystal_support        ? 
_diffrn.crystal_treatment      ? 
_diffrn.details                ? 
_diffrn.id                     1 
_diffrn.ambient_pressure       ? 
_diffrn.ambient_pressure_esd   ? 
_diffrn.ambient_pressure_gt    ? 
_diffrn.ambient_pressure_lt    ? 
_diffrn.ambient_temp_gt        ? 
_diffrn.ambient_temp_lt        ? 
# 
_diffrn_detector.details                      
'Cryogenically-cooled single crystal Si(220) side bounce monochromator. Optional Si(311) to achive 13.474 keV.' 
_diffrn_detector.detector                     CCD 
_diffrn_detector.diffrn_id                    1 
_diffrn_detector.type                         'ADSC QUANTUM 315' 
_diffrn_detector.area_resol_mean              ? 
_diffrn_detector.dtime                        ? 
_diffrn_detector.pdbx_frames_total            ? 
_diffrn_detector.pdbx_collection_time_total   ? 
_diffrn_detector.pdbx_collection_date         2016-02-27 
# 
_diffrn_radiation.collimation                      ? 
_diffrn_radiation.diffrn_id                        1 
_diffrn_radiation.filter_edge                      ? 
_diffrn_radiation.inhomogeneity                    ? 
_diffrn_radiation.monochromator                    'Cryogenically-cooled single crystal' 
_diffrn_radiation.polarisn_norm                    ? 
_diffrn_radiation.polarisn_ratio                   ? 
_diffrn_radiation.probe                            ? 
_diffrn_radiation.type                             ? 
_diffrn_radiation.xray_symbol                      ? 
_diffrn_radiation.wavelength_id                    1 
_diffrn_radiation.pdbx_monochromatic_or_laue_m_l   M 
_diffrn_radiation.pdbx_wavelength_list             ? 
_diffrn_radiation.pdbx_wavelength                  ? 
_diffrn_radiation.pdbx_diffrn_protocol             'SINGLE WAVELENGTH' 
_diffrn_radiation.pdbx_analyzer                    ? 
_diffrn_radiation.pdbx_scattering_type             x-ray 
# 
_diffrn_radiation_wavelength.id           1 
_diffrn_radiation_wavelength.wavelength   0.97918 
_diffrn_radiation_wavelength.wt           1.0 
# 
_diffrn_source.current                     ? 
_diffrn_source.details                     ? 
_diffrn_source.diffrn_id                   1 
_diffrn_source.power                       ? 
_diffrn_source.size                        ? 
_diffrn_source.source                      SYNCHROTRON 
_diffrn_source.target                      ? 
_diffrn_source.type                        'APS BEAMLINE 24-ID-E' 
_diffrn_source.voltage                     ? 
_diffrn_source.take-off_angle              ? 
_diffrn_source.pdbx_wavelength_list        0.97918 
_diffrn_source.pdbx_wavelength             ? 
_diffrn_source.pdbx_synchrotron_beamline   24-ID-E 
_diffrn_source.pdbx_synchrotron_site       APS 
# 
_reflns.B_iso_Wilson_estimate            5.65 
_reflns.entry_id                         5K86 
_reflns.data_reduction_details           ? 
_reflns.data_reduction_method            ? 
_reflns.d_resolution_high                1.127 
_reflns.d_resolution_low                 27.48 
_reflns.details                          ? 
_reflns.limit_h_max                      ? 
_reflns.limit_h_min                      ? 
_reflns.limit_k_max                      ? 
_reflns.limit_k_min                      ? 
_reflns.limit_l_max                      ? 
_reflns.limit_l_min                      ? 
_reflns.number_all                       ? 
_reflns.number_obs                       18676 
_reflns.observed_criterion               ? 
_reflns.observed_criterion_F_max         ? 
_reflns.observed_criterion_F_min         ? 
_reflns.observed_criterion_I_max         ? 
_reflns.observed_criterion_I_min         ? 
_reflns.observed_criterion_sigma_F       ? 
_reflns.observed_criterion_sigma_I       ? 
_reflns.percent_possible_obs             99.3 
_reflns.R_free_details                   ? 
_reflns.Rmerge_F_all                     ? 
_reflns.Rmerge_F_obs                     ? 
_reflns.Friedel_coverage                 ? 
_reflns.number_gt                        ? 
_reflns.threshold_expression             ? 
_reflns.pdbx_redundancy                  2.8 
_reflns.pdbx_Rmerge_I_obs                0.088 
_reflns.pdbx_Rmerge_I_all                ? 
_reflns.pdbx_Rsym_value                  ? 
_reflns.pdbx_netI_over_av_sigmaI         ? 
_reflns.pdbx_netI_over_sigmaI            7.1 
_reflns.pdbx_res_netI_over_av_sigmaI_2   ? 
_reflns.pdbx_res_netI_over_sigmaI_2      ? 
_reflns.pdbx_chi_squared                 ? 
_reflns.pdbx_scaling_rejects             ? 
_reflns.pdbx_d_res_high_opt              ? 
_reflns.pdbx_d_res_low_opt               ? 
_reflns.pdbx_d_res_opt_method            ? 
_reflns.phase_calculation_details        ? 
_reflns.pdbx_Rrim_I_all                  ? 
_reflns.pdbx_Rpim_I_all                  ? 
_reflns.pdbx_d_opt                       ? 
_reflns.pdbx_number_measured_all         ? 
_reflns.pdbx_diffrn_id                   1 
_reflns.pdbx_ordinal                     1 
_reflns.pdbx_CC_half                     0.995 
_reflns.pdbx_R_split                     ? 
# 
_reflns_shell.d_res_high                  1.127 
_reflns_shell.d_res_low                   1.15 
_reflns_shell.meanI_over_sigI_all         ? 
_reflns_shell.meanI_over_sigI_obs         1.6 
_reflns_shell.number_measured_all         ? 
_reflns_shell.number_measured_obs         ? 
_reflns_shell.number_possible             ? 
_reflns_shell.number_unique_all           ? 
_reflns_shell.number_unique_obs           ? 
_reflns_shell.percent_possible_all        97.7 
_reflns_shell.percent_possible_obs        ? 
_reflns_shell.Rmerge_F_all                ? 
_reflns_shell.Rmerge_F_obs                ? 
_reflns_shell.Rmerge_I_all                ? 
_reflns_shell.Rmerge_I_obs                0.566 
_reflns_shell.meanI_over_sigI_gt          ? 
_reflns_shell.meanI_over_uI_all           ? 
_reflns_shell.meanI_over_uI_gt            ? 
_reflns_shell.number_measured_gt          ? 
_reflns_shell.number_unique_gt            ? 
_reflns_shell.percent_possible_gt         ? 
_reflns_shell.Rmerge_F_gt                 ? 
_reflns_shell.Rmerge_I_gt                 ? 
_reflns_shell.pdbx_redundancy             2.4 
_reflns_shell.pdbx_Rsym_value             ? 
_reflns_shell.pdbx_chi_squared            ? 
_reflns_shell.pdbx_netI_over_sigmaI_all   ? 
_reflns_shell.pdbx_netI_over_sigmaI_obs   ? 
_reflns_shell.pdbx_Rrim_I_all             ? 
_reflns_shell.pdbx_Rpim_I_all             ? 
_reflns_shell.pdbx_rejects                ? 
_reflns_shell.pdbx_ordinal                1 
_reflns_shell.pdbx_diffrn_id              1 
_reflns_shell.pdbx_CC_half                ? 
_reflns_shell.pdbx_R_split                ? 
# 
_refine.aniso_B[1][1]                            ? 
_refine.aniso_B[1][2]                            ? 
_refine.aniso_B[1][3]                            ? 
_refine.aniso_B[2][2]                            ? 
_refine.aniso_B[2][3]                            ? 
_refine.aniso_B[3][3]                            ? 
_refine.B_iso_max                                ? 
_refine.B_iso_mean                               ? 
_refine.B_iso_min                                ? 
_refine.correlation_coeff_Fo_to_Fc               ? 
_refine.correlation_coeff_Fo_to_Fc_free          ? 
_refine.details                                  ? 
_refine.diff_density_max                         ? 
_refine.diff_density_max_esd                     ? 
_refine.diff_density_min                         ? 
_refine.diff_density_min_esd                     ? 
_refine.diff_density_rms                         ? 
_refine.diff_density_rms_esd                     ? 
_refine.entry_id                                 5K86 
_refine.pdbx_refine_id                           'X-RAY DIFFRACTION' 
_refine.ls_abs_structure_details                 ? 
_refine.ls_abs_structure_Flack                   ? 
_refine.ls_abs_structure_Flack_esd               ? 
_refine.ls_abs_structure_Rogers                  ? 
_refine.ls_abs_structure_Rogers_esd              ? 
_refine.ls_d_res_high                            1.127 
_refine.ls_d_res_low                             27.478 
_refine.ls_extinction_coef                       ? 
_refine.ls_extinction_coef_esd                   ? 
_refine.ls_extinction_expression                 ? 
_refine.ls_extinction_method                     ? 
_refine.ls_goodness_of_fit_all                   ? 
_refine.ls_goodness_of_fit_all_esd               ? 
_refine.ls_goodness_of_fit_obs                   ? 
_refine.ls_goodness_of_fit_obs_esd               ? 
_refine.ls_hydrogen_treatment                    ? 
_refine.ls_matrix_type                           ? 
_refine.ls_number_constraints                    ? 
_refine.ls_number_parameters                     ? 
_refine.ls_number_reflns_all                     ? 
_refine.ls_number_reflns_obs                     18538 
_refine.ls_number_reflns_R_free                  1853 
_refine.ls_number_reflns_R_work                  ? 
_refine.ls_number_restraints                     ? 
_refine.ls_percent_reflns_obs                    98.99 
_refine.ls_percent_reflns_R_free                 10.00 
_refine.ls_R_factor_all                          ? 
_refine.ls_R_factor_obs                          0.1319 
_refine.ls_R_factor_R_free                       0.1590 
_refine.ls_R_factor_R_free_error                 ? 
_refine.ls_R_factor_R_free_error_details         ? 
_refine.ls_R_factor_R_work                       0.1288 
_refine.ls_R_Fsqd_factor_obs                     ? 
_refine.ls_R_I_factor_obs                        ? 
_refine.ls_redundancy_reflns_all                 ? 
_refine.ls_redundancy_reflns_obs                 ? 
_refine.ls_restrained_S_all                      ? 
_refine.ls_restrained_S_obs                      ? 
_refine.ls_shift_over_esd_max                    ? 
_refine.ls_shift_over_esd_mean                   ? 
_refine.ls_structure_factor_coef                 ? 
_refine.ls_weighting_details                     ? 
_refine.ls_weighting_scheme                      ? 
_refine.ls_wR_factor_all                         ? 
_refine.ls_wR_factor_obs                         ? 
_refine.ls_wR_factor_R_free                      ? 
_refine.ls_wR_factor_R_work                      ? 
_refine.occupancy_max                            ? 
_refine.occupancy_min                            ? 
_refine.solvent_model_details                    ? 
_refine.solvent_model_param_bsol                 ? 
_refine.solvent_model_param_ksol                 ? 
_refine.ls_R_factor_gt                           ? 
_refine.ls_goodness_of_fit_gt                    ? 
_refine.ls_goodness_of_fit_ref                   ? 
_refine.ls_shift_over_su_max                     ? 
_refine.ls_shift_over_su_max_lt                  ? 
_refine.ls_shift_over_su_mean                    ? 
_refine.ls_shift_over_su_mean_lt                 ? 
_refine.pdbx_ls_sigma_I                          ? 
_refine.pdbx_ls_sigma_F                          1.39 
_refine.pdbx_ls_sigma_Fsqd                       ? 
_refine.pdbx_data_cutoff_high_absF               ? 
_refine.pdbx_data_cutoff_high_rms_absF           ? 
_refine.pdbx_data_cutoff_low_absF                ? 
_refine.pdbx_isotropic_thermal_model             ? 
_refine.pdbx_ls_cross_valid_method               THROUGHOUT 
_refine.pdbx_method_to_determine_struct          'MOLECULAR REPLACEMENT' 
_refine.pdbx_starting_model                      3WN8 
_refine.pdbx_stereochemistry_target_values       ? 
_refine.pdbx_R_Free_selection_details            ? 
_refine.pdbx_stereochem_target_val_spec_case     ? 
_refine.pdbx_overall_ESU_R                       ? 
_refine.pdbx_overall_ESU_R_Free                  ? 
_refine.pdbx_solvent_vdw_probe_radii             1.11 
_refine.pdbx_solvent_ion_probe_radii             ? 
_refine.pdbx_solvent_shrinkage_radii             0.90 
_refine.pdbx_real_space_R                        ? 
_refine.pdbx_density_correlation                 ? 
_refine.pdbx_pd_number_of_powder_patterns        ? 
_refine.pdbx_pd_number_of_points                 ? 
_refine.pdbx_pd_meas_number_of_points            ? 
_refine.pdbx_pd_proc_ls_prof_R_factor            ? 
_refine.pdbx_pd_proc_ls_prof_wR_factor           ? 
_refine.pdbx_pd_Marquardt_correlation_coeff      ? 
_refine.pdbx_pd_Fsqrd_R_factor                   ? 
_refine.pdbx_pd_ls_matrix_band_width             ? 
_refine.pdbx_overall_phase_error                 13.98 
_refine.pdbx_overall_SU_R_free_Cruickshank_DPI   ? 
_refine.pdbx_overall_SU_R_free_Blow_DPI          ? 
_refine.pdbx_overall_SU_R_Blow_DPI               ? 
_refine.pdbx_TLS_residual_ADP_flag               ? 
_refine.pdbx_diffrn_id                           1 
_refine.overall_SU_B                             ? 
_refine.overall_SU_ML                            0.11 
_refine.overall_SU_R_Cruickshank_DPI             ? 
_refine.overall_SU_R_free                        ? 
_refine.overall_FOM_free_R_set                   ? 
_refine.overall_FOM_work_R_set                   ? 
_refine.pdbx_average_fsc_overall                 ? 
_refine.pdbx_average_fsc_work                    ? 
_refine.pdbx_average_fsc_free                    ? 
# 
_refine_hist.pdbx_refine_id                   'X-RAY DIFFRACTION' 
_refine_hist.cycle_id                         LAST 
_refine_hist.pdbx_number_atoms_protein        468 
_refine_hist.pdbx_number_atoms_nucleic_acid   0 
_refine_hist.pdbx_number_atoms_ligand         5 
_refine_hist.number_atoms_solvent             133 
_refine_hist.number_atoms_total               606 
_refine_hist.d_res_high                       1.127 
_refine_hist.d_res_low                        27.478 
# 
loop_
_refine_ls_restr.pdbx_refine_id 
_refine_ls_restr.criterion 
_refine_ls_restr.dev_ideal 
_refine_ls_restr.dev_ideal_target 
_refine_ls_restr.number 
_refine_ls_restr.rejects 
_refine_ls_restr.type 
_refine_ls_restr.weight 
_refine_ls_restr.pdbx_restraint_function 
'X-RAY DIFFRACTION' ? 0.015  ? 514 ? f_bond_d           ? ? 
'X-RAY DIFFRACTION' ? 1.688  ? 720 ? f_angle_d          ? ? 
'X-RAY DIFFRACTION' ? 19.432 ? 177 ? f_dihedral_angle_d ? ? 
'X-RAY DIFFRACTION' ? 0.094  ? 69  ? f_chiral_restr     ? ? 
'X-RAY DIFFRACTION' ? 0.009  ? 96  ? f_plane_restr      ? ? 
# 
loop_
_refine_ls_shell.pdbx_refine_id 
_refine_ls_shell.d_res_high 
_refine_ls_shell.d_res_low 
_refine_ls_shell.number_reflns_all 
_refine_ls_shell.number_reflns_obs 
_refine_ls_shell.number_reflns_R_free 
_refine_ls_shell.number_reflns_R_work 
_refine_ls_shell.percent_reflns_obs 
_refine_ls_shell.percent_reflns_R_free 
_refine_ls_shell.R_factor_all 
_refine_ls_shell.R_factor_obs 
_refine_ls_shell.R_factor_R_free 
_refine_ls_shell.R_factor_R_free_error 
_refine_ls_shell.R_factor_R_work 
_refine_ls_shell.redundancy_reflns_all 
_refine_ls_shell.redundancy_reflns_obs 
_refine_ls_shell.wR_factor_all 
_refine_ls_shell.wR_factor_obs 
_refine_ls_shell.wR_factor_R_free 
_refine_ls_shell.wR_factor_R_work 
_refine_ls_shell.pdbx_total_number_of_bins_used 
_refine_ls_shell.pdbx_phase_error 
_refine_ls_shell.pdbx_fsc_work 
_refine_ls_shell.pdbx_fsc_free 
'X-RAY DIFFRACTION' 1.1270 1.1575  . . 138 1232 97.00  . . . 0.2733 . 0.2370 . . . . . . . . . . 
'X-RAY DIFFRACTION' 1.1575 1.1915  . . 137 1262 99.00  . . . 0.2528 . 0.1933 . . . . . . . . . . 
'X-RAY DIFFRACTION' 1.1915 1.2300  . . 144 1281 100.00 . . . 0.1845 . 0.1717 . . . . . . . . . . 
'X-RAY DIFFRACTION' 1.2300 1.2740  . . 140 1283 100.00 . . . 0.1947 . 0.1548 . . . . . . . . . . 
'X-RAY DIFFRACTION' 1.2740 1.3250  . . 141 1297 100.00 . . . 0.1870 . 0.1514 . . . . . . . . . . 
'X-RAY DIFFRACTION' 1.3250 1.3853  . . 147 1279 100.00 . . . 0.1690 . 0.1301 . . . . . . . . . . 
'X-RAY DIFFRACTION' 1.3853 1.4583  . . 139 1259 99.00  . . . 0.1665 . 0.1131 . . . . . . . . . . 
'X-RAY DIFFRACTION' 1.4583 1.5497  . . 141 1278 100.00 . . . 0.1431 . 0.1063 . . . . . . . . . . 
'X-RAY DIFFRACTION' 1.5497 1.6693  . . 147 1295 100.00 . . . 0.1321 . 0.0990 . . . . . . . . . . 
'X-RAY DIFFRACTION' 1.6693 1.8373  . . 141 1312 99.00  . . . 0.1483 . 0.1010 . . . . . . . . . . 
'X-RAY DIFFRACTION' 1.8373 2.1030  . . 146 1276 99.00  . . . 0.1190 . 0.0953 . . . . . . . . . . 
'X-RAY DIFFRACTION' 2.1030 2.6493  . . 146 1319 100.00 . . . 0.1409 . 0.1162 . . . . . . . . . . 
'X-RAY DIFFRACTION' 2.6493 27.4866 . . 146 1312 96.00  . . . 0.1549 . 0.1399 . . . . . . . . . . 
# 
_struct.entry_id                     5K86 
_struct.title                        'Aza-glycine containing collagen peptide' 
_struct.pdbx_model_details           ? 
_struct.pdbx_formula_weight          ? 
_struct.pdbx_formula_weight_method   ? 
_struct.pdbx_model_type_details      ? 
_struct.pdbx_CASP_flag               N 
# 
_struct_keywords.entry_id        5K86 
_struct_keywords.text            'Aza-glycine, Collagen, Triple-helix, STRUCTURAL PROTEIN' 
_struct_keywords.pdbx_keywords   'STRUCTURAL PROTEIN' 
# 
loop_
_struct_asym.id 
_struct_asym.pdbx_blank_PDB_chainid_flag 
_struct_asym.pdbx_modified 
_struct_asym.entity_id 
_struct_asym.details 
A N N 1 ? 
B N N 1 ? 
C N N 1 ? 
D N N 2 ? 
E N N 3 ? 
F N N 3 ? 
G N N 3 ? 
# 
loop_
_struct_conn.id 
_struct_conn.conn_type_id 
_struct_conn.pdbx_leaving_atom_flag 
_struct_conn.pdbx_PDB_id 
_struct_conn.ptnr1_label_asym_id 
_struct_conn.ptnr1_label_comp_id 
_struct_conn.ptnr1_label_seq_id 
_struct_conn.ptnr1_label_atom_id 
_struct_conn.pdbx_ptnr1_label_alt_id 
_struct_conn.pdbx_ptnr1_PDB_ins_code 
_struct_conn.pdbx_ptnr1_standard_comp_id 
_struct_conn.ptnr1_symmetry 
_struct_conn.ptnr2_label_asym_id 
_struct_conn.ptnr2_label_comp_id 
_struct_conn.ptnr2_label_seq_id 
_struct_conn.ptnr2_label_atom_id 
_struct_conn.pdbx_ptnr2_label_alt_id 
_struct_conn.pdbx_ptnr2_PDB_ins_code 
_struct_conn.ptnr1_auth_asym_id 
_struct_conn.ptnr1_auth_comp_id 
_struct_conn.ptnr1_auth_seq_id 
_struct_conn.ptnr2_auth_asym_id 
_struct_conn.ptnr2_auth_comp_id 
_struct_conn.ptnr2_auth_seq_id 
_struct_conn.ptnr2_symmetry 
_struct_conn.pdbx_ptnr3_label_atom_id 
_struct_conn.pdbx_ptnr3_label_seq_id 
_struct_conn.pdbx_ptnr3_label_comp_id 
_struct_conn.pdbx_ptnr3_label_asym_id 
_struct_conn.pdbx_ptnr3_label_alt_id 
_struct_conn.pdbx_ptnr3_PDB_ins_code 
_struct_conn.details 
_struct_conn.pdbx_dist_value 
_struct_conn.pdbx_value_order 
_struct_conn.pdbx_role 
covale1  covale both ? A PRO 1  C ? ? ? 1_555 A HYP 2  N ? ? A PRO 1  A HYP 2  1_555 ? ? ? ? ? ? ? 1.328 ? ? 
covale2  covale both ? A HYP 2  C ? ? ? 1_555 A GLY 3  N ? ? A HYP 2  A GLY 3  1_555 ? ? ? ? ? ? ? 1.325 ? ? 
covale3  covale both ? A PRO 4  C ? ? ? 1_555 A HYP 5  N ? ? A PRO 4  A HYP 5  1_555 ? ? ? ? ? ? ? 1.331 ? ? 
covale4  covale both ? A HYP 5  C ? ? ? 1_555 A GLY 6  N ? ? A HYP 5  A GLY 6  1_555 ? ? ? ? ? ? ? 1.316 ? ? 
covale5  covale both ? A PRO 7  C ? ? ? 1_555 A HYP 8  N ? ? A PRO 7  A HYP 8  1_555 ? ? ? ? ? ? ? 1.328 ? ? 
covale6  covale both ? A HYP 8  C ? ? ? 1_555 A GLY 9  N ? ? A HYP 8  A GLY 9  1_555 ? ? ? ? ? ? ? 1.324 ? ? 
covale7  covale both ? A ARG 11 C ? ? ? 1_555 A XZA 12 N ? ? A ARG 11 A XZA 12 1_555 ? ? ? ? ? ? ? 1.364 ? ? 
covale8  covale both ? A XZA 12 C ? ? ? 1_555 A PRO 13 N ? ? A XZA 12 A PRO 13 1_555 ? ? ? ? ? ? ? 1.333 ? ? 
covale9  covale both ? A PRO 13 C ? ? ? 1_555 A HYP 14 N ? ? A PRO 13 A HYP 14 1_555 ? ? ? ? ? ? ? 1.331 ? ? 
covale10 covale both ? A HYP 14 C ? ? ? 1_555 A GLY 15 N ? ? A HYP 14 A GLY 15 1_555 ? ? ? ? ? ? ? 1.321 ? ? 
covale11 covale both ? A PRO 16 C ? ? ? 1_555 A HYP 17 N ? ? A PRO 16 A HYP 17 1_555 ? ? ? ? ? ? ? 1.321 ? ? 
covale12 covale both ? A HYP 17 C ? ? ? 1_555 A GLY 18 N ? ? A HYP 17 A GLY 18 1_555 ? ? ? ? ? ? ? 1.311 ? ? 
covale13 covale both ? A PRO 19 C ? ? ? 1_555 A HYP 20 N ? ? A PRO 19 A HYP 20 1_555 ? ? ? ? ? ? ? 1.313 ? ? 
covale14 covale both ? A HYP 20 C ? ? ? 1_555 A GLY 21 N ? ? A HYP 20 A GLY 21 1_555 ? ? ? ? ? ? ? 1.329 ? ? 
covale15 covale both ? A PRO 22 C ? ? ? 1_555 A HYP 23 N ? ? A PRO 22 A HYP 23 1_555 ? ? ? ? ? ? ? 1.327 ? ? 
covale16 covale both ? A HYP 23 C ? ? ? 1_555 A GLY 24 N ? ? A HYP 23 A GLY 24 1_555 ? ? ? ? ? ? ? 1.319 ? ? 
covale17 covale both ? A GLY 24 C ? ? ? 1_555 A NH2 25 N ? ? A GLY 24 A NH2 25 1_555 ? ? ? ? ? ? ? 1.333 ? ? 
covale18 covale both ? B PRO 1  C ? ? ? 1_555 B HYP 2  N ? ? B PRO 1  B HYP 2  1_555 ? ? ? ? ? ? ? 1.329 ? ? 
covale19 covale both ? B HYP 2  C ? ? ? 1_555 B GLY 3  N ? ? B HYP 2  B GLY 3  1_555 ? ? ? ? ? ? ? 1.309 ? ? 
covale20 covale both ? B PRO 4  C ? ? ? 1_555 B HYP 5  N ? ? B PRO 4  B HYP 5  1_555 ? ? ? ? ? ? ? 1.317 ? ? 
covale21 covale both ? B HYP 5  C ? ? ? 1_555 B GLY 6  N ? ? B HYP 5  B GLY 6  1_555 ? ? ? ? ? ? ? 1.312 ? ? 
covale22 covale both ? B PRO 7  C ? ? ? 1_555 B HYP 8  N ? ? B PRO 7  B HYP 8  1_555 ? ? ? ? ? ? ? 1.341 ? ? 
covale23 covale both ? B HYP 8  C ? ? ? 1_555 B GLY 9  N ? ? B HYP 8  B GLY 9  1_555 ? ? ? ? ? ? ? 1.321 ? ? 
covale24 covale both ? B ARG 11 C ? ? ? 1_555 B XZA 12 N ? ? B ARG 11 B XZA 12 1_555 ? ? ? ? ? ? ? 1.359 ? ? 
covale25 covale both ? B XZA 12 C ? ? ? 1_555 B PRO 13 N ? ? B XZA 12 B PRO 13 1_555 ? ? ? ? ? ? ? 1.337 ? ? 
covale26 covale both ? B PRO 13 C ? ? ? 1_555 B HYP 14 N ? ? B PRO 13 B HYP 14 1_555 ? ? ? ? ? ? ? 1.330 ? ? 
covale27 covale both ? B HYP 14 C ? ? ? 1_555 B GLY 15 N ? ? B HYP 14 B GLY 15 1_555 ? ? ? ? ? ? ? 1.324 ? ? 
covale28 covale both ? B PRO 16 C ? ? ? 1_555 B HYP 17 N ? ? B PRO 16 B HYP 17 1_555 ? ? ? ? ? ? ? 1.334 ? ? 
covale29 covale both ? B HYP 17 C ? ? ? 1_555 B GLY 18 N ? ? B HYP 17 B GLY 18 1_555 ? ? ? ? ? ? ? 1.314 ? ? 
covale30 covale both ? B PRO 19 C ? ? ? 1_555 B HYP 20 N ? ? B PRO 19 B HYP 20 1_555 ? ? ? ? ? ? ? 1.332 ? ? 
covale31 covale both ? B HYP 20 C ? ? ? 1_555 B GLY 21 N ? ? B HYP 20 B GLY 21 1_555 ? ? ? ? ? ? ? 1.333 ? ? 
covale32 covale both ? B PRO 22 C ? ? ? 1_555 B HYP 23 N ? ? B PRO 22 B HYP 23 1_555 ? ? ? ? ? ? ? 1.326 ? ? 
covale33 covale both ? B HYP 23 C ? ? ? 1_555 B GLY 24 N ? ? B HYP 23 B GLY 24 1_555 ? ? ? ? ? ? ? 1.328 ? ? 
covale34 covale both ? B GLY 24 C ? ? ? 1_555 B NH2 25 N ? ? B GLY 24 B NH2 25 1_555 ? ? ? ? ? ? ? 1.326 ? ? 
covale35 covale both ? C PRO 1  C ? ? ? 1_555 C HYP 2  N ? ? C PRO 1  C HYP 2  1_555 ? ? ? ? ? ? ? 1.329 ? ? 
covale36 covale both ? C HYP 2  C ? ? ? 1_555 C GLY 3  N ? ? C HYP 2  C GLY 3  1_555 ? ? ? ? ? ? ? 1.325 ? ? 
covale37 covale both ? C PRO 4  C ? ? ? 1_555 C HYP 5  N ? ? C PRO 4  C HYP 5  1_555 ? ? ? ? ? ? ? 1.328 ? ? 
covale38 covale both ? C HYP 5  C ? ? ? 1_555 C GLY 6  N ? ? C HYP 5  C GLY 6  1_555 ? ? ? ? ? ? ? 1.321 ? ? 
covale39 covale both ? C PRO 7  C ? ? ? 1_555 C HYP 8  N ? ? C PRO 7  C HYP 8  1_555 ? ? ? ? ? ? ? 1.323 ? ? 
covale40 covale both ? C HYP 8  C ? ? ? 1_555 C GLY 9  N ? ? C HYP 8  C GLY 9  1_555 ? ? ? ? ? ? ? 1.328 ? ? 
covale41 covale both ? C ARG 11 C ? ? ? 1_555 C XZA 12 N ? ? C ARG 11 C XZA 12 1_555 ? ? ? ? ? ? ? 1.367 ? ? 
covale42 covale both ? C XZA 12 C ? ? ? 1_555 C PRO 13 N ? ? C XZA 12 C PRO 13 1_555 ? ? ? ? ? ? ? 1.322 ? ? 
covale43 covale both ? C PRO 13 C ? ? ? 1_555 C HYP 14 N ? ? C PRO 13 C HYP 14 1_555 ? ? ? ? ? ? ? 1.323 ? ? 
covale44 covale both ? C HYP 14 C ? ? ? 1_555 C GLY 15 N ? ? C HYP 14 C GLY 15 1_555 ? ? ? ? ? ? ? 1.308 ? ? 
covale45 covale both ? C PRO 16 C ? ? ? 1_555 C HYP 17 N ? ? C PRO 16 C HYP 17 1_555 ? ? ? ? ? ? ? 1.326 ? ? 
covale46 covale both ? C HYP 17 C ? ? ? 1_555 C GLY 18 N ? ? C HYP 17 C GLY 18 1_555 ? ? ? ? ? ? ? 1.316 ? ? 
covale47 covale both ? C PRO 19 C ? ? ? 1_555 C HYP 20 N ? ? C PRO 19 C HYP 20 1_555 ? ? ? ? ? ? ? 1.321 ? ? 
covale48 covale both ? C HYP 20 C ? ? ? 1_555 C GLY 21 N ? ? C HYP 20 C GLY 21 1_555 ? ? ? ? ? ? ? 1.322 ? ? 
covale49 covale both ? C PRO 22 C ? ? ? 1_555 C HYP 23 N ? ? C PRO 22 C HYP 23 1_555 ? ? ? ? ? ? ? 1.330 ? ? 
covale50 covale both ? C HYP 23 C ? ? ? 1_555 C GLY 24 N ? ? C HYP 23 C GLY 24 1_555 ? ? ? ? ? ? ? 1.328 ? ? 
covale51 covale both ? C GLY 24 C ? ? ? 1_555 C NH2 25 N ? ? C GLY 24 C NH2 25 1_555 ? ? ? ? ? ? ? 1.327 ? ? 
# 
_struct_conn_type.id          covale 
_struct_conn_type.criteria    ? 
_struct_conn_type.reference   ? 
# 
loop_
_struct_site.id 
_struct_site.pdbx_evidence_code 
_struct_site.pdbx_auth_asym_id 
_struct_site.pdbx_auth_comp_id 
_struct_site.pdbx_auth_seq_id 
_struct_site.pdbx_auth_ins_code 
_struct_site.pdbx_num_residues 
_struct_site.details 
AC1 Software C SO4 101 ? 6  'binding site for residue SO4 C 101'                
AC2 Software B PRO 1   ? 6  'binding site for Di-peptide PRO B 1 and HYP B 2'   
AC3 Software B HYP 2   ? 9  'binding site for Di-peptide HYP B 2 and GLY B 3'   
AC4 Software B PRO 4   ? 9  'binding site for Di-peptide PRO B 4 and HYP B 5'   
AC5 Software B HYP 5   ? 10 'binding site for Di-peptide HYP B 5 and GLY B 6'   
AC6 Software B PRO 7   ? 10 'binding site for Di-peptide PRO B 7 and HYP B 8'   
AC7 Software B HYP 8   ? 12 'binding site for Di-peptide HYP B 8 and GLY B 9'   
AC8 Software B ARG 11  ? 12 'binding site for Di-peptide ARG B 11 and XZA B 12' 
AC9 Software B XZA 12  ? 11 'binding site for Di-peptide XZA B 12 and PRO B 13' 
AD1 Software B PRO 13  ? 10 'binding site for Di-peptide PRO B 13 and HYP B 14' 
AD2 Software B HYP 14  ? 9  'binding site for Di-peptide HYP B 14 and GLY B 15' 
AD3 Software B PRO 16  ? 10 'binding site for Di-peptide PRO B 16 and HYP B 17' 
AD4 Software B HYP 17  ? 12 'binding site for Di-peptide HYP B 17 and GLY B 18' 
AD5 Software B PRO 19  ? 9  'binding site for Di-peptide PRO B 19 and HYP B 20' 
AD6 Software B HYP 20  ? 9  'binding site for Di-peptide HYP B 20 and GLY B 21' 
AD7 Software B PRO 22  ? 6  'binding site for Di-peptide PRO B 22 and HYP B 23' 
AD8 Software B HYP 23  ? 10 'binding site for Di-peptide HYP B 23 and GLY B 24' 
AD9 Software B GLY 24  ? 8  'binding site for Di-peptide GLY B 24 and NH2 B 25' 
AE1 Software C PRO 1   ? 7  'binding site for Di-peptide PRO C 1 and HYP C 2'   
AE2 Software C HYP 2   ? 12 'binding site for Di-peptide HYP C 2 and GLY C 3'   
AE3 Software C PRO 4   ? 8  'binding site for Di-peptide PRO C 4 and HYP C 5'   
AE4 Software C HYP 5   ? 10 'binding site for Di-peptide HYP C 5 and GLY C 6'   
AE5 Software C PRO 7   ? 9  'binding site for Di-peptide PRO C 7 and HYP C 8'   
AE6 Software C HYP 8   ? 10 'binding site for Di-peptide HYP C 8 and GLY C 9'   
AE7 Software C ARG 11  ? 14 'binding site for Di-peptide ARG C 11 and XZA C 12' 
AE8 Software C XZA 12  ? 12 'binding site for Di-peptide XZA C 12 and PRO C 13' 
AE9 Software C PRO 13  ? 7  'binding site for Di-peptide PRO C 13 and HYP C 14' 
AF1 Software C HYP 14  ? 8  'binding site for Di-peptide HYP C 14 and GLY C 15' 
AF2 Software C PRO 16  ? 10 'binding site for Di-peptide PRO C 16 and HYP C 17' 
AF3 Software C HYP 17  ? 10 'binding site for Di-peptide HYP C 17 and GLY C 18' 
AF4 Software C PRO 19  ? 8  'binding site for Di-peptide PRO C 19 and HYP C 20' 
AF5 Software C HYP 20  ? 10 'binding site for Di-peptide HYP C 20 and GLY C 21' 
AF6 Software C PRO 22  ? 10 'binding site for Di-peptide PRO C 22 and HYP C 23' 
AF7 Software C HYP 23  ? 9  'binding site for Di-peptide HYP C 23 and GLY C 24' 
AF8 Software C GLY 24  ? 7  'binding site for Di-peptide GLY C 24 and NH2 C 25' 
# 
loop_
_struct_site_gen.id 
_struct_site_gen.site_id 
_struct_site_gen.pdbx_num_res 
_struct_site_gen.label_comp_id 
_struct_site_gen.label_asym_id 
_struct_site_gen.label_seq_id 
_struct_site_gen.pdbx_auth_ins_code 
_struct_site_gen.auth_comp_id 
_struct_site_gen.auth_asym_id 
_struct_site_gen.auth_seq_id 
_struct_site_gen.label_atom_id 
_struct_site_gen.label_alt_id 
_struct_site_gen.symmetry 
_struct_site_gen.details 
1   AC1 6  PRO A 13 ? PRO A 13  . ? 1_555 ? 
2   AC1 6  HYP A 14 ? HYP A 14  . ? 1_555 ? 
3   AC1 6  ARG B 11 ? ARG B 11  . ? 1_545 ? 
4   AC1 6  ARG C 11 ? ARG C 11  . ? 1_555 ? 
5   AC1 6  HOH G .  ? HOH C 203 . ? 1_555 ? 
6   AC1 6  HOH G .  ? HOH C 209 . ? 1_555 ? 
7   AC2 6  PRO A 1  ? PRO A 1   . ? 1_555 ? 
8   AC2 6  GLY A 3  ? GLY A 3   . ? 1_555 ? 
9   AC2 6  GLY B 3  ? GLY B 3   . ? 1_555 ? 
10  AC2 6  HOH F .  ? HOH B 122 . ? 1_555 ? 
11  AC2 6  GLY C 3  ? GLY C 3   . ? 1_555 ? 
12  AC2 6  PRO C 4  ? PRO C 4   . ? 1_555 ? 
13  AC3 9  GLY A 3  ? GLY A 3   . ? 1_555 ? 
14  AC3 9  PRO A 4  ? PRO A 4   . ? 1_555 ? 
15  AC3 9  PRO B 1  ? PRO B 1   . ? 1_555 ? 
16  AC3 9  PRO B 4  ? PRO B 4   . ? 1_555 ? 
17  AC3 9  HOH F .  ? HOH B 121 . ? 1_555 ? 
18  AC3 9  HOH F .  ? HOH B 122 . ? 1_555 ? 
19  AC3 9  PRO C 4  ? PRO C 4   . ? 1_555 ? 
20  AC3 9  GLY C 6  ? GLY C 6   . ? 1_555 ? 
21  AC3 9  PRO C 7  ? PRO C 7   . ? 1_555 ? 
22  AC4 9  GLY A 3  ? GLY A 3   . ? 1_555 ? 
23  AC4 9  HYP A 5  ? HYP A 5   . ? 1_555 ? 
24  AC4 9  GLY A 6  ? GLY A 6   . ? 1_555 ? 
25  AC4 9  GLY B 3  ? GLY B 3   . ? 1_555 ? 
26  AC4 9  GLY B 6  ? GLY B 6   . ? 1_555 ? 
27  AC4 9  HOH F .  ? HOH B 102 . ? 1_555 ? 
28  AC4 9  HOH F .  ? HOH B 103 . ? 1_555 ? 
29  AC4 9  GLY C 6  ? GLY C 6   . ? 1_555 ? 
30  AC4 9  PRO C 7  ? PRO C 7   . ? 1_555 ? 
31  AC5 10 GLY A 6  ? GLY A 6   . ? 1_555 ? 
32  AC5 10 PRO A 7  ? PRO A 7   . ? 1_555 ? 
33  AC5 10 PRO B 4  ? PRO B 4   . ? 1_555 ? 
34  AC5 10 PRO B 7  ? PRO B 7   . ? 1_555 ? 
35  AC5 10 HOH F .  ? HOH B 102 . ? 1_555 ? 
36  AC5 10 HOH F .  ? HOH B 103 . ? 1_555 ? 
37  AC5 10 HOH F .  ? HOH B 108 . ? 1_555 ? 
38  AC5 10 PRO C 7  ? PRO C 7   . ? 1_555 ? 
39  AC5 10 GLY C 9  ? GLY C 9   . ? 1_555 ? 
40  AC5 10 PRO C 10 ? PRO C 10  . ? 1_555 ? 
41  AC6 10 HYP A 8  ? HYP A 8   . ? 1_555 ? 
42  AC6 10 GLY A 9  ? GLY A 9   . ? 1_555 ? 
43  AC6 10 GLY B 6  ? GLY B 6   . ? 1_555 ? 
44  AC6 10 GLY B 9  ? GLY B 9   . ? 1_555 ? 
45  AC6 10 HOH F .  ? HOH B 107 . ? 1_555 ? 
46  AC6 10 HOH F .  ? HOH B 115 . ? 1_555 ? 
47  AC6 10 HOH F .  ? HOH B 117 . ? 1_555 ? 
48  AC6 10 HOH F .  ? HOH B 118 . ? 1_555 ? 
49  AC6 10 GLY C 9  ? GLY C 9   . ? 1_555 ? 
50  AC6 10 PRO C 10 ? PRO C 10  . ? 1_555 ? 
51  AC7 12 GLY A 9  ? GLY A 9   . ? 1_555 ? 
52  AC7 12 PRO A 10 ? PRO A 10  . ? 1_555 ? 
53  AC7 12 PRO B 7  ? PRO B 7   . ? 1_555 ? 
54  AC7 12 PRO B 10 ? PRO B 10  . ? 1_555 ? 
55  AC7 12 HOH F .  ? HOH B 107 . ? 1_555 ? 
56  AC7 12 HOH F .  ? HOH B 110 . ? 1_555 ? 
57  AC7 12 HOH F .  ? HOH B 115 . ? 1_555 ? 
58  AC7 12 HOH F .  ? HOH B 117 . ? 1_555 ? 
59  AC7 12 HOH F .  ? HOH B 118 . ? 1_555 ? 
60  AC7 12 PRO C 10 ? PRO C 10  . ? 1_555 ? 
61  AC7 12 XZA C 12 ? XZA C 12  . ? 1_555 ? 
62  AC7 12 PRO C 13 ? PRO C 13  . ? 1_555 ? 
63  AC8 12 ARG A 11 ? ARG A 11  . ? 1_555 ? 
64  AC8 12 XZA A 12 ? XZA A 12  . ? 1_555 ? 
65  AC8 12 PRO A 13 ? PRO A 13  . ? 1_555 ? 
66  AC8 12 PRO B 10 ? PRO B 10  . ? 1_555 ? 
67  AC8 12 PRO B 13 ? PRO B 13  . ? 1_555 ? 
68  AC8 12 HOH F .  ? HOH B 111 . ? 1_555 ? 
69  AC8 12 HOH F .  ? HOH B 124 . ? 1_555 ? 
70  AC8 12 PRO C 13 ? PRO C 13  . ? 1_555 ? 
71  AC8 12 HYP C 14 ? HYP C 14  . ? 1_555 ? 
72  AC8 12 GLY C 15 ? GLY C 15  . ? 1_555 ? 
73  AC8 12 PRO C 16 ? PRO C 16  . ? 1_555 ? 
74  AC8 12 SO4 D .  ? SO4 C 101 . ? 1_565 ? 
75  AC9 11 ARG A 11 ? ARG A 11  . ? 1_555 ? 
76  AC9 11 XZA A 12 ? XZA A 12  . ? 1_555 ? 
77  AC9 11 PRO A 13 ? PRO A 13  . ? 1_555 ? 
78  AC9 11 HYP A 14 ? HYP A 14  . ? 1_555 ? 
79  AC9 11 GLY A 15 ? GLY A 15  . ? 1_555 ? 
80  AC9 11 ARG B 11 ? ARG B 11  . ? 1_555 ? 
81  AC9 11 HYP B 14 ? HYP B 14  . ? 1_555 ? 
82  AC9 11 GLY B 15 ? GLY B 15  . ? 1_555 ? 
83  AC9 11 HOH F .  ? HOH B 111 . ? 1_555 ? 
84  AC9 11 PRO C 13 ? PRO C 13  . ? 1_555 ? 
85  AC9 11 GLY C 15 ? GLY C 15  . ? 1_555 ? 
86  AD1 10 ARG A 11 ? ARG A 11  . ? 1_555 ? 
87  AD1 10 XZA A 12 ? XZA A 12  . ? 1_555 ? 
88  AD1 10 HYP A 14 ? HYP A 14  . ? 1_555 ? 
89  AD1 10 GLY A 15 ? GLY A 15  . ? 1_555 ? 
90  AD1 10 XZA B 12 ? XZA B 12  . ? 1_555 ? 
91  AD1 10 GLY B 15 ? GLY B 15  . ? 1_555 ? 
92  AD1 10 HOH F .  ? HOH B 120 . ? 1_555 ? 
93  AD1 10 HOH F .  ? HOH B 123 . ? 1_555 ? 
94  AD1 10 GLY C 15 ? GLY C 15  . ? 1_555 ? 
95  AD1 10 PRO C 16 ? PRO C 16  . ? 1_555 ? 
96  AD2 9  GLY A 15 ? GLY A 15  . ? 1_555 ? 
97  AD2 9  PRO A 16 ? PRO A 16  . ? 1_555 ? 
98  AD2 9  PRO B 13 ? PRO B 13  . ? 1_555 ? 
99  AD2 9  PRO B 16 ? PRO B 16  . ? 1_555 ? 
100 AD2 9  HOH F .  ? HOH B 106 . ? 1_555 ? 
101 AD2 9  HOH F .  ? HOH B 120 . ? 1_555 ? 
102 AD2 9  HOH F .  ? HOH B 123 . ? 1_555 ? 
103 AD2 9  PRO C 16 ? PRO C 16  . ? 1_555 ? 
104 AD2 9  GLY C 18 ? GLY C 18  . ? 1_555 ? 
105 AD3 10 HYP A 17 ? HYP A 17  . ? 1_555 ? 
106 AD3 10 GLY A 18 ? GLY A 18  . ? 1_555 ? 
107 AD3 10 GLY B 15 ? GLY B 15  . ? 1_555 ? 
108 AD3 10 GLY B 18 ? GLY B 18  . ? 1_555 ? 
109 AD3 10 HOH F .  ? HOH B 109 . ? 1_555 ? 
110 AD3 10 HOH F .  ? HOH B 114 . ? 1_555 ? 
111 AD3 10 HOH F .  ? HOH B 116 . ? 1_555 ? 
112 AD3 10 HOH F .  ? HOH B 119 . ? 1_555 ? 
113 AD3 10 GLY C 18 ? GLY C 18  . ? 1_555 ? 
114 AD3 10 PRO C 19 ? PRO C 19  . ? 1_555 ? 
115 AD4 12 GLY A 18 ? GLY A 18  . ? 1_555 ? 
116 AD4 12 PRO A 19 ? PRO A 19  . ? 1_555 ? 
117 AD4 12 PRO B 16 ? PRO B 16  . ? 1_555 ? 
118 AD4 12 PRO B 19 ? PRO B 19  . ? 1_555 ? 
119 AD4 12 HOH F .  ? HOH B 105 . ? 1_555 ? 
120 AD4 12 HOH F .  ? HOH B 109 . ? 1_555 ? 
121 AD4 12 HOH F .  ? HOH B 114 . ? 1_555 ? 
122 AD4 12 HOH F .  ? HOH B 116 . ? 1_555 ? 
123 AD4 12 HOH F .  ? HOH B 119 . ? 1_555 ? 
124 AD4 12 PRO C 19 ? PRO C 19  . ? 1_555 ? 
125 AD4 12 GLY C 21 ? GLY C 21  . ? 1_555 ? 
126 AD4 12 PRO C 22 ? PRO C 22  . ? 1_555 ? 
127 AD5 9  HYP A 20 ? HYP A 20  . ? 1_555 ? 
128 AD5 9  GLY A 21 ? GLY A 21  . ? 1_555 ? 
129 AD5 9  GLY B 18 ? GLY B 18  . ? 1_555 ? 
130 AD5 9  GLY B 21 ? GLY B 21  . ? 1_555 ? 
131 AD5 9  HOH F .  ? HOH B 104 . ? 1_555 ? 
132 AD5 9  HOH F .  ? HOH B 112 . ? 1_555 ? 
133 AD5 9  HOH F .  ? HOH B 113 . ? 1_555 ? 
134 AD5 9  GLY C 21 ? GLY C 21  . ? 1_555 ? 
135 AD5 9  PRO C 22 ? PRO C 22  . ? 1_555 ? 
136 AD6 9  GLY A 21 ? GLY A 21  . ? 1_555 ? 
137 AD6 9  PRO A 22 ? PRO A 22  . ? 1_555 ? 
138 AD6 9  PRO B 19 ? PRO B 19  . ? 1_555 ? 
139 AD6 9  PRO B 22 ? PRO B 22  . ? 1_555 ? 
140 AD6 9  HOH F .  ? HOH B 104 . ? 1_555 ? 
141 AD6 9  HOH F .  ? HOH B 112 . ? 1_555 ? 
142 AD6 9  HOH F .  ? HOH B 113 . ? 1_555 ? 
143 AD6 9  PRO C 22 ? PRO C 22  . ? 1_555 ? 
144 AD6 9  GLY C 24 ? GLY C 24  . ? 1_555 ? 
145 AD7 6  HYP A 23 ? HYP A 23  . ? 1_555 ? 
146 AD7 6  GLY A 24 ? GLY A 24  . ? 1_555 ? 
147 AD7 6  GLY B 21 ? GLY B 21  . ? 1_555 ? 
148 AD7 6  GLY B 24 ? GLY B 24  . ? 1_555 ? 
149 AD7 6  HOH F .  ? HOH B 101 . ? 1_555 ? 
150 AD7 6  GLY C 24 ? GLY C 24  . ? 1_555 ? 
151 AD8 10 PRO A 1  ? PRO A 1   . ? 1_756 ? 
152 AD8 10 GLY A 24 ? GLY A 24  . ? 1_555 ? 
153 AD8 10 NH2 A 25 ? NH2 A 25  . ? 1_555 ? 
154 AD8 10 PRO B 22 ? PRO B 22  . ? 1_555 ? 
155 AD8 10 NH2 B 25 ? NH2 B 25  . ? 1_555 ? 
156 AD8 10 HOH F .  ? HOH B 101 . ? 1_555 ? 
157 AD8 10 PRO C 1  ? PRO C 1   . ? 1_756 ? 
158 AD8 10 HYP C 2  ? HYP C 2   . ? 1_756 ? 
159 AD8 10 HOH G .  ? HOH C 219 . ? 1_555 ? 
160 AD8 10 HOH G .  ? HOH C 224 . ? 1_756 ? 
161 AD9 8  PRO A 1  ? PRO A 1   . ? 1_756 ? 
162 AD9 8  GLY A 24 ? GLY A 24  . ? 1_555 ? 
163 AD9 8  NH2 A 25 ? NH2 A 25  . ? 1_555 ? 
164 AD9 8  HYP B 23 ? HYP B 23  . ? 1_555 ? 
165 AD9 8  PRO C 1  ? PRO C 1   . ? 1_756 ? 
166 AD9 8  HYP C 2  ? HYP C 2   . ? 1_756 ? 
167 AD9 8  HOH G .  ? HOH C 219 . ? 1_555 ? 
168 AD9 8  HOH G .  ? HOH C 224 . ? 1_756 ? 
169 AE1 7  PRO A 1  ? PRO A 1   . ? 1_555 ? 
170 AE1 7  GLY B 24 ? GLY B 24  . ? 1_354 ? 
171 AE1 7  NH2 B 25 ? NH2 B 25  . ? 1_354 ? 
172 AE1 7  GLY C 3  ? GLY C 3   . ? 1_555 ? 
173 AE1 7  HOH G .  ? HOH C 219 . ? 1_354 ? 
174 AE1 7  HOH G .  ? HOH C 221 . ? 1_555 ? 
175 AE1 7  HOH G .  ? HOH C 224 . ? 1_555 ? 
176 AE2 12 PRO A 1  ? PRO A 1   . ? 1_555 ? 
177 AE2 12 HYP A 2  ? HYP A 2   . ? 1_555 ? 
178 AE2 12 GLY A 3  ? GLY A 3   . ? 1_555 ? 
179 AE2 12 PRO A 4  ? PRO A 4   . ? 1_555 ? 
180 AE2 12 PRO B 1  ? PRO B 1   . ? 1_555 ? 
181 AE2 12 GLY B 24 ? GLY B 24  . ? 1_354 ? 
182 AE2 12 NH2 B 25 ? NH2 B 25  . ? 1_354 ? 
183 AE2 12 PRO C 1  ? PRO C 1   . ? 1_555 ? 
184 AE2 12 PRO C 4  ? PRO C 4   . ? 1_555 ? 
185 AE2 12 HOH G .  ? HOH C 212 . ? 1_555 ? 
186 AE2 12 HOH G .  ? HOH C 221 . ? 1_555 ? 
187 AE2 12 HOH G .  ? HOH C 224 . ? 1_555 ? 
188 AE3 8  GLY A 3  ? GLY A 3   . ? 1_555 ? 
189 AE3 8  PRO A 4  ? PRO A 4   . ? 1_555 ? 
190 AE3 8  HYP B 2  ? HYP B 2   . ? 1_555 ? 
191 AE3 8  GLY B 3  ? GLY B 3   . ? 1_555 ? 
192 AE3 8  GLY C 3  ? GLY C 3   . ? 1_555 ? 
193 AE3 8  GLY C 6  ? GLY C 6   . ? 1_555 ? 
194 AE3 8  HOH G .  ? HOH C 208 . ? 1_555 ? 
195 AE3 8  HOH G .  ? HOH C 212 . ? 1_555 ? 
196 AE4 10 PRO A 4  ? PRO A 4   . ? 1_555 ? 
197 AE4 10 GLY A 6  ? GLY A 6   . ? 1_555 ? 
198 AE4 10 PRO A 7  ? PRO A 7   . ? 1_555 ? 
199 AE4 10 GLY B 3  ? GLY B 3   . ? 1_555 ? 
200 AE4 10 PRO B 4  ? PRO B 4   . ? 1_555 ? 
201 AE4 10 PRO C 4  ? PRO C 4   . ? 1_555 ? 
202 AE4 10 PRO C 7  ? PRO C 7   . ? 1_555 ? 
203 AE4 10 HOH G .  ? HOH C 208 . ? 1_555 ? 
204 AE4 10 HOH G .  ? HOH C 212 . ? 1_555 ? 
205 AE4 10 HOH G .  ? HOH C 213 . ? 1_555 ? 
206 AE5 9  GLY A 6  ? GLY A 6   . ? 1_555 ? 
207 AE5 9  PRO A 7  ? PRO A 7   . ? 1_555 ? 
208 AE5 9  GLY B 3  ? GLY B 3   . ? 1_555 ? 
209 AE5 9  HYP B 5  ? HYP B 5   . ? 1_555 ? 
210 AE5 9  GLY B 6  ? GLY B 6   . ? 1_555 ? 
211 AE5 9  GLY C 6  ? GLY C 6   . ? 1_555 ? 
212 AE5 9  GLY C 9  ? GLY C 9   . ? 1_555 ? 
213 AE5 9  HOH G .  ? HOH C 206 . ? 1_555 ? 
214 AE5 9  HOH G .  ? HOH C 211 . ? 1_555 ? 
215 AE6 10 PRO A 7  ? PRO A 7   . ? 1_555 ? 
216 AE6 10 GLY A 9  ? GLY A 9   . ? 1_555 ? 
217 AE6 10 GLY B 6  ? GLY B 6   . ? 1_555 ? 
218 AE6 10 PRO B 7  ? PRO B 7   . ? 1_555 ? 
219 AE6 10 PRO C 7  ? PRO C 7   . ? 1_555 ? 
220 AE6 10 PRO C 10 ? PRO C 10  . ? 1_555 ? 
221 AE6 10 ARG C 11 ? ARG C 11  . ? 1_555 ? 
222 AE6 10 HOH G .  ? HOH C 202 . ? 1_555 ? 
223 AE6 10 HOH G .  ? HOH C 206 . ? 1_555 ? 
224 AE6 10 HOH G .  ? HOH C 211 . ? 1_555 ? 
225 AE7 14 PRO A 10 ? PRO A 10  . ? 1_555 ? 
226 AE7 14 ARG A 11 ? ARG A 11  . ? 1_555 ? 
227 AE7 14 XZA A 12 ? XZA A 12  . ? 1_555 ? 
228 AE7 14 PRO A 13 ? PRO A 13  . ? 1_555 ? 
229 AE7 14 HOH E .  ? HOH A 104 . ? 1_555 ? 
230 AE7 14 GLY B 9  ? GLY B 9   . ? 1_555 ? 
231 AE7 14 PRO B 10 ? PRO B 10  . ? 1_555 ? 
232 AE7 14 GLY C 9  ? GLY C 9   . ? 1_555 ? 
233 AE7 14 PRO C 10 ? PRO C 10  . ? 1_555 ? 
234 AE7 14 PRO C 13 ? PRO C 13  . ? 1_555 ? 
235 AE7 14 SO4 D .  ? SO4 C 101 . ? 1_555 ? 
236 AE7 14 HOH G .  ? HOH C 207 . ? 1_555 ? 
237 AE7 14 HOH G .  ? HOH C 216 . ? 1_555 ? 
238 AE7 14 HOH G .  ? HOH C 223 . ? 1_555 ? 
239 AE8 12 PRO A 10 ? PRO A 10  . ? 1_555 ? 
240 AE8 12 XZA A 12 ? XZA A 12  . ? 1_555 ? 
241 AE8 12 PRO A 13 ? PRO A 13  . ? 1_555 ? 
242 AE8 12 GLY B 9  ? GLY B 9   . ? 1_555 ? 
243 AE8 12 PRO B 10 ? PRO B 10  . ? 1_555 ? 
244 AE8 12 ARG B 11 ? ARG B 11  . ? 1_555 ? 
245 AE8 12 XZA B 12 ? XZA B 12  . ? 1_555 ? 
246 AE8 12 PRO C 10 ? PRO C 10  . ? 1_555 ? 
247 AE8 12 ARG C 11 ? ARG C 11  . ? 1_555 ? 
248 AE8 12 HYP C 14 ? HYP C 14  . ? 1_555 ? 
249 AE8 12 GLY C 15 ? GLY C 15  . ? 1_555 ? 
250 AE8 12 HOH G .  ? HOH C 216 . ? 1_555 ? 
251 AE9 7  XZA A 12 ? XZA A 12  . ? 1_555 ? 
252 AE9 7  PRO A 13 ? PRO A 13  . ? 1_555 ? 
253 AE9 7  GLY B 9  ? GLY B 9   . ? 1_555 ? 
254 AE9 7  ARG B 11 ? ARG B 11  . ? 1_555 ? 
255 AE9 7  XZA B 12 ? XZA B 12  . ? 1_555 ? 
256 AE9 7  XZA C 12 ? XZA C 12  . ? 1_555 ? 
257 AE9 7  GLY C 15 ? GLY C 15  . ? 1_555 ? 
258 AF1 8  PRO A 13 ? PRO A 13  . ? 1_555 ? 
259 AF1 8  GLY A 15 ? GLY A 15  . ? 1_555 ? 
260 AF1 8  ARG B 11 ? ARG B 11  . ? 1_555 ? 
261 AF1 8  XZA B 12 ? XZA B 12  . ? 1_555 ? 
262 AF1 8  PRO B 13 ? PRO B 13  . ? 1_555 ? 
263 AF1 8  PRO C 13 ? PRO C 13  . ? 1_555 ? 
264 AF1 8  PRO C 16 ? PRO C 16  . ? 1_555 ? 
265 AF1 8  HOH G .  ? HOH C 210 . ? 1_555 ? 
266 AF2 10 GLY A 15 ? GLY A 15  . ? 1_555 ? 
267 AF2 10 PRO A 16 ? PRO A 16  . ? 1_555 ? 
268 AF2 10 ARG B 11 ? ARG B 11  . ? 1_555 ? 
269 AF2 10 HYP B 14 ? HYP B 14  . ? 1_555 ? 
270 AF2 10 GLY B 15 ? GLY B 15  . ? 1_555 ? 
271 AF2 10 GLY C 15 ? GLY C 15  . ? 1_555 ? 
272 AF2 10 GLY C 18 ? GLY C 18  . ? 1_555 ? 
273 AF2 10 HOH G .  ? HOH C 205 . ? 1_555 ? 
274 AF2 10 HOH G .  ? HOH C 214 . ? 1_555 ? 
275 AF2 10 HOH G .  ? HOH C 220 . ? 1_555 ? 
276 AF3 10 PRO A 16 ? PRO A 16  . ? 1_555 ? 
277 AF3 10 GLY A 18 ? GLY A 18  . ? 1_555 ? 
278 AF3 10 GLY B 15 ? GLY B 15  . ? 1_555 ? 
279 AF3 10 PRO B 16 ? PRO B 16  . ? 1_555 ? 
280 AF3 10 PRO C 16 ? PRO C 16  . ? 1_555 ? 
281 AF3 10 PRO C 19 ? PRO C 19  . ? 1_555 ? 
282 AF3 10 HOH G .  ? HOH C 204 . ? 1_555 ? 
283 AF3 10 HOH G .  ? HOH C 205 . ? 1_555 ? 
284 AF3 10 HOH G .  ? HOH C 214 . ? 1_555 ? 
285 AF3 10 HOH G .  ? HOH C 220 . ? 1_555 ? 
286 AF4 8  GLY A 18 ? GLY A 18  . ? 1_555 ? 
287 AF4 8  PRO A 19 ? PRO A 19  . ? 1_555 ? 
288 AF4 8  HYP B 17 ? HYP B 17  . ? 1_555 ? 
289 AF4 8  GLY B 18 ? GLY B 18  . ? 1_555 ? 
290 AF4 8  GLY C 18 ? GLY C 18  . ? 1_555 ? 
291 AF4 8  GLY C 21 ? GLY C 21  . ? 1_555 ? 
292 AF4 8  HOH G .  ? HOH C 215 . ? 1_555 ? 
293 AF4 8  HOH G .  ? HOH C 218 . ? 1_555 ? 
294 AF5 10 PRO A 19 ? PRO A 19  . ? 1_555 ? 
295 AF5 10 GLY A 21 ? GLY A 21  . ? 1_555 ? 
296 AF5 10 PRO A 22 ? PRO A 22  . ? 1_555 ? 
297 AF5 10 GLY B 18 ? GLY B 18  . ? 1_555 ? 
298 AF5 10 PRO B 19 ? PRO B 19  . ? 1_555 ? 
299 AF5 10 PRO C 19 ? PRO C 19  . ? 1_555 ? 
300 AF5 10 PRO C 22 ? PRO C 22  . ? 1_555 ? 
301 AF5 10 HOH G .  ? HOH C 215 . ? 1_555 ? 
302 AF5 10 HOH G .  ? HOH C 217 . ? 1_555 ? 
303 AF5 10 HOH G .  ? HOH C 218 . ? 1_555 ? 
304 AF6 10 GLY A 21 ? GLY A 21  . ? 1_555 ? 
305 AF6 10 GLY B 18 ? GLY B 18  . ? 1_555 ? 
306 AF6 10 HYP B 20 ? HYP B 20  . ? 1_555 ? 
307 AF6 10 GLY B 21 ? GLY B 21  . ? 1_555 ? 
308 AF6 10 GLY C 21 ? GLY C 21  . ? 1_555 ? 
309 AF6 10 GLY C 24 ? GLY C 24  . ? 1_555 ? 
310 AF6 10 NH2 C 25 ? NH2 C 25  . ? 1_555 ? 
311 AF6 10 HOH G .  ? HOH C 201 . ? 1_555 ? 
312 AF6 10 HOH G .  ? HOH C 217 . ? 1_555 ? 
313 AF6 10 HOH G .  ? HOH C 222 . ? 1_555 ? 
314 AF7 9  PRO A 22 ? PRO A 22  . ? 1_555 ? 
315 AF7 9  GLY B 21 ? GLY B 21  . ? 1_555 ? 
316 AF7 9  PRO B 22 ? PRO B 22  . ? 1_555 ? 
317 AF7 9  PRO C 22 ? PRO C 22  . ? 1_555 ? 
318 AF7 9  NH2 C 25 ? NH2 C 25  . ? 1_555 ? 
319 AF7 9  HOH G .  ? HOH C 201 . ? 1_555 ? 
320 AF7 9  HOH G .  ? HOH C 217 . ? 1_555 ? 
321 AF7 9  HOH G .  ? HOH C 219 . ? 1_555 ? 
322 AF7 9  HOH G .  ? HOH C 222 . ? 1_555 ? 
323 AF8 7  PRO A 22 ? PRO A 22  . ? 1_555 ? 
324 AF8 7  GLY A 24 ? GLY A 24  . ? 1_555 ? 
325 AF8 7  GLY B 21 ? GLY B 21  . ? 1_555 ? 
326 AF8 7  PRO B 22 ? PRO B 22  . ? 1_555 ? 
327 AF8 7  PRO C 22 ? PRO C 22  . ? 1_555 ? 
328 AF8 7  HYP C 23 ? HYP C 23  . ? 1_555 ? 
329 AF8 7  HOH G .  ? HOH C 219 . ? 1_555 ? 
# 
_atom_sites.entry_id                    5K86 
_atom_sites.fract_transf_matrix[1][1]   0.02895462 
_atom_sites.fract_transf_matrix[1][2]   0.00331837 
_atom_sites.fract_transf_matrix[1][3]   -0.02179485 
_atom_sites.fract_transf_matrix[2][1]   0.01238524 
_atom_sites.fract_transf_matrix[2][2]   0.04784233 
_atom_sites.fract_transf_matrix[2][3]   0.02373811 
_atom_sites.fract_transf_matrix[3][1]   0.01198107 
_atom_sites.fract_transf_matrix[3][2]   -0.00976962 
_atom_sites.fract_transf_matrix[3][3]   0.01343886 
_atom_sites.fract_transf_vector[1]      0.328407 
_atom_sites.fract_transf_vector[2]      0.247920 
_atom_sites.fract_transf_vector[3]      0.045374 
# 
loop_
_atom_type.symbol 
C 
H 
N 
O 
S 
# 
loop_
_atom_site.group_PDB 
_atom_site.id 
_atom_site.type_symbol 
_atom_site.label_atom_id 
_atom_site.label_alt_id 
_atom_site.label_comp_id 
_atom_site.label_asym_id 
_atom_site.label_entity_id 
_atom_site.label_seq_id 
_atom_site.pdbx_PDB_ins_code 
_atom_site.Cartn_x 
_atom_site.Cartn_y 
_atom_site.Cartn_z 
_atom_site.occupancy 
_atom_site.B_iso_or_equiv 
_atom_site.pdbx_formal_charge 
_atom_site.auth_seq_id 
_atom_site.auth_comp_id 
_atom_site.auth_asym_id 
_atom_site.auth_atom_id 
_atom_site.pdbx_PDB_model_num 
ATOM   1    N N    . PRO A 1 1  ? -33.150 7.839   -3.105 1.00 16.98 ? 1   PRO A N    1 
ATOM   2    C CA   . PRO A 1 1  ? -32.310 9.028   -2.939 1.00 15.45 ? 1   PRO A CA   1 
ATOM   3    C C    . PRO A 1 1  ? -30.838 8.639   -2.896 1.00 13.99 ? 1   PRO A C    1 
ATOM   4    O O    . PRO A 1 1  ? -30.535 7.438   -2.790 1.00 13.71 ? 1   PRO A O    1 
ATOM   5    C CB   . PRO A 1 1  ? -32.775 9.598   -1.589 1.00 16.06 ? 1   PRO A CB   1 
ATOM   6    C CG   . PRO A 1 1  ? -34.161 8.989   -1.358 1.00 17.07 ? 1   PRO A CG   1 
ATOM   7    C CD   . PRO A 1 1  ? -34.009 7.610   -1.931 1.00 17.63 ? 1   PRO A CD   1 
ATOM   8    H H2   . PRO A 1 1  ? -32.593 7.074   -3.270 1.00 20.37 ? 1   PRO A H2   1 
ATOM   9    H H3   . PRO A 1 1  ? -33.698 8.007   -3.875 1.00 20.37 ? 1   PRO A H3   1 
ATOM   10   H HA   . PRO A 1 1  ? -32.468 9.672   -3.647 1.00 18.54 ? 1   PRO A HA   1 
ATOM   11   H HB2  . PRO A 1 1  ? -32.159 9.326   -0.890 1.00 19.27 ? 1   PRO A HB2  1 
ATOM   12   H HB3  . PRO A 1 1  ? -32.829 10.565  -1.643 1.00 19.27 ? 1   PRO A HB3  1 
ATOM   13   H HG2  . PRO A 1 1  ? -34.358 8.955   -0.409 1.00 20.49 ? 1   PRO A HG2  1 
ATOM   14   H HG3  . PRO A 1 1  ? -34.833 9.496   -1.840 1.00 20.49 ? 1   PRO A HG3  1 
ATOM   15   H HD2  . PRO A 1 1  ? -33.568 7.026   -1.295 1.00 21.16 ? 1   PRO A HD2  1 
ATOM   16   H HD3  . PRO A 1 1  ? -34.871 7.259   -2.203 1.00 21.16 ? 1   PRO A HD3  1 
HETATM 17   N N    . HYP A 1 2  ? -29.934 9.607   -2.990 1.00 13.54 ? 2   HYP A N    1 
HETATM 18   C CA   . HYP A 1 2  ? -28.517 9.291   -3.036 1.00 12.52 ? 2   HYP A CA   1 
HETATM 19   C C    . HYP A 1 2  ? -28.085 8.636   -1.716 1.00 10.75 ? 2   HYP A C    1 
HETATM 20   O O    . HYP A 1 2  ? -28.718 8.930   -0.655 1.00 11.19 ? 2   HYP A O    1 
HETATM 21   C CB   . HYP A 1 2  ? -27.845 10.604  -3.305 1.00 14.77 ? 2   HYP A CB   1 
HETATM 22   C CG   . HYP A 1 2  ? -28.877 11.413  -3.982 1.00 17.01 ? 2   HYP A CG   1 
HETATM 23   C CD   . HYP A 1 2  ? -30.187 10.993  -3.413 1.00 15.61 ? 2   HYP A CD   1 
HETATM 24   O OD1  . HYP A 1 2  ? -28.874 11.067  -5.342 1.00 19.29 ? 2   HYP A OD1  1 
HETATM 25   H HA   . HYP A 1 2  ? -28.298 8.602   -3.705 1.00 15.02 ? 2   HYP A HA   1 
HETATM 26   H HB2  . HYP A 1 2  ? -27.050 10.472  -3.907 1.00 17.72 ? 2   HYP A HB2  1 
HETATM 27   H HB3  . HYP A 1 2  ? -27.569 11.031  -2.456 1.00 17.72 ? 2   HYP A HB3  1 
HETATM 28   H HG   . HYP A 1 2  ? -28.724 12.366  -3.855 1.00 20.41 ? 2   HYP A HG   1 
HETATM 29   H HD22 . HYP A 1 2  ? -30.438 11.550  -2.653 1.00 18.74 ? 2   HYP A HD22 1 
HETATM 30   H HD23 . HYP A 1 2  ? -30.871 11.018  -4.096 1.00 18.74 ? 2   HYP A HD23 1 
HETATM 31   H HD1  . HYP A 1 2  ? -29.473 11.567  -5.778 1.00 23.15 ? 2   HYP A HD1  1 
ATOM   32   N N    . GLY A 1 3  ? -27.082 7.771   -1.751 1.00 9.28  ? 3   GLY A N    1 
ATOM   33   C CA   . GLY A 1 3  ? -26.518 7.194   -0.543 1.00 7.42  ? 3   GLY A CA   1 
ATOM   34   C C    . GLY A 1 3  ? -25.163 7.793   -0.242 1.00 6.74  ? 3   GLY A C    1 
ATOM   35   O O    . GLY A 1 3  ? -24.538 8.392   -1.099 1.00 7.16  ? 3   GLY A O    1 
ATOM   36   H H    . GLY A 1 3  ? -26.706 7.497   -2.474 1.00 11.13 ? 3   GLY A H    1 
ATOM   37   H HA2  . GLY A 1 3  ? -27.108 7.363   0.209  1.00 8.91  ? 3   GLY A HA2  1 
ATOM   38   H HA3  . GLY A 1 3  ? -26.419 6.236   -0.652 1.00 8.91  ? 3   GLY A HA3  1 
ATOM   39   N N    . PRO A 1 4  ? -24.668 7.548   0.980  1.00 7.78  ? 4   PRO A N    1 
ATOM   40   C CA   . PRO A 1 4  ? -23.389 8.115   1.396  1.00 7.36  ? 4   PRO A CA   1 
ATOM   41   C C    . PRO A 1 4  ? -22.238 7.366   0.730  1.00 6.21  ? 4   PRO A C    1 
ATOM   42   O O    . PRO A 1 4  ? -22.373 6.205   0.338  1.00 5.79  ? 4   PRO A O    1 
ATOM   43   C CB   . PRO A 1 4  ? -23.380 7.919   2.918  1.00 9.31  ? 4   PRO A CB   1 
ATOM   44   C CG   . PRO A 1 4  ? -24.418 6.960   3.209  1.00 10.01 ? 4   PRO A CG   1 
ATOM   45   C CD   . PRO A 1 4  ? -25.351 6.839   2.076  1.00 8.59  ? 4   PRO A CD   1 
ATOM   46   H HA   . PRO A 1 4  ? -23.340 9.060   1.182  1.00 8.84  ? 4   PRO A HA   1 
ATOM   47   H HB2  . PRO A 1 4  ? -22.515 7.577   3.196  1.00 11.18 ? 4   PRO A HB2  1 
ATOM   48   H HB3  . PRO A 1 4  ? -23.567 8.764   3.355  1.00 11.18 ? 4   PRO A HB3  1 
ATOM   49   H HG2  . PRO A 1 4  ? -24.005 6.101   3.384  1.00 12.02 ? 4   PRO A HG2  1 
ATOM   50   H HG3  . PRO A 1 4  ? -24.900 7.256   3.997  1.00 12.02 ? 4   PRO A HG3  1 
ATOM   51   H HD2  . PRO A 1 4  ? -25.481 5.906   1.844  1.00 10.31 ? 4   PRO A HD2  1 
ATOM   52   H HD3  . PRO A 1 4  ? -26.193 7.273   2.285  1.00 10.31 ? 4   PRO A HD3  1 
HETATM 53   N N    . HYP A 1 5  ? -21.069 7.998   0.646  1.00 6.03  ? 5   HYP A N    1 
HETATM 54   C CA   . HYP A 1 5  ? -19.892 7.329   0.132  1.00 5.99  ? 5   HYP A CA   1 
HETATM 55   C C    . HYP A 1 5  ? -19.559 6.073   0.926  1.00 5.54  ? 5   HYP A C    1 
HETATM 56   O O    . HYP A 1 5  ? -19.809 6.049   2.131  1.00 6.58  ? 5   HYP A O    1 
HETATM 57   C CB   . HYP A 1 5  ? -18.806 8.383   0.208  1.00 7.62  ? 5   HYP A CB   1 
HETATM 58   C CG   . HYP A 1 5  ? -19.530 9.674   0.111  1.00 7.91  ? 5   HYP A CG   1 
HETATM 59   C CD   . HYP A 1 5  ? -20.791 9.428   0.861  1.00 7.55  ? 5   HYP A CD   1 
HETATM 60   O OD1  . HYP A 1 5  ? -19.841 9.981   -1.225 1.00 8.83  ? 5   HYP A OD1  1 
HETATM 61   H HA   . HYP A 1 5  ? -20.020 6.981   -0.780 1.00 7.19  ? 5   HYP A HA   1 
HETATM 62   H HB2  . HYP A 1 5  ? -18.166 8.281   -0.562 1.00 9.15  ? 5   HYP A HB2  1 
HETATM 63   H HB3  . HYP A 1 5  ? -18.323 8.320   1.070  1.00 9.15  ? 5   HYP A HB3  1 
HETATM 64   H HG   . HYP A 1 5  ? -19.018 10.391  0.524  1.00 9.50  ? 5   HYP A HG   1 
HETATM 65   H HD22 . HYP A 1 5  ? -20.677 9.618   1.811  1.00 9.06  ? 5   HYP A HD22 1 
HETATM 66   H HD23 . HYP A 1 5  ? -21.505 9.967   0.492  1.00 9.06  ? 5   HYP A HD23 1 
HETATM 67   H HD1  . HYP A 1 5  ? -19.143 10.387  -1.607 1.00 10.59 ? 5   HYP A HD1  1 
ATOM   68   N N    . GLY A 1 6  ? -18.961 5.108   0.260  1.00 5.23  ? 6   GLY A N    1 
ATOM   69   C CA   . GLY A 1 6  ? -18.536 3.898   0.934  1.00 4.99  ? 6   GLY A CA   1 
ATOM   70   C C    . GLY A 1 6  ? -17.328 4.085   1.841  1.00 5.31  ? 6   GLY A C    1 
ATOM   71   O O    . GLY A 1 6  ? -16.747 5.154   1.927  1.00 6.11  ? 6   GLY A O    1 
ATOM   72   H H    . GLY A 1 6  ? -18.787 5.127   -0.583 1.00 6.27  ? 6   GLY A H    1 
ATOM   73   H HA2  . GLY A 1 6  ? -19.269 3.560   1.472  1.00 5.99  ? 6   GLY A HA2  1 
ATOM   74   H HA3  . GLY A 1 6  ? -18.313 3.225   0.270  1.00 5.99  ? 6   GLY A HA3  1 
ATOM   75   N N    . PRO A 1 7  ? -16.914 3.020   2.533  1.00 4.94  ? 7   PRO A N    1 
ATOM   76   C CA   . PRO A 1 7  ? -15.802 3.087   3.475  1.00 5.62  ? 7   PRO A CA   1 
ATOM   77   C C    . PRO A 1 7  ? -14.459 2.998   2.754  1.00 4.99  ? 7   PRO A C    1 
ATOM   78   O O    . PRO A 1 7  ? -14.404 2.708   1.547  1.00 4.90  ? 7   PRO A O    1 
ATOM   79   C CB   . PRO A 1 7  ? -16.032 1.889   4.361  1.00 7.45  ? 7   PRO A CB   1 
ATOM   80   C CG   . PRO A 1 7  ? -16.696 0.927   3.505  1.00 7.40  ? 7   PRO A CG   1 
ATOM   81   C CD   . PRO A 1 7  ? -17.576 1.698   2.561  1.00 5.75  ? 7   PRO A CD   1 
ATOM   82   H HA   . PRO A 1 7  ? -15.843 3.901   4.002  1.00 6.75  ? 7   PRO A HA   1 
ATOM   83   H HB2  . PRO A 1 7  ? -15.182 1.543   4.675  1.00 8.94  ? 7   PRO A HB2  1 
ATOM   84   H HB3  . PRO A 1 7  ? -16.601 2.137   5.107  1.00 8.94  ? 7   PRO A HB3  1 
ATOM   85   H HG2  . PRO A 1 7  ? -16.030 0.426   3.009  1.00 8.88  ? 7   PRO A HG2  1 
ATOM   86   H HG3  . PRO A 1 7  ? -17.231 0.328   4.049  1.00 8.88  ? 7   PRO A HG3  1 
ATOM   87   H HD2  . PRO A 1 7  ? -17.570 1.294   1.679  1.00 6.90  ? 7   PRO A HD2  1 
ATOM   88   H HD3  . PRO A 1 7  ? -18.476 1.774   2.917  1.00 6.90  ? 7   PRO A HD3  1 
HETATM 89   N N    . HYP A 1 8  ? -13.368 3.196   3.485  1.00 4.16  ? 8   HYP A N    1 
HETATM 90   C CA   . HYP A 1 8  ? -12.040 3.084   2.907  1.00 4.26  ? 8   HYP A CA   1 
HETATM 91   C C    . HYP A 1 8  ? -11.813 1.671   2.332  1.00 4.24  ? 8   HYP A C    1 
HETATM 92   O O    . HYP A 1 8  ? -12.268 0.674   2.925  1.00 5.30  ? 8   HYP A O    1 
HETATM 93   C CB   . HYP A 1 8  ? -11.110 3.385   4.093  1.00 5.40  ? 8   HYP A CB   1 
HETATM 94   C CG   . HYP A 1 8  ? -11.908 4.266   4.957  1.00 5.61  ? 8   HYP A CG   1 
HETATM 95   C CD   . HYP A 1 8  ? -13.264 3.655   4.867  1.00 5.15  ? 8   HYP A CD   1 
HETATM 96   O OD1  . HYP A 1 8  ? -11.939 5.562   4.422  1.00 5.59  ? 8   HYP A OD1  1 
HETATM 97   H HA   . HYP A 1 8  ? -11.896 3.675   2.135  1.00 5.11  ? 8   HYP A HA   1 
HETATM 98   H HB2  . HYP A 1 8  ? -10.281 3.857   3.777  1.00 6.48  ? 8   HYP A HB2  1 
HETATM 99   H HB3  . HYP A 1 8  ? -10.874 2.550   4.570  1.00 6.48  ? 8   HYP A HB3  1 
HETATM 100  H HG   . HYP A 1 8  ? -11.578 4.263   5.871  1.00 6.73  ? 8   HYP A HG   1 
HETATM 101  H HD22 . HYP A 1 8  ? -13.353 2.907   5.487  1.00 6.18  ? 8   HYP A HD22 1 
HETATM 102  H HD23 . HYP A 1 8  ? -13.938 4.326   5.049  1.00 6.18  ? 8   HYP A HD23 1 
HETATM 103  H HD1  . HYP A 1 8  ? -12.436 6.089   4.946  1.00 6.71  ? 8   HYP A HD1  1 
ATOM   104  N N    . GLY A 1 9  ? -11.022 1.605   1.273  1.00 4.17  ? 9   GLY A N    1 
ATOM   105  C CA   . GLY A 1 9  ? -10.647 0.325   0.687  1.00 4.90  ? 9   GLY A CA   1 
ATOM   106  C C    . GLY A 1 9  ? -9.647  -0.449  1.536  1.00 4.15  ? 9   GLY A C    1 
ATOM   107  O O    . GLY A 1 9  ? -9.165  0.040   2.565  1.00 4.73  ? 9   GLY A O    1 
ATOM   108  H H    . GLY A 1 9  ? -10.687 2.288   0.872  1.00 5.00  ? 9   GLY A H    1 
ATOM   109  H HA2  . GLY A 1 9  ? -11.441 -0.222  0.575  1.00 5.88  ? 9   GLY A HA2  1 
ATOM   110  H HA3  . GLY A 1 9  ? -10.255 0.475   -0.188 1.00 5.88  ? 9   GLY A HA3  1 
ATOM   111  N N    . PRO A 1 10 ? -9.305  -1.654  1.077  1.00 3.91  ? 10  PRO A N    1 
ATOM   112  C CA   . PRO A 1 10 ? -8.300  -2.477  1.758  1.00 4.54  ? 10  PRO A CA   1 
ATOM   113  C C    . PRO A 1 10 ? -6.898  -1.912  1.557  1.00 4.15  ? 10  PRO A C    1 
ATOM   114  O O    . PRO A 1 10 ? -6.638  -1.072  0.695  1.00 4.89  ? 10  PRO A O    1 
ATOM   115  C CB   . PRO A 1 10 ? -8.417  -3.826  1.055  1.00 5.46  ? 10  PRO A CB   1 
ATOM   116  C CG   . PRO A 1 10 ? -8.959  -3.508  -0.294 1.00 6.24  ? 10  PRO A CG   1 
ATOM   117  C CD   . PRO A 1 10 ? -9.841  -2.302  -0.132 1.00 4.54  ? 10  PRO A CD   1 
ATOM   118  H HA   . PRO A 1 10 ? -8.499  -2.570  2.703  1.00 5.45  ? 10  PRO A HA   1 
ATOM   119  H HB2  . PRO A 1 10 ? -7.540  -4.236  0.985  1.00 6.55  ? 10  PRO A HB2  1 
ATOM   120  H HB3  . PRO A 1 10 ? -9.026  -4.399  1.545  1.00 6.55  ? 10  PRO A HB3  1 
ATOM   121  H HG2  . PRO A 1 10 ? -8.226  -3.312  -0.898 1.00 7.49  ? 10  PRO A HG2  1 
ATOM   122  H HG3  . PRO A 1 10 ? -9.474  -4.262  -0.620 1.00 7.49  ? 10  PRO A HG3  1 
ATOM   123  H HD2  . PRO A 1 10 ? -9.756  -1.714  -0.898 1.00 5.45  ? 10  PRO A HD2  1 
ATOM   124  H HD3  . PRO A 1 10 ? -10.762 -2.572  0.009  1.00 5.45  ? 10  PRO A HD3  1 
ATOM   125  N N    . ARG A 1 11 ? -5.966  -2.414  2.366  1.00 3.64  ? 11  ARG A N    1 
ATOM   126  C CA   . ARG A 1 11 ? -4.571  -2.006  2.300  1.00 4.63  ? 11  ARG A CA   1 
ATOM   127  C C    . ARG A 1 11 ? -3.933  -2.453  1.013  1.00 4.82  ? 11  ARG A C    1 
ATOM   128  O O    . ARG A 1 11 ? -4.118  -3.578  0.543  1.00 5.21  ? 11  ARG A O    1 
ATOM   129  C CB   . ARG A 1 11 ? -3.822  -2.589  3.505  1.00 4.99  ? 11  ARG A CB   1 
ATOM   130  C CG   . ARG A 1 11 ? -2.408  -2.105  3.636  1.00 5.44  ? 11  ARG A CG   1 
ATOM   131  C CD   . ARG A 1 11 ? -1.757  -2.637  4.866  1.00 5.32  ? 11  ARG A CD   1 
ATOM   132  N NE   . ARG A 1 11 ? -0.412  -2.098  5.053  1.00 5.55  ? 11  ARG A NE   1 
ATOM   133  C CZ   . ARG A 1 11 ? 0.493   -2.655  5.855  1.00 4.99  ? 11  ARG A CZ   1 
ATOM   134  N NH1  . ARG A 1 11 ? 0.240   -3.781  6.507  1.00 6.20  ? 11  ARG A NH1  1 
ATOM   135  N NH2  . ARG A 1 11 ? 1.667   -2.055  5.987  1.00 5.94  ? 11  ARG A NH2  1 
ATOM   136  H H    . ARG A 1 11 ? -6.124  -3.003  2.973  1.00 4.36  ? 11  ARG A H    1 
ATOM   137  H HA   . ARG A 1 11 ? -4.516  -1.038  2.346  1.00 5.56  ? 11  ARG A HA   1 
ATOM   138  H HB2  . ARG A 1 11 ? -4.295  -2.344  4.315  1.00 5.99  ? 11  ARG A HB2  1 
ATOM   139  H HB3  . ARG A 1 11 ? -3.797  -3.555  3.419  1.00 5.99  ? 11  ARG A HB3  1 
ATOM   140  H HG2  . ARG A 1 11 ? -1.895  -2.404  2.868  1.00 6.53  ? 11  ARG A HG2  1 
ATOM   141  H HG3  . ARG A 1 11 ? -2.405  -1.137  3.685  1.00 6.53  ? 11  ARG A HG3  1 
ATOM   142  H HD2  . ARG A 1 11 ? -2.290  -2.391  5.638  1.00 6.39  ? 11  ARG A HD2  1 
ATOM   143  H HD3  . ARG A 1 11 ? -1.689  -3.602  4.799  1.00 6.39  ? 11  ARG A HD3  1 
ATOM   144  H HE   . ARG A 1 11 ? -0.244  -1.315  4.739  1.00 6.66  ? 11  ARG A HE   1 
ATOM   145  H HH11 . ARG A 1 11 ? -0.528  -4.160  6.428  1.00 7.44  ? 11  ARG A HH11 1 
ATOM   146  H HH12 . ARG A 1 11 ? 0.841   -4.128  7.015  1.00 7.44  ? 11  ARG A HH12 1 
ATOM   147  H HH21 . ARG A 1 11 ? 1.830   -1.331  5.553  1.00 7.13  ? 11  ARG A HH21 1 
ATOM   148  H HH22 . ARG A 1 11 ? 2.275   -2.406  6.482  1.00 7.13  ? 11  ARG A HH22 1 
HETATM 149  C C    . XZA A 1 12 ? -1.286  -2.684  -0.710 1.00 5.02  ? 12  XZA A C    1 
HETATM 150  O O    . XZA A 1 12 ? -0.898  -3.208  0.324  1.00 4.67  ? 12  XZA A O    1 
HETATM 151  N NA   . XZA A 1 12 ? -2.396  -1.826  -0.732 1.00 5.52  ? 12  XZA A NA   1 
HETATM 152  N N    . XZA A 1 12 ? -3.086  -1.545  0.449  1.00 5.23  ? 12  XZA A N    1 
HETATM 153  H HNA  . XZA A 1 12 ? -2.664  -1.450  -1.516 1.00 6.63  ? 12  XZA A HNA  1 
HETATM 154  H H    . XZA A 1 12 ? -2.967  -0.745  0.865  1.00 6.28  ? 12  XZA A H    1 
ATOM   155  N N    . PRO A 1 13 ? -0.697  -2.886  -1.888 1.00 5.43  ? 13  PRO A N    1 
ATOM   156  C CA   . PRO A 1 13 ? 0.352   -3.887  -2.068 1.00 6.19  ? 13  PRO A CA   1 
ATOM   157  C C    . PRO A 1 13 ? 1.694   -3.440  -1.534 1.00 6.25  ? 13  PRO A C    1 
ATOM   158  O O    . PRO A 1 13 ? 1.866   -2.304  -1.095 1.00 5.99  ? 13  PRO A O    1 
ATOM   159  C CB   . PRO A 1 13 ? 0.425   -4.087  -3.597 1.00 8.22  ? 13  PRO A CB   1 
ATOM   160  C CG   . PRO A 1 13 ? -0.341  -3.105  -4.189 1.00 9.87  ? 13  PRO A CG   1 
ATOM   161  C CD   . PRO A 1 13 ? -1.156  -2.353  -3.179 1.00 7.18  ? 13  PRO A CD   1 
ATOM   162  H HA   . PRO A 1 13 ? 0.098   -4.723  -1.646 1.00 7.43  ? 13  PRO A HA   1 
ATOM   163  H HB2  . PRO A 1 13 ? 1.348   -4.009  -3.885 1.00 9.86  ? 13  PRO A HB2  1 
ATOM   164  H HB3  . PRO A 1 13 ? 0.076   -4.964  -3.822 1.00 9.86  ? 13  PRO A HB3  1 
ATOM   165  H HG2  . PRO A 1 13 ? 0.251   -2.489  -4.647 1.00 11.84 ? 13  PRO A HG2  1 
ATOM   166  H HG3  . PRO A 1 13 ? -0.933  -3.524  -4.832 1.00 11.84 ? 13  PRO A HG3  1 
ATOM   167  H HD2  . PRO A 1 13 ? -0.971  -1.403  -3.237 1.00 8.61  ? 13  PRO A HD2  1 
ATOM   168  H HD3  . PRO A 1 13 ? -2.100  -2.538  -3.304 1.00 8.61  ? 13  PRO A HD3  1 
HETATM 169  N N    . HYP A 1 14 ? 2.664   -4.351  -1.564 1.00 5.96  ? 14  HYP A N    1 
HETATM 170  C CA   . HYP A 1 14 ? 3.966   -4.056  -1.000 1.00 5.95  ? 14  HYP A CA   1 
HETATM 171  C C    . HYP A 1 14 ? 4.762   -3.054  -1.832 1.00 5.44  ? 14  HYP A C    1 
HETATM 172  O O    . HYP A 1 14 ? 4.594   -2.963  -3.062 1.00 6.16  ? 14  HYP A O    1 
HETATM 173  C CB   . HYP A 1 14 ? 4.691   -5.389  -0.963 1.00 6.58  ? 14  HYP A CB   1 
HETATM 174  C CG   . HYP A 1 14 ? 3.590   -6.382  -0.972 1.00 5.41  ? 14  HYP A CG   1 
HETATM 175  C CD   . HYP A 1 14 ? 2.565   -5.794  -1.871 1.00 6.27  ? 14  HYP A CD   1 
HETATM 176  O OD1  . HYP A 1 14 ? 3.061   -6.500  0.337  1.00 6.62  ? 14  HYP A OD1  1 
HETATM 177  H HA   . HYP A 1 14 ? 3.915   -3.622  -0.118 1.00 7.14  ? 14  HYP A HA   1 
HETATM 178  H HB2  . HYP A 1 14 ? 5.234   -5.471  -0.122 1.00 7.89  ? 14  HYP A HB2  1 
HETATM 179  H HB3  . HYP A 1 14 ? 5.264   -5.496  -1.763 1.00 7.89  ? 14  HYP A HB3  1 
HETATM 180  H HG   . HYP A 1 14 ? 3.897   -7.243  -1.308 1.00 6.49  ? 14  HYP A HG   1 
HETATM 181  H HD22 . HYP A 1 14 ? 2.770   -5.967  -2.809 1.00 7.52  ? 14  HYP A HD22 1 
HETATM 182  H HD23 . HYP A 1 14 ? 1.687   -6.131  -1.643 1.00 7.52  ? 14  HYP A HD23 1 
HETATM 183  H HD1  . HYP A 1 14 ? 2.270   -6.917  0.302  1.00 7.94  ? 14  HYP A HD1  1 
ATOM   184  N N    . GLY A 1 15 ? 5.634   -2.329  -1.154 1.00 4.66  ? 15  GLY A N    1 
ATOM   185  C CA   . GLY A 1 15 ? 6.601   -1.522  -1.853 1.00 5.18  ? 15  GLY A CA   1 
ATOM   186  C C    . GLY A 1 15 ? 7.681   -2.318  -2.542 1.00 4.30  ? 15  GLY A C    1 
ATOM   187  O O    . GLY A 1 15 ? 7.749   -3.547  -2.450 1.00 4.85  ? 15  GLY A O    1 
ATOM   188  H H    . GLY A 1 15 ? 5.684   -2.289  -0.296 1.00 5.59  ? 15  GLY A H    1 
ATOM   189  H HA2  . GLY A 1 15 ? 6.144   -0.989  -2.523 1.00 6.22  ? 15  GLY A HA2  1 
ATOM   190  H HA3  . GLY A 1 15 ? 7.024   -0.918  -1.223 1.00 6.22  ? 15  GLY A HA3  1 
ATOM   191  N N    . PRO A 1 16 ? 8.576   -1.619  -3.241 1.00 4.61  ? 16  PRO A N    1 
ATOM   192  C CA   . PRO A 1 16 ? 9.664   -2.284  -3.951 1.00 4.55  ? 16  PRO A CA   1 
ATOM   193  C C    . PRO A 1 16 ? 10.798  -2.669  -3.019 1.00 4.04  ? 16  PRO A C    1 
ATOM   194  O O    . PRO A 1 16 ? 10.884  -2.177  -1.888 1.00 3.94  ? 16  PRO A O    1 
ATOM   195  C CB   . PRO A 1 16 ? 10.124  -1.212  -4.952 1.00 5.84  ? 16  PRO A CB   1 
ATOM   196  C CG   . PRO A 1 16 ? 9.863   0.059   -4.230 1.00 6.02  ? 16  PRO A CG   1 
ATOM   197  C CD   . PRO A 1 16 ? 8.613   -0.156  -3.413 1.00 5.16  ? 16  PRO A CD   1 
ATOM   198  H HA   . PRO A 1 16 ? 9.344   -3.066  -4.427 1.00 5.46  ? 16  PRO A HA   1 
ATOM   199  H HB2  . PRO A 1 16 ? 11.070  -1.318  -5.142 1.00 7.01  ? 16  PRO A HB2  1 
ATOM   200  H HB3  . PRO A 1 16 ? 9.595   -1.266  -5.763 1.00 7.01  ? 16  PRO A HB3  1 
ATOM   201  H HG2  . PRO A 1 16 ? 10.615  0.261   -3.651 1.00 7.22  ? 16  PRO A HG2  1 
ATOM   202  H HG3  . PRO A 1 16 ? 9.730   0.773   -4.872 1.00 7.22  ? 16  PRO A HG3  1 
ATOM   203  H HD2  . PRO A 1 16 ? 8.690   0.285   -2.553 1.00 6.20  ? 16  PRO A HD2  1 
ATOM   204  H HD3  . PRO A 1 16 ? 7.833   0.148   -3.902 1.00 6.20  ? 16  PRO A HD3  1 
HETATM 205  N N    . HYP A 1 17 ? 11.697  -3.514  -3.490 1.00 4.12  ? 17  HYP A N    1 
HETATM 206  C CA   . HYP A 1 17 ? 12.817  -3.915  -2.669 1.00 3.99  ? 17  HYP A CA   1 
HETATM 207  C C    . HYP A 1 17 ? 13.696  -2.734  -2.257 1.00 4.43  ? 17  HYP A C    1 
HETATM 208  O O    . HYP A 1 17 ? 13.806  -1.759  -3.017 1.00 4.75  ? 17  HYP A O    1 
HETATM 209  C CB   . HYP A 1 17 ? 13.618  -4.878  -3.542 1.00 5.43  ? 17  HYP A CB   1 
HETATM 210  C CG   . HYP A 1 17 ? 12.634  -5.391  -4.534 1.00 5.59  ? 17  HYP A CG   1 
HETATM 211  C CD   . HYP A 1 17 ? 11.738  -4.231  -4.763 1.00 5.67  ? 17  HYP A CD   1 
HETATM 212  O OD1  . HYP A 1 17 ? 11.870  -6.434  -3.976 1.00 5.89  ? 17  HYP A OD1  1 
HETATM 213  H HA   . HYP A 1 17 ? 12.547  -4.306  -1.807 1.00 4.78  ? 17  HYP A HA   1 
HETATM 214  H HB2  . HYP A 1 17 ? 13.981  -5.632  -2.986 1.00 6.52  ? 17  HYP A HB2  1 
HETATM 215  H HB3  . HYP A 1 17 ? 14.353  -4.399  -3.999 1.00 6.52  ? 17  HYP A HB3  1 
HETATM 216  H HG   . HYP A 1 17 ? 13.071  -5.669  -5.359 1.00 6.71  ? 17  HYP A HG   1 
HETATM 217  H HD22 . HYP A 1 17 ? 12.087  -3.656  -5.468 1.00 6.80  ? 17  HYP A HD22 1 
HETATM 218  H HD23 . HYP A 1 17 ? 10.853  -4.545  -4.994 1.00 6.80  ? 17  HYP A HD23 1 
HETATM 219  H HD1  . HYP A 1 17 ? 12.383  -7.159  -3.880 1.00 7.07  ? 17  HYP A HD1  1 
ATOM   220  N N    . GLY A 1 18 ? 14.356  -2.840  -1.129 1.00 4.36  ? 18  GLY A N    1 
ATOM   221  C CA   . GLY A 1 18 ? 15.366  -1.886  -0.754 1.00 4.61  ? 18  GLY A CA   1 
ATOM   222  C C    . GLY A 1 18 ? 16.592  -1.937  -1.636 1.00 4.54  ? 18  GLY A C    1 
ATOM   223  O O    . GLY A 1 18 ? 16.740  -2.847  -2.477 1.00 4.74  ? 18  GLY A O    1 
ATOM   224  H H    . GLY A 1 18 ? 14.235  -3.467  -0.553 1.00 5.24  ? 18  GLY A H    1 
ATOM   225  H HA2  . GLY A 1 18 ? 14.995  -0.992  -0.800 1.00 5.53  ? 18  GLY A HA2  1 
ATOM   226  H HA3  . GLY A 1 18 ? 15.642  -2.056  0.160  1.00 5.53  ? 18  GLY A HA3  1 
ATOM   227  N N    . PRO A 1 19 ? 17.492  -0.964  -1.475 1.00 5.71  ? 19  PRO A N    1 
ATOM   228  C CA   . PRO A 1 19 ? 18.751  -0.983  -2.228 1.00 6.39  ? 19  PRO A CA   1 
ATOM   229  C C    . PRO A 1 19 ? 19.720  -2.032  -1.671 1.00 6.05  ? 19  PRO A C    1 
ATOM   230  O O    . PRO A 1 19 ? 19.532  -2.576  -0.591 1.00 5.91  ? 19  PRO A O    1 
ATOM   231  C CB   . PRO A 1 19 ? 19.287  0.438   -2.014 1.00 9.09  ? 19  PRO A CB   1 
ATOM   232  C CG   . PRO A 1 19 ? 18.703  0.861   -0.728 1.00 9.04  ? 19  PRO A CG   1 
ATOM   233  C CD   . PRO A 1 19 ? 17.384  0.169   -0.544 1.00 7.20  ? 19  PRO A CD   1 
ATOM   234  H HA   . PRO A 1 19 ? 18.592  -1.141  -3.172 1.00 7.67  ? 19  PRO A HA   1 
ATOM   235  H HB2  . PRO A 1 19 ? 20.256  0.420   -1.964 1.00 10.91 ? 19  PRO A HB2  1 
ATOM   236  H HB3  . PRO A 1 19 ? 18.989  1.014   -2.735 1.00 10.91 ? 19  PRO A HB3  1 
ATOM   237  H HG2  . PRO A 1 19 ? 19.308  0.617   -0.011 1.00 10.85 ? 19  PRO A HG2  1 
ATOM   238  H HG3  . PRO A 1 19 ? 18.574  1.822   -0.742 1.00 10.85 ? 19  PRO A HG3  1 
ATOM   239  H HD2  . PRO A 1 19 ? 17.290  -0.147  0.369  1.00 8.64  ? 19  PRO A HD2  1 
ATOM   240  H HD3  . PRO A 1 19 ? 16.654  0.753   -0.800 1.00 8.64  ? 19  PRO A HD3  1 
HETATM 241  N N    . HYP A 1 20 ? 20.796  -2.268  -2.385 1.00 6.37  ? 20  HYP A N    1 
HETATM 242  C CA   . HYP A 1 20 ? 21.873  -3.123  -1.889 1.00 7.79  ? 20  HYP A CA   1 
HETATM 243  C C    . HYP A 1 20 ? 22.394  -2.693  -0.504 1.00 8.51  ? 20  HYP A C    1 
HETATM 244  O O    . HYP A 1 20 ? 22.493  -1.478  -0.229 1.00 9.69  ? 20  HYP A O    1 
HETATM 245  C CB   . HYP A 1 20 ? 22.958  -3.062  -2.961 1.00 8.11  ? 20  HYP A CB   1 
HETATM 246  C CG   . HYP A 1 20 ? 22.205  -2.767  -4.194 1.00 8.11  ? 20  HYP A CG   1 
HETATM 247  C CD   . HYP A 1 20 ? 21.188  -1.796  -3.717 1.00 6.39  ? 20  HYP A CD   1 
HETATM 248  O OD1  . HYP A 1 20 ? 21.555  -3.931  -4.643 1.00 9.20  ? 20  HYP A OD1  1 
HETATM 249  H HA   . HYP A 1 20 ? 21.571  -4.044  -1.720 1.00 9.35  ? 20  HYP A HA   1 
HETATM 250  H HB2  . HYP A 1 20 ? 23.429  -3.946  -3.037 1.00 9.73  ? 20  HYP A HB2  1 
HETATM 251  H HB3  . HYP A 1 20 ? 23.603  -2.338  -2.763 1.00 9.73  ? 20  HYP A HB3  1 
HETATM 252  H HG   . HYP A 1 20 ? 22.775  -2.381  -4.881 1.00 9.74  ? 20  HYP A HG   1 
HETATM 253  H HD22 . HYP A 1 20 ? 21.560  -0.896  -3.665 1.00 7.67  ? 20  HYP A HD22 1 
HETATM 254  H HD23 . HYP A 1 20 ? 20.422  -1.808  -4.310 1.00 7.67  ? 20  HYP A HD23 1 
HETATM 255  H HD1  . HYP A 1 20 ? 20.900  -3.707  -5.209 1.00 11.04 ? 20  HYP A HD1  1 
ATOM   256  N N    . GLY A 1 21 ? 22.752  -3.646  0.350  1.00 9.64  ? 21  GLY A N    1 
ATOM   257  C CA   . GLY A 1 21 ? 23.286  -3.323  1.661  1.00 10.75 ? 21  GLY A CA   1 
ATOM   258  C C    . GLY A 1 21 ? 24.612  -2.604  1.679  1.00 11.17 ? 21  GLY A C    1 
ATOM   259  O O    . GLY A 1 21 ? 25.262  -2.408  0.647  1.00 12.09 ? 21  GLY A O    1 
ATOM   260  H H    . GLY A 1 21 ? 22.694  -4.489  0.191  1.00 11.57 ? 21  GLY A H    1 
ATOM   261  H HA2  . GLY A 1 21 ? 22.643  -2.766  2.129  1.00 12.91 ? 21  GLY A HA2  1 
ATOM   262  H HA3  . GLY A 1 21 ? 23.389  -4.144  2.166  1.00 12.91 ? 21  GLY A HA3  1 
ATOM   263  N N    . PRO A 1 22 ? 25.104  -2.279  2.894  1.00 12.72 ? 22  PRO A N    1 
ATOM   264  C CA   . PRO A 1 22 ? 26.359  -1.531  3.032  1.00 13.59 ? 22  PRO A CA   1 
ATOM   265  C C    . PRO A 1 22 ? 27.520  -2.277  2.377  1.00 12.93 ? 22  PRO A C    1 
ATOM   266  O O    . PRO A 1 22 ? 27.628  -3.500  2.487  1.00 13.77 ? 22  PRO A O    1 
ATOM   267  C CB   . PRO A 1 22 ? 26.565  -1.460  4.542  1.00 15.00 ? 22  PRO A CB   1 
ATOM   268  C CG   . PRO A 1 22 ? 25.176  -1.538  5.110  1.00 15.61 ? 22  PRO A CG   1 
ATOM   269  C CD   . PRO A 1 22 ? 24.393  -2.421  4.178  1.00 14.67 ? 22  PRO A CD   1 
ATOM   270  H HA   . PRO A 1 22 ? 26.280  -0.639  2.661  1.00 16.31 ? 22  PRO A HA   1 
ATOM   271  H HB2  . PRO A 1 22 ? 27.102  -2.211  4.837  1.00 18.00 ? 22  PRO A HB2  1 
ATOM   272  H HB3  . PRO A 1 22 ? 26.987  -0.619  4.777  1.00 18.00 ? 22  PRO A HB3  1 
ATOM   273  H HG2  . PRO A 1 22 ? 25.212  -1.928  5.998  1.00 18.73 ? 22  PRO A HG2  1 
ATOM   274  H HG3  . PRO A 1 22 ? 24.789  -0.650  5.144  1.00 18.73 ? 22  PRO A HG3  1 
ATOM   275  H HD2  . PRO A 1 22 ? 24.422  -3.343  4.480  1.00 17.60 ? 22  PRO A HD2  1 
ATOM   276  H HD3  . PRO A 1 22 ? 23.481  -2.102  4.096  1.00 17.60 ? 22  PRO A HD3  1 
HETATM 277  N N    . HYP A 1 23 ? 28.417  -1.553  1.719  1.00 12.28 ? 23  HYP A N    1 
HETATM 278  C CA   . HYP A 1 23 ? 29.568  -2.198  1.118  1.00 12.16 ? 23  HYP A CA   1 
HETATM 279  C C    . HYP A 1 23 ? 30.452  -2.899  2.181  1.00 13.77 ? 23  HYP A C    1 
HETATM 280  O O    . HYP A 1 23 ? 30.608  -2.404  3.342  1.00 15.16 ? 23  HYP A O    1 
HETATM 281  C CB   . HYP A 1 23 ? 30.335  -1.101  0.401  1.00 11.82 ? 23  HYP A CB   1 
HETATM 282  C CG   . HYP A 1 23 ? 29.286  -0.100  0.113  1.00 12.09 ? 23  HYP A CG   1 
HETATM 283  C CD   . HYP A 1 23 ? 28.386  -0.151  1.294  1.00 12.62 ? 23  HYP A CD   1 
HETATM 284  O OD1  . HYP A 1 23 ? 28.565  -0.473  -1.041 1.00 11.76 ? 23  HYP A OD1  1 
HETATM 285  H HA   . HYP A 1 23 ? 29.320  -2.939  0.520  1.00 14.60 ? 23  HYP A HA   1 
HETATM 286  H HB2  . HYP A 1 23 ? 30.738  -1.449  -0.451 1.00 14.18 ? 23  HYP A HB2  1 
HETATM 287  H HB3  . HYP A 1 23 ? 31.033  -0.720  0.990  1.00 14.18 ? 23  HYP A HB3  1 
HETATM 288  H HG   . HYP A 1 23 ? 29.671  0.788   0.011  1.00 14.50 ? 23  HYP A HG   1 
HETATM 289  H HD22 . HYP A 1 23 ? 28.709  0.432   2.006  1.00 15.14 ? 23  HYP A HD22 1 
HETATM 290  H HD23 . HYP A 1 23 ? 27.489  0.099   1.034  1.00 15.14 ? 23  HYP A HD23 1 
HETATM 291  H HD1  . HYP A 1 23 ? 27.925  0.130   -1.201 1.00 14.11 ? 23  HYP A HD1  1 
ATOM   292  N N    . GLY A 1 24 ? 31.021  -4.025  1.796  1.00 14.46 ? 24  GLY A N    1 
ATOM   293  C CA   . GLY A 1 24 ? 32.013  -4.685  2.625  1.00 15.37 ? 24  GLY A CA   1 
ATOM   294  C C    . GLY A 1 24 ? 33.389  -4.048  2.496  1.00 17.53 ? 24  GLY A C    1 
ATOM   295  O O    . GLY A 1 24 ? 33.539  -3.026  1.835  1.00 18.42 ? 24  GLY A O    1 
ATOM   296  H H    . GLY A 1 24 ? 30.850  -4.431  1.057  1.00 17.35 ? 24  GLY A H    1 
ATOM   297  H HA2  . GLY A 1 24 ? 31.739  -4.641  3.554  1.00 18.44 ? 24  GLY A HA2  1 
ATOM   298  H HA3  . GLY A 1 24 ? 32.079  -5.618  2.368  1.00 18.44 ? 24  GLY A HA3  1 
HETATM 299  N N    . NH2 A 1 25 ? 34.386  -4.635  3.159  1.00 18.81 ? 25  NH2 A N    1 
ATOM   300  N N    . PRO B 1 1  ? -30.098 5.614   -4.884 1.00 12.11 ? 1   PRO B N    1 
ATOM   301  C CA   . PRO B 1 1  ? -29.237 4.490   -5.237 1.00 11.04 ? 1   PRO B CA   1 
ATOM   302  C C    . PRO B 1 1  ? -28.121 4.354   -4.241 1.00 8.85  ? 1   PRO B C    1 
ATOM   303  O O    . PRO B 1 1  ? -27.962 5.233   -3.403 1.00 9.03  ? 1   PRO B O    1 
ATOM   304  C CB   . PRO B 1 1  ? -28.700 4.854   -6.637 1.00 14.04 ? 1   PRO B CB   1 
ATOM   305  C CG   . PRO B 1 1  ? -28.943 6.318   -6.794 1.00 17.17 ? 1   PRO B CG   1 
ATOM   306  C CD   . PRO B 1 1  ? -30.100 6.667   -5.912 1.00 15.34 ? 1   PRO B CD   1 
ATOM   307  H H2   . PRO B 1 1  ? -29.816 5.981   -4.043 1.00 14.53 ? 1   PRO B H2   1 
ATOM   308  H H3   . PRO B 1 1  ? -30.981 5.251   -4.796 1.00 14.53 ? 1   PRO B H3   1 
ATOM   309  H HA   . PRO B 1 1  ? -29.745 3.665   -5.282 1.00 13.24 ? 1   PRO B HA   1 
ATOM   310  H HB2  . PRO B 1 1  ? -27.751 4.659   -6.681 1.00 16.85 ? 1   PRO B HB2  1 
ATOM   311  H HB3  . PRO B 1 1  ? -29.184 4.354   -7.312 1.00 16.85 ? 1   PRO B HB3  1 
ATOM   312  H HG2  . PRO B 1 1  ? -28.151 6.805   -6.520 1.00 20.61 ? 1   PRO B HG2  1 
ATOM   313  H HG3  . PRO B 1 1  ? -29.155 6.510   -7.721 1.00 20.61 ? 1   PRO B HG3  1 
ATOM   314  H HD2  . PRO B 1 1  ? -29.961 7.536   -5.503 1.00 18.40 ? 1   PRO B HD2  1 
ATOM   315  H HD3  . PRO B 1 1  ? -30.927 6.642   -6.417 1.00 18.40 ? 1   PRO B HD3  1 
HETATM 316  N N    . HYP B 1 2  ? -27.345 3.282   -4.347 1.00 7.76  ? 2   HYP B N    1 
HETATM 317  C CA   . HYP B 1 2  ? -26.153 3.116   -3.535 1.00 7.92  ? 2   HYP B CA   1 
HETATM 318  C C    . HYP B 1 2  ? -25.230 4.327   -3.734 1.00 7.55  ? 2   HYP B C    1 
HETATM 319  O O    . HYP B 1 2  ? -25.165 4.913   -4.844 1.00 8.08  ? 2   HYP B O    1 
HETATM 320  C CB   . HYP B 1 2  ? -25.504 1.851   -4.037 1.00 9.22  ? 2   HYP B CB   1 
HETATM 321  C CG   . HYP B 1 2  ? -26.652 1.071   -4.560 1.00 9.40  ? 2   HYP B CG   1 
HETATM 322  C CD   . HYP B 1 2  ? -27.510 2.102   -5.204 1.00 8.77  ? 2   HYP B CD   1 
HETATM 323  O OD1  . HYP B 1 2  ? -27.354 0.476   -3.485 1.00 10.76 ? 2   HYP B OD1  1 
HETATM 324  H HA   . HYP B 1 2  ? -26.329 3.114   -2.567 1.00 9.50  ? 2   HYP B HA   1 
HETATM 325  H HB2  . HYP B 1 2  ? -25.055 1.361   -3.283 1.00 11.06 ? 2   HYP B HB2  1 
HETATM 326  H HB3  . HYP B 1 2  ? -24.858 2.052   -4.760 1.00 11.06 ? 2   HYP B HB3  1 
HETATM 327  H HG   . HYP B 1 2  ? -26.360 0.404   -5.206 1.00 11.28 ? 2   HYP B HG   1 
HETATM 328  H HD22 . HYP B 1 2  ? -27.213 2.291   -6.113 1.00 10.52 ? 2   HYP B HD22 1 
HETATM 329  H HD23 . HYP B 1 2  ? -28.433 1.813   -5.201 1.00 10.52 ? 2   HYP B HD23 1 
HETATM 330  H HD1  . HYP B 1 2  ? -28.048 0.011   -3.803 1.00 12.91 ? 2   HYP B HD1  1 
ATOM   331  N N    . GLY B 1 3  ? -24.516 4.695   -2.700 1.00 6.74  ? 3   GLY B N    1 
ATOM   332  C CA   . GLY B 1 3  ? -23.585 5.802   -2.762 1.00 6.15  ? 3   GLY B CA   1 
ATOM   333  C C    . GLY B 1 3  ? -22.356 5.528   -3.584 1.00 5.96  ? 3   GLY B C    1 
ATOM   334  O O    . GLY B 1 3  ? -22.118 4.406   -4.044 1.00 6.44  ? 3   GLY B O    1 
ATOM   335  H H    . GLY B 1 3  ? -24.550 4.314   -1.930 1.00 8.09  ? 3   GLY B H    1 
ATOM   336  H HA2  . GLY B 1 3  ? -24.035 6.573   -3.142 1.00 7.38  ? 3   GLY B HA2  1 
ATOM   337  H HA3  . GLY B 1 3  ? -23.301 6.030   -1.863 1.00 7.38  ? 3   GLY B HA3  1 
ATOM   338  N N    . PRO B 1 4  ? -21.545 6.568   -3.807 1.00 6.47  ? 4   PRO B N    1 
ATOM   339  C CA   . PRO B 1 4  ? -20.272 6.388   -4.494 1.00 6.69  ? 4   PRO B CA   1 
ATOM   340  C C    . PRO B 1 4  ? -19.283 5.531   -3.717 1.00 5.91  ? 4   PRO B C    1 
ATOM   341  O O    . PRO B 1 4  ? -19.435 5.329   -2.531 1.00 6.00  ? 4   PRO B O    1 
ATOM   342  C CB   . PRO B 1 4  ? -19.731 7.806   -4.610 1.00 8.83  ? 4   PRO B CB   1 
ATOM   343  C CG   . PRO B 1 4  ? -20.848 8.720   -4.270 1.00 9.01  ? 4   PRO B CG   1 
ATOM   344  C CD   . PRO B 1 4  ? -21.773 7.961   -3.395 1.00 7.66  ? 4   PRO B CD   1 
ATOM   345  H HA   . PRO B 1 4  ? -20.408 6.014   -5.379 1.00 8.03  ? 4   PRO B HA   1 
ATOM   346  H HB2  . PRO B 1 4  ? -18.997 7.923   -3.987 1.00 10.60 ? 4   PRO B HB2  1 
ATOM   347  H HB3  . PRO B 1 4  ? -19.431 7.963   -5.520 1.00 10.60 ? 4   PRO B HB3  1 
ATOM   348  H HG2  . PRO B 1 4  ? -20.500 9.495   -3.802 1.00 10.81 ? 4   PRO B HG2  1 
ATOM   349  H HG3  . PRO B 1 4  ? -21.301 8.992   -5.084 1.00 10.81 ? 4   PRO B HG3  1 
ATOM   350  H HD2  . PRO B 1 4  ? -21.534 8.083   -2.463 1.00 9.19  ? 4   PRO B HD2  1 
ATOM   351  H HD3  . PRO B 1 4  ? -22.692 8.221   -3.565 1.00 9.19  ? 4   PRO B HD3  1 
HETATM 352  N N    . HYP B 1 5  ? -18.234 5.092   -4.382 1.00 6.44  ? 5   HYP B N    1 
HETATM 353  C CA   . HYP B 1 5  ? -17.205 4.302   -3.722 1.00 6.36  ? 5   HYP B CA   1 
HETATM 354  C C    . HYP B 1 5  ? -16.494 5.128   -2.657 1.00 6.21  ? 5   HYP B C    1 
HETATM 355  O O    . HYP B 1 5  ? -16.403 6.374   -2.783 1.00 7.02  ? 5   HYP B O    1 
HETATM 356  C CB   . HYP B 1 5  ? -16.227 3.880   -4.821 1.00 7.62  ? 5   HYP B CB   1 
HETATM 357  C CG   . HYP B 1 5  ? -17.017 4.017   -6.059 1.00 8.14  ? 5   HYP B CG   1 
HETATM 358  C CD   . HYP B 1 5  ? -17.899 5.202   -5.813 1.00 7.69  ? 5   HYP B CD   1 
HETATM 359  O OD1  . HYP B 1 5  ? -17.764 2.847   -6.312 1.00 10.29 ? 5   HYP B OD1  1 
HETATM 360  H HA   . HYP B 1 5  ? -17.566 3.542   -3.214 1.00 7.63  ? 5   HYP B HA   1 
HETATM 361  H HB2  . HYP B 1 5  ? -15.940 2.927   -4.688 1.00 9.14  ? 5   HYP B HB2  1 
HETATM 362  H HB3  . HYP B 1 5  ? -15.442 4.483   -4.837 1.00 9.14  ? 5   HYP B HB3  1 
HETATM 363  H HG   . HYP B 1 5  ? -16.424 4.198   -6.810 1.00 9.77  ? 5   HYP B HG   1 
HETATM 364  H HD22 . HYP B 1 5  ? -17.430 6.037   -5.998 1.00 9.23  ? 5   HYP B HD22 1 
HETATM 365  H HD23 . HYP B 1 5  ? -18.700 5.135   -6.352 1.00 9.23  ? 5   HYP B HD23 1 
HETATM 366  H HD1  . HYP B 1 5  ? -18.176 2.921   -7.103 1.00 12.34 ? 5   HYP B HD1  1 
ATOM   367  N N    . GLY B 1 6  ? -15.924 4.471   -1.674 1.00 6.29  ? 6   GLY B N    1 
ATOM   368  C CA   . GLY B 1 6  ? -15.081 5.124   -0.696 1.00 5.45  ? 6   GLY B CA   1 
ATOM   369  C C    . GLY B 1 6  ? -13.732 5.531   -1.233 1.00 5.00  ? 6   GLY B C    1 
ATOM   370  O O    . GLY B 1 6  ? -13.402 5.307   -2.410 1.00 5.79  ? 6   GLY B O    1 
ATOM   371  H H    . GLY B 1 6  ? -16.012 3.626   -1.547 1.00 7.55  ? 6   GLY B H    1 
ATOM   372  H HA2  . GLY B 1 6  ? -15.529 5.919   -0.367 1.00 6.54  ? 6   GLY B HA2  1 
ATOM   373  H HA3  . GLY B 1 6  ? -14.940 4.524   0.054  1.00 6.54  ? 6   GLY B HA3  1 
ATOM   374  N N    . PRO B 1 7  ? -12.914 6.116   -0.361 1.00 5.59  ? 7   PRO B N    1 
ATOM   375  C CA   . PRO B 1 7  ? -11.570 6.499   -0.757 1.00 6.17  ? 7   PRO B CA   1 
ATOM   376  C C    . PRO B 1 7  ? -10.606 5.312   -0.793 1.00 5.80  ? 7   PRO B C    1 
ATOM   377  O O    . PRO B 1 7  ? -10.893 4.247   -0.244 1.00 5.04  ? 7   PRO B O    1 
ATOM   378  C CB   . PRO B 1 7  ? -11.159 7.454   0.338  1.00 7.64  ? 7   PRO B CB   1 
ATOM   379  C CG   . PRO B 1 7  ? -11.901 7.003   1.509  1.00 7.89  ? 7   PRO B CG   1 
ATOM   380  C CD   . PRO B 1 7  ? -13.204 6.433   1.041  1.00 6.70  ? 7   PRO B CD   1 
ATOM   381  H HA   . PRO B 1 7  ? -11.574 6.955   -1.613 1.00 7.41  ? 7   PRO B HA   1 
ATOM   382  H HB2  . PRO B 1 7  ? -10.203 7.389   0.490  1.00 9.17  ? 7   PRO B HB2  1 
ATOM   383  H HB3  . PRO B 1 7  ? -11.411 8.359   0.098  1.00 9.17  ? 7   PRO B HB3  1 
ATOM   384  H HG2  . PRO B 1 7  ? -11.385 6.324   1.969  1.00 9.47  ? 7   PRO B HG2  1 
ATOM   385  H HG3  . PRO B 1 7  ? -12.058 7.759   2.096  1.00 9.47  ? 7   PRO B HG3  1 
ATOM   386  H HD2  . PRO B 1 7  ? -13.422 5.628   1.536  1.00 8.04  ? 7   PRO B HD2  1 
ATOM   387  H HD3  . PRO B 1 7  ? -13.909 7.096   1.103  1.00 8.04  ? 7   PRO B HD3  1 
HETATM 388  N N    . HYP B 1 8  ? -9.445  5.484   -1.443 1.00 5.11  ? 8   HYP B N    1 
HETATM 389  C CA   . HYP B 1 8  ? -8.437  4.447   -1.446 1.00 5.06  ? 8   HYP B CA   1 
HETATM 390  C C    . HYP B 1 8  ? -8.010  3.980   -0.042 1.00 4.63  ? 8   HYP B C    1 
HETATM 391  O O    . HYP B 1 8  ? -7.932  4.810   0.895  1.00 5.03  ? 8   HYP B O    1 
HETATM 392  C CB   . HYP B 1 8  ? -7.279  5.056   -2.180 1.00 4.99  ? 8   HYP B CB   1 
HETATM 393  C CG   . HYP B 1 8  ? -7.920  6.049   -3.068 1.00 6.98  ? 8   HYP B CG   1 
HETATM 394  C CD   . HYP B 1 8  ? -9.001  6.624   -2.250 1.00 7.13  ? 8   HYP B CD   1 
HETATM 395  O OD1  . HYP B 1 8  ? -8.534  5.453   -4.194 1.00 8.17  ? 8   HYP B OD1  1 
HETATM 396  H HA   . HYP B 1 8  ? -8.752  3.614   -1.863 1.00 6.07  ? 8   HYP B HA   1 
HETATM 397  H HB2  . HYP B 1 8  ? -6.797  4.358   -2.719 1.00 5.99  ? 8   HYP B HB2  1 
HETATM 398  H HB3  . HYP B 1 8  ? -6.659  5.500   -1.548 1.00 5.99  ? 8   HYP B HB3  1 
HETATM 399  H HG   . HYP B 1 8  ? -7.286  6.737   -3.339 1.00 8.37  ? 8   HYP B HG   1 
HETATM 400  H HD22 . HYP B 1 8  ? -8.673  7.347   -1.684 1.00 8.55  ? 8   HYP B HD22 1 
HETATM 401  H HD23 . HYP B 1 8  ? -9.720  6.935   -2.819 1.00 8.55  ? 8   HYP B HD23 1 
HETATM 402  H HD1  . HYP B 1 8  ? -7.921  5.318   -4.831 1.00 9.80  ? 8   HYP B HD1  1 
ATOM   403  N N    . GLY B 1 9  ? -7.686  2.704   0.070  1.00 4.20  ? 9   GLY B N    1 
ATOM   404  C CA   . GLY B 1 9  ? -7.229  2.159   1.330  1.00 4.65  ? 9   GLY B CA   1 
ATOM   405  C C    . GLY B 1 9  ? -5.828  2.587   1.717  1.00 5.19  ? 9   GLY B C    1 
ATOM   406  O O    . GLY B 1 9  ? -5.121  3.256   0.948  1.00 5.39  ? 9   GLY B O    1 
ATOM   407  H H    . GLY B 1 9  ? -7.722  2.132   -0.571 1.00 5.04  ? 9   GLY B H    1 
ATOM   408  H HA2  . GLY B 1 9  ? -7.834  2.438   2.036  1.00 5.58  ? 9   GLY B HA2  1 
ATOM   409  H HA3  . GLY B 1 9  ? -7.245  1.190   1.282  1.00 5.58  ? 9   GLY B HA3  1 
ATOM   410  N N    . PRO B 1 10 ? -5.398  2.140   2.899  1.00 4.97  ? 10  PRO B N    1 
ATOM   411  C CA   . PRO B 1 10 ? -4.043  2.390   3.392  1.00 4.82  ? 10  PRO B CA   1 
ATOM   412  C C    . PRO B 1 10 ? -2.989  1.892   2.429  1.00 4.75  ? 10  PRO B C    1 
ATOM   413  O O    . PRO B 1 10 ? -3.227  0.977   1.665  1.00 5.42  ? 10  PRO B O    1 
ATOM   414  C CB   . PRO B 1 10 ? -4.007  1.627   4.723  1.00 5.77  ? 10  PRO B CB   1 
ATOM   415  C CG   . PRO B 1 10 ? -5.416  1.582   5.159  1.00 5.97  ? 10  PRO B CG   1 
ATOM   416  C CD   . PRO B 1 10 ? -6.204  1.439   3.918  1.00 5.19  ? 10  PRO B CD   1 
ATOM   417  H HA   . PRO B 1 10 ? -3.911  3.337   3.558  1.00 5.78  ? 10  PRO B HA   1 
ATOM   418  H HB2  . PRO B 1 10 ? -3.662  0.732   4.580  1.00 6.92  ? 10  PRO B HB2  1 
ATOM   419  H HB3  . PRO B 1 10 ? -3.462  2.110   5.365  1.00 6.92  ? 10  PRO B HB3  1 
ATOM   420  H HG2  . PRO B 1 10 ? -5.552  0.819   5.742  1.00 7.16  ? 10  PRO B HG2  1 
ATOM   421  H HG3  . PRO B 1 10 ? -5.643  2.408   5.615  1.00 7.16  ? 10  PRO B HG3  1 
ATOM   422  H HD2  . PRO B 1 10 ? -6.298  0.501   3.687  1.00 6.23  ? 10  PRO B HD2  1 
ATOM   423  H HD3  . PRO B 1 10 ? -7.068  1.868   4.018  1.00 6.23  ? 10  PRO B HD3  1 
ATOM   424  N N    . ARG B 1 11 ? -1.805  2.487   2.513  1.00 5.38  ? 11  ARG B N    1 
ATOM   425  C CA   . ARG B 1 11 ? -0.704  1.975   1.720  1.00 6.02  ? 11  ARG B CA   1 
ATOM   426  C C    . ARG B 1 11 ? -0.196  0.669   2.307  1.00 5.18  ? 11  ARG B C    1 
ATOM   427  O O    . ARG B 1 11 ? -0.306  0.383   3.484  1.00 5.18  ? 11  ARG B O    1 
ATOM   428  C CB   . ARG B 1 11 ? 0.428   2.981   1.492  1.00 7.87  ? 11  ARG B CB   1 
ATOM   429  C CG   . ARG B 1 11 ? 1.409   3.117   2.612  1.00 7.74  ? 11  ARG B CG   1 
ATOM   430  C CD   . ARG B 1 11 ? 2.474   4.201   2.370  1.00 7.67  ? 11  ARG B CD   1 
ATOM   431  N NE   . ARG B 1 11 ? 3.242   4.052   1.133  1.00 8.16  ? 11  ARG B NE   1 
ATOM   432  C CZ   . ARG B 1 11 ? 4.353   4.719   0.837  1.00 9.04  ? 11  ARG B CZ   1 
ATOM   433  N NH1  . ARG B 1 11 ? 4.909   4.544   -0.336 1.00 9.00  ? 11  ARG B NH1  1 
ATOM   434  N NH2  . ARG B 1 11 ? 4.924   5.534   1.703  1.00 9.33  ? 11  ARG B NH2  1 
ATOM   435  H H    . ARG B 1 11 ? -1.620  3.168   3.006  1.00 6.46  ? 11  ARG B H    1 
ATOM   436  H HA   . ARG B 1 11 ? -1.058  1.760   0.843  1.00 7.23  ? 11  ARG B HA   1 
ATOM   437  H HB2  . ARG B 1 11 ? 0.923   2.710   0.703  1.00 9.44  ? 11  ARG B HB2  1 
ATOM   438  H HB3  . ARG B 1 11 ? 0.035   3.855   1.343  1.00 9.44  ? 11  ARG B HB3  1 
ATOM   439  H HG2  . ARG B 1 11 ? 0.929   3.346   3.423  1.00 9.29  ? 11  ARG B HG2  1 
ATOM   440  H HG3  . ARG B 1 11 ? 1.868   2.270   2.730  1.00 9.29  ? 11  ARG B HG3  1 
ATOM   441  H HD2  . ARG B 1 11 ? 2.032   5.064   2.337  1.00 9.20  ? 11  ARG B HD2  1 
ATOM   442  H HD3  . ARG B 1 11 ? 3.102   4.187   3.108  1.00 9.20  ? 11  ARG B HD3  1 
ATOM   443  H HE   . ARG B 1 11 ? 2.953   3.487   0.553  1.00 9.79  ? 11  ARG B HE   1 
ATOM   444  H HH11 . ARG B 1 11 ? 4.558   3.999   -0.902 1.00 10.80 ? 11  ARG B HH11 1 
ATOM   445  H HH12 . ARG B 1 11 ? 5.648   4.942   -0.525 1.00 10.80 ? 11  ARG B HH12 1 
ATOM   446  H HH21 . ARG B 1 11 ? 4.560   5.671   2.470  1.00 11.19 ? 11  ARG B HH21 1 
ATOM   447  H HH22 . ARG B 1 11 ? 5.651   5.944   1.493  1.00 11.19 ? 11  ARG B HH22 1 
HETATM 448  C C    . XZA B 1 12 ? 2.031   -1.507  2.504  1.00 4.37  ? 12  XZA B C    1 
HETATM 449  O O    . XZA B 1 12 ? 2.636   -0.535  2.910  1.00 4.21  ? 12  XZA B O    1 
HETATM 450  N NA   . XZA B 1 12 ? 0.849   -1.385  1.764  1.00 5.05  ? 12  XZA B NA   1 
HETATM 451  N N    . XZA B 1 12 ? 0.384   -0.159  1.400  1.00 4.29  ? 12  XZA B N    1 
HETATM 452  H HNA  . XZA B 1 12 ? 0.418   -2.132  1.479  1.00 6.06  ? 12  XZA B HNA  1 
HETATM 453  H H    . XZA B 1 12 ? 0.485   0.130   0.543  1.00 5.15  ? 12  XZA B H    1 
ATOM   454  N N    . PRO B 1 13 ? 2.454   -2.762  2.688  1.00 4.32  ? 13  PRO B N    1 
ATOM   455  C CA   . PRO B 1 13 ? 3.647   -3.035  3.479  1.00 4.66  ? 13  PRO B CA   1 
ATOM   456  C C    . PRO B 1 13 ? 4.910   -2.469  2.880  1.00 4.55  ? 13  PRO B C    1 
ATOM   457  O O    . PRO B 1 13 ? 5.026   -2.400  1.661  1.00 4.62  ? 13  PRO B O    1 
ATOM   458  C CB   . PRO B 1 13 ? 3.710   -4.583  3.487  1.00 5.66  ? 13  PRO B CB   1 
ATOM   459  C CG   . PRO B 1 13 ? 2.263   -4.975  3.352  1.00 6.01  ? 13  PRO B CG   1 
ATOM   460  C CD   . PRO B 1 13 ? 1.684   -3.975  2.394  1.00 5.66  ? 13  PRO B CD   1 
ATOM   461  H HA   . PRO B 1 13 ? 3.540   -2.707  4.386  1.00 5.59  ? 13  PRO B HA   1 
ATOM   462  H HB2  . PRO B 1 13 ? 4.231   -4.900  2.733  1.00 6.79  ? 13  PRO B HB2  1 
ATOM   463  H HB3  . PRO B 1 13 ? 4.082   -4.897  4.327  1.00 6.79  ? 13  PRO B HB3  1 
ATOM   464  H HG2  . PRO B 1 13 ? 2.198   -5.874  2.993  1.00 7.21  ? 13  PRO B HG2  1 
ATOM   465  H HG3  . PRO B 1 13 ? 1.825   -4.917  4.216  1.00 7.21  ? 13  PRO B HG3  1 
ATOM   466  H HD2  . PRO B 1 13 ? 1.831   -4.258  1.478  1.00 6.79  ? 13  PRO B HD2  1 
ATOM   467  H HD3  . PRO B 1 13 ? 0.743   -3.833  2.578  1.00 6.79  ? 13  PRO B HD3  1 
HETATM 468  N N    . HYP B 1 14 ? 5.889   -2.135  3.716  1.00 4.95  ? 14  HYP B N    1 
HETATM 469  C CA   . HYP B 1 14 ? 7.213   -1.871  3.196  1.00 4.30  ? 14  HYP B CA   1 
HETATM 470  C C    . HYP B 1 14 ? 7.698   -3.008  2.296  1.00 3.79  ? 14  HYP B C    1 
HETATM 471  O O    . HYP B 1 14 ? 7.380   -4.181  2.553  1.00 4.43  ? 14  HYP B O    1 
HETATM 472  C CB   . HYP B 1 14 ? 8.075   -1.705  4.434  1.00 5.43  ? 14  HYP B CB   1 
HETATM 473  C CG   . HYP B 1 14 ? 7.103   -1.241  5.470  1.00 5.59  ? 14  HYP B CG   1 
HETATM 474  C CD   . HYP B 1 14 ? 5.863   -2.017  5.169  1.00 5.66  ? 14  HYP B CD   1 
HETATM 475  O OD1  . HYP B 1 14 ? 6.856   0.135   5.267  1.00 5.49  ? 14  HYP B OD1  1 
HETATM 476  H HA   . HYP B 1 14 ? 7.243   -1.089  2.601  1.00 5.16  ? 14  HYP B HA   1 
HETATM 477  H HB2  . HYP B 1 14 ? 8.785   -1.012  4.279  1.00 6.52  ? 14  HYP B HB2  1 
HETATM 478  H HB3  . HYP B 1 14 ? 8.480   -2.570  4.696  1.00 6.52  ? 14  HYP B HB3  1 
HETATM 479  H HG   . HYP B 1 14 ? 7.426   -1.420  6.370  1.00 6.71  ? 14  HYP B HG   1 
HETATM 480  H HD22 . HYP B 1 14 ? 5.884   -2.895  5.592  1.00 6.79  ? 14  HYP B HD22 1 
HETATM 481  H HD23 . HYP B 1 14 ? 5.084   -1.518  5.454  1.00 6.79  ? 14  HYP B HD23 1 
HETATM 482  H HD1  . HYP B 1 14 ? 6.263   0.422   5.870  1.00 6.59  ? 14  HYP B HD1  1 
ATOM   483  N N    . GLY B 1 15 ? 8.505   -2.718  1.288  1.00 3.77  ? 15  GLY B N    1 
ATOM   484  C CA   . GLY B 1 15 ? 9.041   -3.740  0.400  1.00 3.69  ? 15  GLY B CA   1 
ATOM   485  C C    . GLY B 1 15 ? 10.036  -4.634  1.129  1.00 4.16  ? 15  GLY B C    1 
ATOM   486  O O    . GLY B 1 15 ? 10.458  -4.411  2.287  1.00 4.79  ? 15  GLY B O    1 
ATOM   487  H H    . GLY B 1 15 ? 8.763   -1.921  1.092  1.00 4.53  ? 15  GLY B H    1 
ATOM   488  H HA2  . GLY B 1 15 ? 8.318   -4.289  0.060  1.00 4.43  ? 15  GLY B HA2  1 
ATOM   489  H HA3  . GLY B 1 15 ? 9.492   -3.319  -0.349 1.00 4.43  ? 15  GLY B HA3  1 
ATOM   490  N N    . PRO B 1 16 ? 10.476  -5.682  0.412  1.00 5.25  ? 16  PRO B N    1 
ATOM   491  C CA   . PRO B 1 16 ? 11.467  -6.582  0.960  1.00 6.22  ? 16  PRO B CA   1 
ATOM   492  C C    . PRO B 1 16 ? 12.835  -5.902  1.162  1.00 5.11  ? 16  PRO B C    1 
ATOM   493  O O    . PRO B 1 16 ? 13.180  -4.917  0.528  1.00 4.73  ? 16  PRO B O    1 
ATOM   494  C CB   . PRO B 1 16 ? 11.595  -7.649  -0.145 1.00 8.10  ? 16  PRO B CB   1 
ATOM   495  C CG   . PRO B 1 16 ? 10.448  -7.510  -1.026 1.00 8.85  ? 16  PRO B CG   1 
ATOM   496  C CD   . PRO B 1 16 ? 10.022  -6.108  -0.921 1.00 6.66  ? 16  PRO B CD   1 
ATOM   497  H HA   . PRO B 1 16 ? 11.162  -6.987  1.786  1.00 7.46  ? 16  PRO B HA   1 
ATOM   498  H HB2  . PRO B 1 16 ? 12.416  -7.501  -0.638 1.00 9.72  ? 16  PRO B HB2  1 
ATOM   499  H HB3  . PRO B 1 16 ? 11.600  -8.530  0.261  1.00 9.72  ? 16  PRO B HB3  1 
ATOM   500  H HG2  . PRO B 1 16 ? 10.711  -7.718  -1.936 1.00 10.62 ? 16  PRO B HG2  1 
ATOM   501  H HG3  . PRO B 1 16 ? 9.739   -8.103  -0.732 1.00 10.62 ? 16  PRO B HG3  1 
ATOM   502  H HD2  . PRO B 1 16 ? 10.451  -5.575  -1.607 1.00 7.99  ? 16  PRO B HD2  1 
ATOM   503  H HD3  . PRO B 1 16 ? 9.055   -6.046  -0.981 1.00 7.99  ? 16  PRO B HD3  1 
HETATM 504  N N    . HYP B 1 17 ? 13.657  -6.505  2.022  1.00 5.84  ? 17  HYP B N    1 
HETATM 505  C CA   . HYP B 1 17 ? 15.050  -6.098  2.117  1.00 5.98  ? 17  HYP B CA   1 
HETATM 506  C C    . HYP B 1 17 ? 15.756  -6.156  0.757  1.00 6.01  ? 17  HYP B C    1 
HETATM 507  O O    . HYP B 1 17 ? 15.462  -7.007  -0.063 1.00 6.29  ? 17  HYP B O    1 
HETATM 508  C CB   . HYP B 1 17 ? 15.704  -7.046  3.109  1.00 7.89  ? 17  HYP B CB   1 
HETATM 509  C CG   . HYP B 1 17 ? 14.524  -7.573  3.879  1.00 9.01  ? 17  HYP B CG   1 
HETATM 510  C CD   . HYP B 1 17 ? 13.440  -7.677  2.878  1.00 7.86  ? 17  HYP B CD   1 
HETATM 511  O OD1  . HYP B 1 17 ? 14.104  -6.641  4.843  1.00 10.77 ? 17  HYP B OD1  1 
HETATM 512  H HA   . HYP B 1 17 ? 15.153  -5.154  2.372  1.00 7.18  ? 17  HYP B HA   1 
HETATM 513  H HB2  . HYP B 1 17 ? 16.332  -6.549  3.716  1.00 9.47  ? 17  HYP B HB2  1 
HETATM 514  H HB3  . HYP B 1 17 ? 16.175  -7.779  2.638  1.00 9.47  ? 17  HYP B HB3  1 
HETATM 515  H HG   . HYP B 1 17 ? 14.718  -8.438  4.281  1.00 10.82 ? 17  HYP B HG   1 
HETATM 516  H HD22 . HYP B 1 17 ? 13.508  -8.503  2.364  1.00 9.44  ? 17  HYP B HD22 1 
HETATM 517  H HD23 . HYP B 1 17 ? 12.579  -7.619  3.317  1.00 9.44  ? 17  HYP B HD23 1 
HETATM 518  H HD1  . HYP B 1 17 ? 14.758  -6.514  5.439  1.00 12.92 ? 17  HYP B HD1  1 
ATOM   519  N N    . GLY B 1 18 ? 16.684  -5.250  0.548  1.00 5.57  ? 18  GLY B N    1 
ATOM   520  C CA   . GLY B 1 18 ? 17.471  -5.278  -0.662 1.00 5.69  ? 18  GLY B CA   1 
ATOM   521  C C    . GLY B 1 18 ? 18.430  -6.442  -0.708 1.00 6.47  ? 18  GLY B C    1 
ATOM   522  O O    . GLY B 1 18 ? 18.586  -7.195  0.264  1.00 7.12  ? 18  GLY B O    1 
ATOM   523  H H    . GLY B 1 18 ? 16.880  -4.610  1.087  1.00 6.69  ? 18  GLY B H    1 
ATOM   524  H HA2  . GLY B 1 18 ? 16.880  -5.339  -1.429 1.00 6.82  ? 18  GLY B HA2  1 
ATOM   525  H HA3  . GLY B 1 18 ? 17.982  -4.457  -0.733 1.00 6.82  ? 18  GLY B HA3  1 
ATOM   526  N N    . PRO B 1 19 ? 19.109  -6.601  -1.838 1.00 7.28  ? 19  PRO B N    1 
ATOM   527  C CA   . PRO B 1 19 ? 20.163  -7.610  -1.947 1.00 8.49  ? 19  PRO B CA   1 
ATOM   528  C C    . PRO B 1 19 ? 21.326  -7.326  -1.013 1.00 8.08  ? 19  PRO B C    1 
ATOM   529  O O    . PRO B 1 19 ? 21.548  -6.228  -0.553 1.00 8.72  ? 19  PRO B O    1 
ATOM   530  C CB   . PRO B 1 19 ? 20.633  -7.477  -3.407 1.00 10.12 ? 19  PRO B CB   1 
ATOM   531  C CG   . PRO B 1 19 ? 19.654  -6.665  -4.076 1.00 10.10 ? 19  PRO B CG   1 
ATOM   532  C CD   . PRO B 1 19 ? 18.978  -5.816  -3.073 1.00 7.93  ? 19  PRO B CD   1 
ATOM   533  H HA   . PRO B 1 19 ? 19.813  -8.500  -1.788 1.00 10.19 ? 19  PRO B HA   1 
ATOM   534  H HB2  . PRO B 1 19 ? 21.502  -7.047  -3.429 1.00 12.14 ? 19  PRO B HB2  1 
ATOM   535  H HB3  . PRO B 1 19 ? 20.679  -8.357  -3.813 1.00 12.14 ? 19  PRO B HB3  1 
ATOM   536  H HG2  . PRO B 1 19 ? 20.100  -6.110  -4.735 1.00 12.12 ? 19  PRO B HG2  1 
ATOM   537  H HG3  . PRO B 1 19 ? 19.008  -7.243  -4.511 1.00 12.12 ? 19  PRO B HG3  1 
ATOM   538  H HD2  . PRO B 1 19 ? 19.435  -4.964  -2.985 1.00 9.52  ? 19  PRO B HD2  1 
ATOM   539  H HD3  . PRO B 1 19 ? 18.043  -5.698  -3.302 1.00 9.52  ? 19  PRO B HD3  1 
HETATM 540  N N    . HYP B 1 20 ? 22.128  -8.365  -0.789 1.00 10.58 ? 20  HYP B N    1 
HETATM 541  C CA   . HYP B 1 20 ? 23.390  -8.226  -0.059 1.00 13.00 ? 20  HYP B CA   1 
HETATM 542  C C    . HYP B 1 20 ? 24.269  -7.079  -0.605 1.00 13.70 ? 20  HYP B C    1 
HETATM 543  O O    . HYP B 1 20 ? 24.324  -6.894  -1.857 1.00 13.01 ? 20  HYP B O    1 
HETATM 544  C CB   . HYP B 1 20 ? 24.097  -9.558  -0.208 1.00 13.79 ? 20  HYP B CB   1 
HETATM 545  C CG   . HYP B 1 20 ? 22.972  -10.509 -0.383 1.00 13.54 ? 20  HYP B CG   1 
HETATM 546  C CD   . HYP B 1 20 ? 21.974  -9.753  -1.199 1.00 12.40 ? 20  HYP B CD   1 
HETATM 547  O OD1  . HYP B 1 20 ? 22.409  -10.783 0.877  1.00 14.47 ? 20  HYP B OD1  1 
HETATM 548  H HA   . HYP B 1 20 ? 23.259  -7.969  0.881  1.00 15.61 ? 20  HYP B HA   1 
HETATM 549  H HB2  . HYP B 1 20 ? 24.621  -9.775  0.622  1.00 16.54 ? 20  HYP B HB2  1 
HETATM 550  H HB3  . HYP B 1 20 ? 24.684  -9.558  -1.005 1.00 16.54 ? 20  HYP B HB3  1 
HETATM 551  H HG   . HYP B 1 20 ? 23.259  -11.324 -0.833 1.00 16.25 ? 20  HYP B HG   1 
HETATM 552  H HD22 . HYP B 1 20 ? 22.154  -9.852  -2.151 1.00 14.88 ? 20  HYP B HD22 1 
HETATM 553  H HD23 . HYP B 1 20 ? 21.079  -10.063 -0.992 1.00 14.88 ? 20  HYP B HD23 1 
HETATM 554  H HD1  . HYP B 1 20 ? 23.039  -11.107 1.422  1.00 17.36 ? 20  HYP B HD1  1 
ATOM   555  N N    . GLY B 1 21 ? 24.920  -6.339  0.293  1.00 14.03 ? 21  GLY B N    1 
ATOM   556  C CA   . GLY B 1 21 ? 25.944  -5.382  -0.091 1.00 13.78 ? 21  GLY B CA   1 
ATOM   557  C C    . GLY B 1 21 ? 27.073  -6.077  -0.829 1.00 13.17 ? 21  GLY B C    1 
ATOM   558  O O    . GLY B 1 21 ? 27.252  -7.290  -0.679 1.00 13.95 ? 21  GLY B O    1 
ATOM   559  H H    . GLY B 1 21 ? 24.781  -6.376  1.141  1.00 16.83 ? 21  GLY B H    1 
ATOM   560  H HA2  . GLY B 1 21 ? 25.562  -4.704  -0.671 1.00 16.53 ? 21  GLY B HA2  1 
ATOM   561  H HA3  . GLY B 1 21 ? 26.305  -4.951  0.700  1.00 16.53 ? 21  GLY B HA3  1 
ATOM   562  N N    . PRO B 1 22 ? 27.859  -5.324  -1.622 1.00 12.34 ? 22  PRO B N    1 
ATOM   563  C CA   . PRO B 1 22 ? 28.970  -5.935  -2.350 1.00 13.56 ? 22  PRO B CA   1 
ATOM   564  C C    . PRO B 1 22 ? 30.131  -6.256  -1.404 1.00 15.20 ? 22  PRO B C    1 
ATOM   565  O O    . PRO B 1 22 ? 30.376  -5.505  -0.453 1.00 16.31 ? 22  PRO B O    1 
ATOM   566  C CB   . PRO B 1 22 ? 29.373  -4.856  -3.352 1.00 13.29 ? 22  PRO B CB   1 
ATOM   567  C CG   . PRO B 1 22 ? 28.975  -3.575  -2.689 1.00 12.22 ? 22  PRO B CG   1 
ATOM   568  C CD   . PRO B 1 22 ? 27.715  -3.887  -1.917 1.00 11.68 ? 22  PRO B CD   1 
ATOM   569  H HA   . PRO B 1 22 ? 28.685  -6.736  -2.818 1.00 16.27 ? 22  PRO B HA   1 
ATOM   570  H HB2  . PRO B 1 22 ? 30.331  -4.885  -3.500 1.00 15.95 ? 22  PRO B HB2  1 
ATOM   571  H HB3  . PRO B 1 22 ? 28.890  -4.979  -4.183 1.00 15.95 ? 22  PRO B HB3  1 
ATOM   572  H HG2  . PRO B 1 22 ? 29.680  -3.286  -2.089 1.00 14.66 ? 22  PRO B HG2  1 
ATOM   573  H HG3  . PRO B 1 22 ? 28.803  -2.900  -3.364 1.00 14.66 ? 22  PRO B HG3  1 
ATOM   574  H HD2  . PRO B 1 22 ? 27.685  -3.373  -1.095 1.00 14.02 ? 22  PRO B HD2  1 
ATOM   575  H HD3  . PRO B 1 22 ? 26.932  -3.730  -2.467 1.00 14.02 ? 22  PRO B HD3  1 
HETATM 576  N N    . HYP B 1 23 ? 30.834  -7.349  -1.668 1.00 17.56 ? 23  HYP B N    1 
HETATM 577  C CA   . HYP B 1 23 ? 31.959  -7.753  -0.847 1.00 18.44 ? 23  HYP B CA   1 
HETATM 578  C C    . HYP B 1 23 ? 33.162  -6.801  -1.015 1.00 17.92 ? 23  HYP B C    1 
HETATM 579  O O    . HYP B 1 23 ? 33.318  -6.148  -2.096 1.00 17.33 ? 23  HYP B O    1 
HETATM 580  C CB   . HYP B 1 23 ? 32.287  -9.170  -1.263 1.00 21.61 ? 23  HYP B CB   1 
HETATM 581  C CG   . HYP B 1 23 ? 31.832  -9.229  -2.673 1.00 23.70 ? 23  HYP B CG   1 
HETATM 582  C CD   . HYP B 1 23 ? 30.628  -8.351  -2.704 1.00 20.70 ? 23  HYP B CD   1 
HETATM 583  O OD1  . HYP B 1 23 ? 31.487  -10.546 -3.019 1.00 26.88 ? 23  HYP B OD1  1 
HETATM 584  H HA   . HYP B 1 23 ? 31.766  -7.681  0.115  1.00 22.13 ? 23  HYP B HA   1 
HETATM 585  H HB2  . HYP B 1 23 ? 31.780  -9.829  -0.698 1.00 25.93 ? 23  HYP B HB2  1 
HETATM 586  H HB3  . HYP B 1 23 ? 33.261  -9.334  -1.202 1.00 25.93 ? 23  HYP B HB3  1 
HETATM 587  H HG   . HYP B 1 23 ? 32.520  -8.886  -3.270 1.00 28.44 ? 23  HYP B HG   1 
HETATM 588  H HD22 . HYP B 1 23 ? 30.543  -7.923  -3.576 1.00 24.84 ? 23  HYP B HD22 1 
HETATM 589  H HD23 . HYP B 1 23 ? 29.835  -8.870  -2.509 1.00 24.84 ? 23  HYP B HD23 1 
HETATM 590  H HD1  . HYP B 1 23 ? 31.274  -10.581 -3.887 1.00 32.25 ? 23  HYP B HD1  1 
ATOM   591  N N    . GLY B 1 24 ? 33.991  -6.707  0.018  1.00 18.07 ? 24  GLY B N    1 
ATOM   592  C CA   . GLY B 1 24 ? 35.261  -6.011  -0.090 1.00 18.46 ? 24  GLY B CA   1 
ATOM   593  C C    . GLY B 1 24 ? 36.268  -6.594  0.879  1.00 20.71 ? 24  GLY B C    1 
ATOM   594  O O    . GLY B 1 24 ? 35.891  -7.245  1.844  1.00 22.70 ? 24  GLY B O    1 
ATOM   595  H H    . GLY B 1 24 ? 33.839  -7.040  0.796  1.00 21.68 ? 24  GLY B H    1 
ATOM   596  H HA2  . GLY B 1 24 ? 35.608  -6.096  -0.992 1.00 22.15 ? 24  GLY B HA2  1 
ATOM   597  H HA3  . GLY B 1 24 ? 35.141  -5.070  0.112  1.00 22.15 ? 24  GLY B HA3  1 
HETATM 598  N N    . NH2 B 1 25 ? 37.547  -6.343  0.635  1.00 20.92 ? 25  NH2 B N    1 
ATOM   599  N N    . PRO C 1 1  ? -34.592 5.945   4.204  1.00 26.08 ? 1   PRO C N    1 
ATOM   600  C CA   . PRO C 1 1  ? -34.632 7.183   3.437  1.00 24.25 ? 1   PRO C CA   1 
ATOM   601  C C    . PRO C 1 1  ? -33.401 7.428   2.528  1.00 19.97 ? 1   PRO C C    1 
ATOM   602  O O    . PRO C 1 1  ? -33.581 7.346   1.321  1.00 19.72 ? 1   PRO C O    1 
ATOM   603  C CB   . PRO C 1 1  ? -34.854 8.222   4.538  1.00 27.60 ? 1   PRO C CB   1 
ATOM   604  C CG   . PRO C 1 1  ? -35.653 7.486   5.619  1.00 28.93 ? 1   PRO C CG   1 
ATOM   605  C CD   . PRO C 1 1  ? -35.559 6.011   5.317  1.00 28.00 ? 1   PRO C CD   1 
ATOM   606  H H2   . PRO C 1 1  ? -33.717 5.832   4.582  1.00 31.29 ? 1   PRO C H2   1 
ATOM   607  H H3   . PRO C 1 1  ? -34.798 5.193   3.645  1.00 31.29 ? 1   PRO C H3   1 
ATOM   608  H HA   . PRO C 1 1  ? -35.419 7.176   2.872  1.00 29.10 ? 1   PRO C HA   1 
ATOM   609  H HB2  . PRO C 1 1  ? -33.999 8.519   4.887  1.00 33.12 ? 1   PRO C HB2  1 
ATOM   610  H HB3  . PRO C 1 1  ? -35.360 8.970   4.186  1.00 33.12 ? 1   PRO C HB3  1 
ATOM   611  H HG2  . PRO C 1 1  ? -35.268 7.676   6.489  1.00 34.71 ? 1   PRO C HG2  1 
ATOM   612  H HG3  . PRO C 1 1  ? -36.578 7.778   5.589  1.00 34.71 ? 1   PRO C HG3  1 
ATOM   613  H HD2  . PRO C 1 1  ? -35.221 5.530   6.088  1.00 33.60 ? 1   PRO C HD2  1 
ATOM   614  H HD3  . PRO C 1 1  ? -36.422 5.669   5.034  1.00 33.60 ? 1   PRO C HD3  1 
HETATM 615  N N    . HYP C 1 2  ? -32.203 7.681   3.045  1.00 16.59 ? 2   HYP C N    1 
HETATM 616  C CA   . HYP C 1 2  ? -31.054 7.752   2.150  1.00 13.88 ? 2   HYP C CA   1 
HETATM 617  C C    . HYP C 1 2  ? -30.837 6.423   1.395  1.00 11.20 ? 2   HYP C C    1 
HETATM 618  O O    . HYP C 1 2  ? -31.264 5.334   1.867  1.00 11.62 ? 2   HYP C O    1 
HETATM 619  C CB   . HYP C 1 2  ? -29.834 8.021   3.003  1.00 14.44 ? 2   HYP C CB   1 
HETATM 620  C CG   . HYP C 1 2  ? -30.431 8.686   4.188  1.00 16.76 ? 2   HYP C CG   1 
HETATM 621  C CD   . HYP C 1 2  ? -31.670 7.911   4.389  1.00 17.46 ? 2   HYP C CD   1 
HETATM 622  O OD1  . HYP C 1 2  ? -30.787 10.018  3.916  1.00 18.63 ? 2   HYP C OD1  1 
HETATM 623  H HA   . HYP C 1 2  ? -31.168 8.405   1.422  1.00 16.66 ? 2   HYP C HA   1 
HETATM 624  H HB2  . HYP C 1 2  ? -29.196 8.636   2.530  1.00 17.32 ? 2   HYP C HB2  1 
HETATM 625  H HB3  . HYP C 1 2  ? -29.388 7.175   3.258  1.00 17.32 ? 2   HYP C HB3  1 
HETATM 626  H HG   . HYP C 1 2  ? -29.846 8.624   4.964  1.00 20.12 ? 2   HYP C HG   1 
HETATM 627  H HD22 . HYP C 1 2  ? -31.484 7.063   4.834  1.00 20.95 ? 2   HYP C HD22 1 
HETATM 628  H HD23 . HYP C 1 2  ? -32.298 8.430   4.909  1.00 20.95 ? 2   HYP C HD23 1 
HETATM 629  H HD1  . HYP C 1 2  ? -31.393 10.292  4.512  1.00 22.35 ? 2   HYP C HD1  1 
ATOM   630  N N    . GLY C 1 3  ? -30.151 6.465   0.262  1.00 8.73  ? 3   GLY C N    1 
ATOM   631  C CA   . GLY C 1 3  ? -29.754 5.229   -0.384 1.00 8.21  ? 3   GLY C CA   1 
ATOM   632  C C    . GLY C 1 3  ? -28.743 4.476   0.459  1.00 6.95  ? 3   GLY C C    1 
ATOM   633  O O    . GLY C 1 3  ? -28.148 5.042   1.399  1.00 8.00  ? 3   GLY C O    1 
ATOM   634  H H    . GLY C 1 3  ? -29.909 7.183   -0.146 1.00 10.48 ? 3   GLY C H    1 
ATOM   635  H HA2  . GLY C 1 3  ? -30.531 4.665   -0.519 1.00 9.85  ? 3   GLY C HA2  1 
ATOM   636  H HA3  . GLY C 1 3  ? -29.356 5.424   -1.248 1.00 9.85  ? 3   GLY C HA3  1 
ATOM   637  N N    . PRO C 1 4  ? -28.452 3.211   0.075  1.00 6.55  ? 4   PRO C N    1 
ATOM   638  C CA   . PRO C 1 4  ? -27.436 2.446   0.809  1.00 6.56  ? 4   PRO C CA   1 
ATOM   639  C C    . PRO C 1 4  ? -26.055 3.071   0.694  1.00 5.82  ? 4   PRO C C    1 
ATOM   640  O O    . PRO C 1 4  ? -25.743 3.751   -0.282 1.00 6.23  ? 4   PRO C O    1 
ATOM   641  C CB   . PRO C 1 4  ? -27.467 1.075   0.137  1.00 7.86  ? 4   PRO C CB   1 
ATOM   642  C CG   . PRO C 1 4  ? -28.821 1.009   -0.547 1.00 8.80  ? 4   PRO C CG   1 
ATOM   643  C CD   . PRO C 1 4  ? -29.073 2.407   -0.983 1.00 7.04  ? 4   PRO C CD   1 
ATOM   644  H HA   . PRO C 1 4  ? -27.681 2.358   1.744  1.00 7.88  ? 4   PRO C HA   1 
ATOM   645  H HB2  . PRO C 1 4  ? -26.750 1.013   -0.513 1.00 9.43  ? 4   PRO C HB2  1 
ATOM   646  H HB3  . PRO C 1 4  ? -27.385 0.379   0.807  1.00 9.43  ? 4   PRO C HB3  1 
ATOM   647  H HG2  . PRO C 1 4  ? -28.776 0.411   -1.310 1.00 10.56 ? 4   PRO C HG2  1 
ATOM   648  H HG3  . PRO C 1 4  ? -29.496 0.717   0.085  1.00 10.56 ? 4   PRO C HG3  1 
ATOM   649  H HD2  . PRO C 1 4  ? -28.643 2.579   -1.835 1.00 8.45  ? 4   PRO C HD2  1 
ATOM   650  H HD3  . PRO C 1 4  ? -30.027 2.581   -1.025 1.00 8.45  ? 4   PRO C HD3  1 
HETATM 651  N N    . HYP C 1 5  ? -25.186 2.793   1.659  1.00 5.52  ? 5   HYP C N    1 
HETATM 652  C CA   . HYP C 1 5  ? -23.795 3.217   1.553  1.00 5.70  ? 5   HYP C CA   1 
HETATM 653  C C    . HYP C 1 5  ? -23.126 2.638   0.307  1.00 5.18  ? 5   HYP C C    1 
HETATM 654  O O    . HYP C 1 5  ? -23.437 1.520   -0.097 1.00 6.23  ? 5   HYP C O    1 
HETATM 655  C CB   . HYP C 1 5  ? -23.127 2.730   2.836  1.00 6.20  ? 5   HYP C CB   1 
HETATM 656  C CG   . HYP C 1 5  ? -24.267 2.552   3.765  1.00 6.75  ? 5   HYP C CG   1 
HETATM 657  C CD   . HYP C 1 5  ? -25.358 2.026   2.885  1.00 6.57  ? 5   HYP C CD   1 
HETATM 658  O OD1  . HYP C 1 5  ? -24.679 3.794   4.317  1.00 8.40  ? 5   HYP C OD1  1 
HETATM 659  H HA   . HYP C 1 5  ? -23.701 4.187   1.419  1.00 6.84  ? 5   HYP C HA   1 
HETATM 660  H HB2  . HYP C 1 5  ? -22.489 3.424   3.187  1.00 7.44  ? 5   HYP C HB2  1 
HETATM 661  H HB3  . HYP C 1 5  ? -22.660 1.871   2.684  1.00 7.44  ? 5   HYP C HB3  1 
HETATM 662  H HG   . HYP C 1 5  ? -24.049 1.912   4.467  1.00 8.10  ? 5   HYP C HG   1 
HETATM 663  H HD22 . HYP C 1 5  ? -25.253 1.071   2.719  1.00 7.89  ? 5   HYP C HD22 1 
HETATM 664  H HD23 . HYP C 1 5  ? -26.221 2.212   3.281  1.00 7.89  ? 5   HYP C HD23 1 
HETATM 665  H HD1  . HYP C 1 5  ? -25.535 3.943   4.109  1.00 10.08 ? 5   HYP C HD1  1 
ATOM   666  N N    . GLY C 1 6  ? -22.177 3.373   -0.246 1.00 5.10  ? 6   GLY C N    1 
ATOM   667  C CA   . GLY C 1 6  ? -21.427 2.916   -1.385 1.00 5.61  ? 6   GLY C CA   1 
ATOM   668  C C    . GLY C 1 6  ? -20.467 1.790   -1.032 1.00 5.39  ? 6   GLY C C    1 
ATOM   669  O O    . GLY C 1 6  ? -20.293 1.404   0.125  1.00 4.81  ? 6   GLY C O    1 
ATOM   670  H H    . GLY C 1 6  ? -21.948 4.154   0.031  1.00 6.12  ? 6   GLY C H    1 
ATOM   671  H HA2  . GLY C 1 6  ? -22.038 2.597   -2.068 1.00 6.73  ? 6   GLY C HA2  1 
ATOM   672  H HA3  . GLY C 1 6  ? -20.914 3.654   -1.751 1.00 6.73  ? 6   GLY C HA3  1 
ATOM   673  N N    . PRO C 1 7  ? -19.831 1.223   -2.048 1.00 6.46  ? 7   PRO C N    1 
ATOM   674  C CA   . PRO C 1 7  ? -18.902 0.118   -1.805 1.00 6.94  ? 7   PRO C CA   1 
ATOM   675  C C    . PRO C 1 7  ? -17.583 0.628   -1.289 1.00 5.33  ? 7   PRO C C    1 
ATOM   676  O O    . PRO C 1 7  ? -17.309 1.828   -1.335 1.00 5.21  ? 7   PRO C O    1 
ATOM   677  C CB   . PRO C 1 7  ? -18.799 -0.553  -3.151 1.00 8.58  ? 7   PRO C CB   1 
ATOM   678  C CG   . PRO C 1 7  ? -18.951 0.568   -4.077 1.00 8.43  ? 7   PRO C CG   1 
ATOM   679  C CD   . PRO C 1 7  ? -20.003 1.494   -3.480 1.00 6.97  ? 7   PRO C CD   1 
ATOM   680  H HA   . PRO C 1 7  ? -19.279 -0.505  -1.165 1.00 8.33  ? 7   PRO C HA   1 
ATOM   681  H HB2  . PRO C 1 7  ? -17.931 -0.973  -3.250 1.00 10.30 ? 7   PRO C HB2  1 
ATOM   682  H HB3  . PRO C 1 7  ? -19.517 -1.197  -3.260 1.00 10.30 ? 7   PRO C HB3  1 
ATOM   683  H HG2  . PRO C 1 7  ? -18.103 1.031   -4.164 1.00 10.12 ? 7   PRO C HG2  1 
ATOM   684  H HG3  . PRO C 1 7  ? -19.245 0.235   -4.940 1.00 10.12 ? 7   PRO C HG3  1 
ATOM   685  H HD2  . PRO C 1 7  ? -19.803 2.420   -3.683 1.00 8.36  ? 7   PRO C HD2  1 
ATOM   686  H HD3  . PRO C 1 7  ? -20.892 1.240   -3.773 1.00 8.36  ? 7   PRO C HD3  1 
HETATM 687  N N    . HYP C 1 8  ? -16.759 -0.292  -0.812 1.00 5.76  ? 8   HYP C N    1 
HETATM 688  C CA   . HYP C 1 8  ? -15.431 0.058   -0.344 1.00 5.15  ? 8   HYP C CA   1 
HETATM 689  C C    . HYP C 1 8  ? -14.613 0.733   -1.466 1.00 5.01  ? 8   HYP C C    1 
HETATM 690  O O    . HYP C 1 8  ? -14.772 0.417   -2.679 1.00 6.22  ? 8   HYP C O    1 
HETATM 691  C CB   . HYP C 1 8  ? -14.816 -1.238  0.148  1.00 5.51  ? 8   HYP C CB   1 
HETATM 692  C CG   . HYP C 1 8  ? -15.995 -2.112  0.391  1.00 6.38  ? 8   HYP C CG   1 
HETATM 693  C CD   . HYP C 1 8  ? -16.965 -1.716  -0.656 1.00 6.34  ? 8   HYP C CD   1 
HETATM 694  O OD1  . HYP C 1 8  ? -16.562 -1.795  1.652  1.00 6.27  ? 8   HYP C OD1  1 
HETATM 695  H HA   . HYP C 1 8  ? -15.448 0.753   0.353  1.00 6.18  ? 8   HYP C HA   1 
HETATM 696  H HB2  . HYP C 1 8  ? -14.307 -1.085  1.001  1.00 6.61  ? 8   HYP C HB2  1 
HETATM 697  H HB3  . HYP C 1 8  ? -14.227 -1.630  -0.544 1.00 6.61  ? 8   HYP C HB3  1 
HETATM 698  H HG   . HYP C 1 8  ? -15.763 -3.054  0.326  1.00 7.66  ? 8   HYP C HG   1 
HETATM 699  H HD22 . HYP C 1 8  ? -16.790 -2.184  -1.494 1.00 7.61  ? 8   HYP C HD22 1 
HETATM 700  H HD23 . HYP C 1 8  ? -17.867 -1.892  -0.352 1.00 7.61  ? 8   HYP C HD23 1 
HETATM 701  H HD1  . HYP C 1 8  ? -15.984 -2.007  2.300  1.00 7.53  ? 8   HYP C HD1  1 
ATOM   702  N N    . GLY C 1 9  ? -13.743 1.661   -1.083 1.00 4.85  ? 9   GLY C N    1 
ATOM   703  C CA   . GLY C 1 9  ? -12.865 2.269   -2.048 1.00 5.30  ? 9   GLY C CA   1 
ATOM   704  C C    . GLY C 1 9  ? -11.896 1.305   -2.665 1.00 4.39  ? 9   GLY C C    1 
ATOM   705  O O    . GLY C 1 9  ? -11.750 0.152   -2.197 1.00 4.70  ? 9   GLY C O    1 
ATOM   706  H H    . GLY C 1 9  ? -13.649 1.949   -0.279 1.00 5.82  ? 9   GLY C H    1 
ATOM   707  H HA2  . GLY C 1 9  ? -13.394 2.663   -2.758 1.00 6.36  ? 9   GLY C HA2  1 
ATOM   708  H HA3  . GLY C 1 9  ? -12.358 2.975   -1.617 1.00 6.36  ? 9   GLY C HA3  1 
ATOM   709  N N    . PRO C 1 10 ? -11.137 1.770   -3.650 1.00 4.56  ? 10  PRO C N    1 
ATOM   710  C CA   . PRO C 1 10 ? -10.071 0.968   -4.227 1.00 4.86  ? 10  PRO C CA   1 
ATOM   711  C C    . PRO C 1 10 ? -9.058  0.571   -3.170 1.00 4.37  ? 10  PRO C C    1 
ATOM   712  O O    . PRO C 1 10 ? -8.867  1.240   -2.153 1.00 4.66  ? 10  PRO C O    1 
ATOM   713  C CB   . PRO C 1 10 ? -9.425  1.912   -5.270 1.00 5.96  ? 10  PRO C CB   1 
ATOM   714  C CG   . PRO C 1 10 ? -10.479 2.881   -5.570 1.00 6.60  ? 10  PRO C CG   1 
ATOM   715  C CD   . PRO C 1 10 ? -11.234 3.095   -4.285 1.00 5.39  ? 10  PRO C CD   1 
ATOM   716  H HA   . PRO C 1 10 ? -10.424 0.179   -4.666 1.00 5.83  ? 10  PRO C HA   1 
ATOM   717  H HB2  . PRO C 1 10 ? -8.650  2.350   -4.884 1.00 7.15  ? 10  PRO C HB2  1 
ATOM   718  H HB3  . PRO C 1 10 ? -9.180  1.409   -6.063 1.00 7.15  ? 10  PRO C HB3  1 
ATOM   719  H HG2  . PRO C 1 10 ? -10.078 3.712   -5.872 1.00 7.92  ? 10  PRO C HG2  1 
ATOM   720  H HG3  . PRO C 1 10 ? -11.066 2.520   -6.252 1.00 7.92  ? 10  PRO C HG3  1 
ATOM   721  H HD2  . PRO C 1 10 ? -10.797 3.768   -3.740 1.00 6.47  ? 10  PRO C HD2  1 
ATOM   722  H HD3  . PRO C 1 10 ? -12.160 3.321   -4.465 1.00 6.47  ? 10  PRO C HD3  1 
ATOM   723  N N    . ARG C 1 11 ? -8.347  -0.496  -3.435 1.00 4.49  ? 11  ARG C N    1 
ATOM   724  C CA   . ARG C 1 11 ? -7.214  -0.879  -2.636 1.00 4.63  ? 11  ARG C CA   1 
ATOM   725  C C    . ARG C 1 11 ? -6.204  0.268   -2.645 1.00 5.06  ? 11  ARG C C    1 
ATOM   726  O O    . ARG C 1 11 ? -5.992  0.938   -3.655 1.00 6.12  ? 11  ARG C O    1 
ATOM   727  C CB   . ARG C 1 11 ? -6.616  -2.138  -3.237 1.00 6.51  ? 11  ARG C CB   1 
ATOM   728  C CG   . ARG C 1 11 ? -5.543  -2.738  -2.401 1.00 6.18  ? 11  ARG C CG   1 
ATOM   729  C CD   . ARG C 1 11 ? -5.079  -4.083  -2.944 1.00 6.49  ? 11  ARG C CD   1 
ATOM   730  N NE   . ARG C 1 11 ? -4.100  -4.638  -2.053 1.00 6.70  ? 11  ARG C NE   1 
ATOM   731  C CZ   . ARG C 1 11 ? -3.318  -5.642  -2.344 1.00 6.62  ? 11  ARG C CZ   1 
ATOM   732  N NH1  . ARG C 1 11 ? -3.371  -6.219  -3.537 1.00 7.01  ? 11  ARG C NH1  1 
ATOM   733  N NH2  . ARG C 1 11 ? -2.442  -6.035  -1.436 1.00 6.52  ? 11  ARG C NH2  1 
ATOM   734  H H    . ARG C 1 11 ? -8.506  -1.031  -4.091 1.00 5.39  ? 11  ARG C H    1 
ATOM   735  H HA   . ARG C 1 11 ? -7.490  -1.058  -1.723 1.00 5.56  ? 11  ARG C HA   1 
ATOM   736  H HB2  . ARG C 1 11 ? -7.318  -2.799  -3.342 1.00 7.81  ? 11  ARG C HB2  1 
ATOM   737  H HB3  . ARG C 1 11 ? -6.235  -1.922  -4.103 1.00 7.81  ? 11  ARG C HB3  1 
ATOM   738  H HG2  . ARG C 1 11 ? -4.780  -2.140  -2.384 1.00 7.42  ? 11  ARG C HG2  1 
ATOM   739  H HG3  . ARG C 1 11 ? -5.879  -2.876  -1.502 1.00 7.42  ? 11  ARG C HG3  1 
ATOM   740  H HD2  . ARG C 1 11 ? -5.832  -4.691  -2.997 1.00 7.79  ? 11  ARG C HD2  1 
ATOM   741  H HD3  . ARG C 1 11 ? -4.674  -3.961  -3.816 1.00 7.79  ? 11  ARG C HD3  1 
ATOM   742  H HE   . ARG C 1 11 ? -4.023  -4.284  -1.273 1.00 8.04  ? 11  ARG C HE   1 
ATOM   743  H HH11 . ARG C 1 11 ? -3.938  -5.946  -4.122 1.00 8.41  ? 11  ARG C HH11 1 
ATOM   744  H HH12 . ARG C 1 11 ? -2.848  -6.878  -3.720 1.00 8.41  ? 11  ARG C HH12 1 
ATOM   745  H HH21 . ARG C 1 11 ? -2.417  -5.650  -0.667 1.00 7.82  ? 11  ARG C HH21 1 
ATOM   746  H HH22 . ARG C 1 11 ? -1.916  -6.695  -1.602 1.00 7.82  ? 11  ARG C HH22 1 
HETATM 747  C C    . XZA C 1 12 ? -3.356  1.209   -2.114 1.00 6.25  ? 12  XZA C C    1 
HETATM 748  O O    . XZA C 1 12 ? -3.175  0.162   -2.739 1.00 6.40  ? 12  XZA C O    1 
HETATM 749  N NA   . XZA C 1 12 ? -4.528  1.428   -1.389 1.00 5.66  ? 12  XZA C NA   1 
HETATM 750  N N    . XZA C 1 12 ? -5.536  0.461   -1.468 1.00 5.52  ? 12  XZA C N    1 
HETATM 751  H HNA  . XZA C 1 12 ? -4.655  2.200   -0.927 1.00 6.80  ? 12  XZA C HNA  1 
HETATM 752  H H    . XZA C 1 12 ? -5.667  -0.117  -0.778 1.00 6.62  ? 12  XZA C H    1 
ATOM   753  N N    . PRO C 1 13 ? -2.470  2.188   -2.038 1.00 6.38  ? 13  PRO C N    1 
ATOM   754  C CA   . PRO C 1 13 ? -1.305  2.185   -2.935 1.00 7.24  ? 13  PRO C CA   1 
ATOM   755  C C    . PRO C 1 13 ? -0.132  1.412   -2.360 1.00 7.39  ? 13  PRO C C    1 
ATOM   756  O O    . PRO C 1 13 ? -0.164  0.961   -1.219 1.00 5.93  ? 13  PRO C O    1 
ATOM   757  C CB   . PRO C 1 13 ? -0.969  3.669   -3.080 1.00 9.14  ? 13  PRO C CB   1 
ATOM   758  C CG   . PRO C 1 13 ? -1.419  4.268   -1.767 1.00 8.77  ? 13  PRO C CG   1 
ATOM   759  C CD   . PRO C 1 13 ? -2.652  3.476   -1.345 1.00 7.54  ? 13  PRO C CD   1 
ATOM   760  H HA   . PRO C 1 13 ? -1.543  1.819   -3.802 1.00 8.68  ? 13  PRO C HA   1 
ATOM   761  H HB2  . PRO C 1 13 ? -0.014  3.781   -3.203 1.00 10.97 ? 13  PRO C HB2  1 
ATOM   762  H HB3  . PRO C 1 13 ? -1.464  4.049   -3.823 1.00 10.97 ? 13  PRO C HB3  1 
ATOM   763  H HG2  . PRO C 1 13 ? -0.712  4.176   -1.109 1.00 10.52 ? 13  PRO C HG2  1 
ATOM   764  H HG3  . PRO C 1 13 ? -1.644  5.204   -1.898 1.00 10.52 ? 13  PRO C HG3  1 
ATOM   765  H HD2  . PRO C 1 13 ? -2.659  3.346   -0.384 1.00 9.05  ? 13  PRO C HD2  1 
ATOM   766  H HD3  . PRO C 1 13 ? -3.461  3.915   -1.653 1.00 9.05  ? 13  PRO C HD3  1 
HETATM 767  N N    . HYP C 1 14 ? 0.909   1.232   -3.156 1.00 7.64  ? 14  HYP C N    1 
HETATM 768  C CA   . HYP C 1 14 ? 2.049   0.464   -2.716 1.00 6.87  ? 14  HYP C CA   1 
HETATM 769  C C    . HYP C 1 14 ? 2.751   1.078   -1.484 1.00 5.67  ? 14  HYP C C    1 
HETATM 770  O O    . HYP C 1 14 ? 2.778   2.305   -1.293 1.00 6.65  ? 14  HYP C O    1 
HETATM 771  C CB   . HYP C 1 14 ? 2.980   0.344   -3.918 1.00 9.28  ? 14  HYP C CB   1 
HETATM 772  C CG   . HYP C 1 14 ? 1.998   0.480   -5.039 1.00 11.93 ? 14  HYP C CG   1 
HETATM 773  C CD   . HYP C 1 14 ? 1.055   1.524   -4.585 1.00 9.81  ? 14  HYP C CD   1 
HETATM 774  O OD1  . HYP C 1 14 ? 1.238   -0.688  -5.230 1.00 15.21 ? 14  HYP C OD1  1 
HETATM 775  H HA   . HYP C 1 14 ? 1.783   -0.418  -2.374 1.00 8.25  ? 14  HYP C HA   1 
HETATM 776  H HB2  . HYP C 1 14 ? 3.429   -0.554  -3.936 1.00 11.14 ? 14  HYP C HB2  1 
HETATM 777  H HB3  . HYP C 1 14 ? 3.643   1.078   -3.931 1.00 11.14 ? 14  HYP C HB3  1 
HETATM 778  H HG   . HYP C 1 14 ? 2.442   0.747   -5.863 1.00 14.32 ? 14  HYP C HG   1 
HETATM 779  H HD22 . HYP C 1 14 ? 1.418   2.418   -4.724 1.00 11.77 ? 14  HYP C HD22 1 
HETATM 780  H HD23 . HYP C 1 14 ? 0.206   1.425   -5.040 1.00 11.77 ? 14  HYP C HD23 1 
HETATM 781  H HD1  . HYP C 1 14 ? 0.617   -0.541  -5.856 1.00 18.25 ? 14  HYP C HD1  1 
ATOM   782  N N    . GLY C 1 15 ? 3.313   0.215   -0.679 1.00 5.17  ? 15  GLY C N    1 
ATOM   783  C CA   . GLY C 1 15 ? 4.106   0.616   0.465  1.00 4.75  ? 15  GLY C CA   1 
ATOM   784  C C    . GLY C 1 15 ? 5.406   1.289   0.101  1.00 4.44  ? 15  GLY C C    1 
ATOM   785  O O    . GLY C 1 15 ? 5.803   1.398   -1.064 1.00 5.02  ? 15  GLY C O    1 
ATOM   786  H H    . GLY C 1 15 ? 3.251   -0.637  -0.772 1.00 6.20  ? 15  GLY C H    1 
ATOM   787  H HA2  . GLY C 1 15 ? 3.591   1.230   1.010  1.00 5.70  ? 15  GLY C HA2  1 
ATOM   788  H HA3  . GLY C 1 15 ? 4.311   -0.166  1.000  1.00 5.70  ? 15  GLY C HA3  1 
ATOM   789  N N    . PRO C 1 16 ? 6.121   1.734   1.143  1.00 5.04  ? 16  PRO C N    1 
ATOM   790  C CA   . PRO C 1 16 ? 7.427   2.336   0.962  1.00 6.18  ? 16  PRO C CA   1 
ATOM   791  C C    . PRO C 1 16 ? 8.494   1.338   0.516  1.00 4.92  ? 16  PRO C C    1 
ATOM   792  O O    . PRO C 1 16 ? 8.292   0.129   0.629  1.00 4.56  ? 16  PRO C O    1 
ATOM   793  C CB   . PRO C 1 16 ? 7.778   2.805   2.379  1.00 7.95  ? 16  PRO C CB   1 
ATOM   794  C CG   . PRO C 1 16 ? 6.695   2.521   3.229  1.00 8.92  ? 16  PRO C CG   1 
ATOM   795  C CD   . PRO C 1 16 ? 5.714   1.661   2.560  1.00 6.21  ? 16  PRO C CD   1 
ATOM   796  H HA   . PRO C 1 16 ? 7.390   3.092   0.355  1.00 7.42  ? 16  PRO C HA   1 
ATOM   797  H HB2  . PRO C 1 16 ? 8.570   2.335   2.681  1.00 9.54  ? 16  PRO C HB2  1 
ATOM   798  H HB3  . PRO C 1 16 ? 7.945   3.761   2.363  1.00 9.54  ? 16  PRO C HB3  1 
ATOM   799  H HG2  . PRO C 1 16 ? 7.033   2.072   4.020  1.00 10.71 ? 16  PRO C HG2  1 
ATOM   800  H HG3  . PRO C 1 16 ? 6.274   3.357   3.484  1.00 10.71 ? 16  PRO C HG3  1 
ATOM   801  H HD2  . PRO C 1 16 ? 5.783   0.751   2.886  1.00 7.46  ? 16  PRO C HD2  1 
ATOM   802  H HD3  . PRO C 1 16 ? 4.819   2.015   2.674  1.00 7.46  ? 16  PRO C HD3  1 
HETATM 803  N N    . HYP C 1 17 ? 9.634   1.819   0.040  1.00 5.08  ? 17  HYP C N    1 
HETATM 804  C CA   . HYP C 1 17 ? 10.747  0.954   -0.243 1.00 4.97  ? 17  HYP C CA   1 
HETATM 805  C C    . HYP C 1 17 ? 11.142  0.101   0.966  1.00 4.98  ? 17  HYP C C    1 
HETATM 806  O O    . HYP C 1 17 ? 11.052  0.578   2.116  1.00 5.72  ? 17  HYP C O    1 
HETATM 807  C CB   . HYP C 1 17 ? 11.855  1.878   -0.665 1.00 5.89  ? 17  HYP C CB   1 
HETATM 808  C CG   . HYP C 1 17 ? 11.191  3.117   -1.141 1.00 6.84  ? 17  HYP C CG   1 
HETATM 809  C CD   . HYP C 1 17 ? 10.022  3.222   -0.216 1.00 6.59  ? 17  HYP C CD   1 
HETATM 810  O OD1  . HYP C 1 17 ? 10.705  2.905   -2.441 1.00 7.11  ? 17  HYP C OD1  1 
HETATM 811  H HA   . HYP C 1 17 ? 10.538  0.276   -0.925 1.00 5.96  ? 17  HYP C HA   1 
HETATM 812  H HB2  . HYP C 1 17 ? 12.387  1.461   -1.410 1.00 7.07  ? 17  HYP C HB2  1 
HETATM 813  H HB3  . HYP C 1 17 ? 12.445  2.079   0.105  1.00 7.07  ? 17  HYP C HB3  1 
HETATM 814  H HG   . HYP C 1 17 ? 11.775  3.892   -1.084 1.00 8.21  ? 17  HYP C HG   1 
HETATM 815  H HD22 . HYP C 1 17 ? 10.270  3.670   0.614  1.00 7.91  ? 17  HYP C HD22 1 
HETATM 816  H HD23 . HYP C 1 17 ? 9.300   3.694   -0.653 1.00 7.91  ? 17  HYP C HD23 1 
HETATM 817  H HD1  . HYP C 1 17 ? 11.383  2.691   -2.982 1.00 8.53  ? 17  HYP C HD1  1 
ATOM   818  N N    . GLY C 1 18 ? 11.618  -1.096  0.697  1.00 4.42  ? 18  GLY C N    1 
ATOM   819  C CA   . GLY C 1 18 ? 12.231  -1.908  1.724  1.00 4.65  ? 18  GLY C CA   1 
ATOM   820  C C    . GLY C 1 18 ? 13.529  -1.315  2.224  1.00 5.62  ? 18  GLY C C    1 
ATOM   821  O O    . GLY C 1 18 ? 14.074  -0.363  1.664  1.00 5.84  ? 18  GLY C O    1 
ATOM   822  H H    . GLY C 1 18 ? 11.596  -1.466  -0.079 1.00 5.31  ? 18  GLY C H    1 
ATOM   823  H HA2  . GLY C 1 18 ? 11.623  -1.994  2.475  1.00 5.58  ? 18  GLY C HA2  1 
ATOM   824  H HA3  . GLY C 1 18 ? 12.413  -2.793  1.371  1.00 5.58  ? 18  GLY C HA3  1 
ATOM   825  N N    . PRO C 1 19 ? 14.064  -1.902  3.304  1.00 5.68  ? 19  PRO C N    1 
ATOM   826  C CA   . PRO C 1 19 ? 15.310  -1.420  3.853  1.00 6.26  ? 19  PRO C CA   1 
ATOM   827  C C    . PRO C 1 19 ? 16.487  -1.914  3.000  1.00 6.67  ? 19  PRO C C    1 
ATOM   828  O O    . PRO C 1 19 ? 16.391  -2.858  2.239  1.00 6.37  ? 19  PRO C O    1 
ATOM   829  C CB   . PRO C 1 19 ? 15.321  -2.045  5.251  1.00 7.71  ? 19  PRO C CB   1 
ATOM   830  C CG   . PRO C 1 19 ? 14.586  -3.293  5.097  1.00 8.91  ? 19  PRO C CG   1 
ATOM   831  C CD   . PRO C 1 19 ? 13.535  -3.042  4.043  1.00 7.41  ? 19  PRO C CD   1 
ATOM   832  H HA   . PRO C 1 19 ? 15.318  -0.452  3.915  1.00 7.52  ? 19  PRO C HA   1 
ATOM   833  H HB2  . PRO C 1 19 ? 16.234  -2.214  5.529  1.00 9.25  ? 19  PRO C HB2  1 
ATOM   834  H HB3  . PRO C 1 19 ? 14.872  -1.456  5.879  1.00 9.25  ? 19  PRO C HB3  1 
ATOM   835  H HG2  . PRO C 1 19 ? 15.194  -3.993  4.809  1.00 10.70 ? 19  PRO C HG2  1 
ATOM   836  H HG3  . PRO C 1 19 ? 14.171  -3.531  5.940  1.00 10.70 ? 19  PRO C HG3  1 
ATOM   837  H HD2  . PRO C 1 19 ? 13.448  -3.812  3.460  1.00 8.90  ? 19  PRO C HD2  1 
ATOM   838  H HD3  . PRO C 1 19 ? 12.689  -2.811  4.457  1.00 8.90  ? 19  PRO C HD3  1 
HETATM 839  N N    . HYP C 1 20 ? 17.632  -1.271  3.153  1.00 7.29  ? 20  HYP C N    1 
HETATM 840  C CA   . HYP C 1 20 ? 18.884  -1.742  2.574  1.00 7.84  ? 20  HYP C CA   1 
HETATM 841  C C    . HYP C 1 20 ? 19.126  -3.209  2.951  1.00 7.79  ? 20  HYP C C    1 
HETATM 842  O O    . HYP C 1 20 ? 18.728  -3.665  4.053  1.00 10.08 ? 20  HYP C O    1 
HETATM 843  C CB   . HYP C 1 20 ? 19.956  -0.825  3.125  1.00 9.71  ? 20  HYP C CB   1 
HETATM 844  C CG   . HYP C 1 20 ? 19.229  0.430   3.409  1.00 10.24 ? 20  HYP C CG   1 
HETATM 845  C CD   . HYP C 1 20 ? 17.900  -0.048  3.917  1.00 9.23  ? 20  HYP C CD   1 
HETATM 846  O OD1  . HYP C 1 20 ? 19.090  1.211   2.243  1.00 11.09 ? 20  HYP C OD1  1 
HETATM 847  H HA   . HYP C 1 20 ? 18.868  -1.767  1.590  1.00 9.41  ? 20  HYP C HA   1 
HETATM 848  H HB2  . HYP C 1 20 ? 20.673  -0.670  2.438  1.00 11.65 ? 20  HYP C HB2  1 
HETATM 849  H HB3  . HYP C 1 20 ? 20.343  -1.201  3.955  1.00 11.65 ? 20  HYP C HB3  1 
HETATM 850  H HG   . HYP C 1 20 ? 19.689  0.935   4.101  1.00 12.29 ? 20  HYP C HG   1 
HETATM 851  H HD22 . HYP C 1 20 ? 17.936  -0.238  4.873  1.00 11.08 ? 20  HYP C HD22 1 
HETATM 852  H HD23 . HYP C 1 20 ? 17.220  0.616   3.730  1.00 11.08 ? 20  HYP C HD23 1 
HETATM 853  H HD1  . HYP C 1 20 ? 18.473  1.843   2.380  1.00 13.31 ? 20  HYP C HD1  1 
ATOM   854  N N    . GLY C 1 21 ? 19.750  -3.940  2.042  1.00 8.53  ? 21  GLY C N    1 
ATOM   855  C CA   . GLY C 1 21 ? 20.071  -5.337  2.269  1.00 8.64  ? 21  GLY C CA   1 
ATOM   856  C C    . GLY C 1 21 ? 21.138  -5.562  3.341  1.00 10.35 ? 21  GLY C C    1 
ATOM   857  O O    . GLY C 1 21 ? 21.645  -4.622  3.985  1.00 10.81 ? 21  GLY C O    1 
ATOM   858  H H    . GLY C 1 21 ? 20.002  -3.645  1.275  1.00 10.24 ? 21  GLY C H    1 
ATOM   859  H HA2  . GLY C 1 21 ? 19.268  -5.809  2.539  1.00 10.37 ? 21  GLY C HA2  1 
ATOM   860  H HA3  . GLY C 1 21 ? 20.389  -5.729  1.440  1.00 10.37 ? 21  GLY C HA3  1 
ATOM   861  N N    . PRO C 1 22 ? 21.476  -6.841  3.566  1.00 11.68 ? 22  PRO C N    1 
ATOM   862  C CA   . PRO C 1 22 ? 22.482  -7.259  4.532  1.00 13.60 ? 22  PRO C CA   1 
ATOM   863  C C    . PRO C 1 22 ? 23.843  -6.659  4.234  1.00 14.37 ? 22  PRO C C    1 
ATOM   864  O O    . PRO C 1 22 ? 24.176  -6.396  3.062  1.00 12.99 ? 22  PRO C O    1 
ATOM   865  C CB   . PRO C 1 22 ? 22.516  -8.770  4.339  1.00 15.25 ? 22  PRO C CB   1 
ATOM   866  C CG   . PRO C 1 22 ? 21.270  -9.154  3.735  1.00 15.89 ? 22  PRO C CG   1 
ATOM   867  C CD   . PRO C 1 22 ? 20.825  -7.991  2.917  1.00 14.05 ? 22  PRO C CD   1 
ATOM   868  H HA   . PRO C 1 22 ? 22.210  -7.043  5.439  1.00 16.32 ? 22  PRO C HA   1 
ATOM   869  H HB2  . PRO C 1 22 ? 23.256  -9.001  3.756  1.00 18.30 ? 22  PRO C HB2  1 
ATOM   870  H HB3  . PRO C 1 22 ? 22.619  -9.202  5.202  1.00 18.30 ? 22  PRO C HB3  1 
ATOM   871  H HG2  . PRO C 1 22 ? 21.409  -9.932  3.173  1.00 19.07 ? 22  PRO C HG2  1 
ATOM   872  H HG3  . PRO C 1 22 ? 20.622  -9.349  4.430  1.00 19.07 ? 22  PRO C HG3  1 
ATOM   873  H HD2  . PRO C 1 22 ? 21.136  -8.084  2.003  1.00 16.86 ? 22  PRO C HD2  1 
ATOM   874  H HD3  . PRO C 1 22 ? 19.861  -7.900  2.957  1.00 16.86 ? 22  PRO C HD3  1 
HETATM 875  N N    . HYP C 1 23 ? 24.651  -6.464  5.273  1.00 16.44 ? 23  HYP C N    1 
HETATM 876  C CA   . HYP C 1 23 ? 25.988  -5.959  5.087  1.00 17.69 ? 23  HYP C CA   1 
HETATM 877  C C    . HYP C 1 23 ? 26.774  -6.813  4.089  1.00 16.88 ? 23  HYP C C    1 
HETATM 878  O O    . HYP C 1 23 ? 26.671  -8.075  4.108  1.00 16.32 ? 23  HYP C O    1 
HETATM 879  C CB   . HYP C 1 23 ? 26.631  -5.959  6.459  1.00 19.47 ? 23  HYP C CB   1 
HETATM 880  C CG   . HYP C 1 23 ? 25.474  -5.804  7.359  1.00 20.90 ? 23  HYP C CG   1 
HETATM 881  C CD   . HYP C 1 23 ? 24.449  -6.667  6.708  1.00 18.34 ? 23  HYP C CD   1 
HETATM 882  O OD1  . HYP C 1 23 ? 25.064  -4.460  7.377  1.00 23.98 ? 23  HYP C OD1  1 
HETATM 883  H HA   . HYP C 1 23 ? 26.001  -5.069  4.665  1.00 21.23 ? 23  HYP C HA   1 
HETATM 884  H HB2  . HYP C 1 23 ? 27.263  -5.182  6.555  1.00 23.37 ? 23  HYP C HB2  1 
HETATM 885  H HB3  . HYP C 1 23 ? 27.098  -6.815  6.629  1.00 23.37 ? 23  HYP C HB3  1 
HETATM 886  H HG   . HYP C 1 23 ? 25.681  -6.123  8.255  1.00 25.08 ? 23  HYP C HG   1 
HETATM 887  H HD22 . HYP C 1 23 ? 24.576  -7.604  6.945  1.00 22.01 ? 23  HYP C HD22 1 
HETATM 888  H HD23 . HYP C 1 23 ? 23.563  -6.372  6.964  1.00 22.01 ? 23  HYP C HD23 1 
HETATM 889  H HD1  . HYP C 1 23 ? 24.238  -4.397  7.043  1.00 28.78 ? 23  HYP C HD1  1 
ATOM   890  N N    . GLY C 1 24 ? 27.578  -6.161  3.256  1.00 17.48 ? 24  GLY C N    1 
ATOM   891  C CA   . GLY C 1 24 ? 28.433  -6.857  2.317  1.00 18.58 ? 24  GLY C CA   1 
ATOM   892  C C    . GLY C 1 24 ? 29.607  -7.532  3.010  1.00 19.82 ? 24  GLY C C    1 
ATOM   893  O O    . GLY C 1 24 ? 30.193  -8.467  2.472  1.00 21.39 ? 24  GLY C O    1 
ATOM   894  H H    . GLY C 1 24 ? 27.644  -5.304  3.221  1.00 20.97 ? 24  GLY C H    1 
ATOM   895  H HA2  . GLY C 1 24 ? 27.920  -7.534  1.850  1.00 22.29 ? 24  GLY C HA2  1 
ATOM   896  H HA3  . GLY C 1 24 ? 28.781  -6.227  1.666  1.00 22.29 ? 24  GLY C HA3  1 
HETATM 897  N N    . NH2 C 1 25 ? 29.939  -7.049  4.200  1.00 19.61 ? 25  NH2 C N    1 
HETATM 898  S S    . SO4 D 2 .  ? -0.399  -8.487  -3.381 1.00 8.49  ? 101 SO4 C S    1 
HETATM 899  O O1   . SO4 D 2 .  ? 0.336   -7.665  -4.332 1.00 12.28 ? 101 SO4 C O1   1 
HETATM 900  O O2   . SO4 D 2 .  ? -1.767  -8.539  -3.886 1.00 9.23  ? 101 SO4 C O2   1 
HETATM 901  O O3   . SO4 D 2 .  ? 0.166   -9.847  -3.423 1.00 9.68  ? 101 SO4 C O3   1 
HETATM 902  O O4   . SO4 D 2 .  ? -0.354  -7.833  -2.093 1.00 9.65  ? 101 SO4 C O4   1 
HETATM 903  O O    . HOH E 3 .  ? -29.712 11.205  0.333  1.00 30.02 ? 101 HOH A O    1 
HETATM 904  O O    . HOH E 3 .  ? 19.433  -3.671  -6.281 1.00 10.78 ? 102 HOH A O    1 
HETATM 905  O O    . HOH E 3 .  ? -16.562 7.489   3.262  1.00 13.73 ? 103 HOH A O    1 
HETATM 906  O O    . HOH E 3 .  ? -1.180  -5.721  1.296  1.00 7.44  ? 104 HOH A O    1 
HETATM 907  O O    . HOH E 3 .  ? 9.358   -7.266  -4.595 1.00 11.20 ? 105 HOH A O    1 
HETATM 908  O O    . HOH E 3 .  ? 4.719   -7.826  2.034  1.00 8.77  ? 106 HOH A O    1 
HETATM 909  O O    . HOH E 3 .  ? 13.382  -8.665  -3.571 1.00 9.98  ? 107 HOH A O    1 
HETATM 910  O O    . HOH E 3 .  ? -12.291 -2.052  2.911  1.00 6.63  ? 108 HOH A O    1 
HETATM 911  O O    . HOH E 3 .  ? -24.246 10.795  -2.355 1.00 18.50 ? 109 HOH A O    1 
HETATM 912  O O    . HOH E 3 .  ? -27.427 9.033   -6.443 1.00 30.02 ? 110 HOH A O    1 
HETATM 913  O O    . HOH E 3 .  ? 7.298   -6.115  -3.272 1.00 10.78 ? 111 HOH A O    1 
HETATM 914  O O    . HOH E 3 .  ? 16.984  -3.785  -5.039 1.00 10.83 ? 112 HOH A O    1 
HETATM 915  O O    . HOH E 3 .  ? 23.347  -5.641  -5.815 1.00 11.05 ? 113 HOH A O    1 
HETATM 916  O O    . HOH E 3 .  ? -8.822  -0.648  5.198  1.00 13.20 ? 114 HOH A O    1 
HETATM 917  O O    . HOH E 3 .  ? -21.815 11.821  -1.738 1.00 20.33 ? 115 HOH A O    1 
HETATM 918  O O    . HOH E 3 .  ? -19.900 4.222   4.189  1.00 8.13  ? 116 HOH A O    1 
HETATM 919  O O    . HOH E 3 .  ? -19.635 8.176   3.876  1.00 14.34 ? 117 HOH A O    1 
HETATM 920  O O    . HOH E 3 .  ? 14.939  0.767   -3.047 1.00 6.90  ? 118 HOH A O    1 
HETATM 921  O O    . HOH E 3 .  ? 3.504   -4.478  -5.135 1.00 10.42 ? 119 HOH A O    1 
HETATM 922  O O    . HOH E 3 .  ? 23.255  0.168   1.901  1.00 17.86 ? 120 HOH A O    1 
HETATM 923  O O    . HOH E 3 .  ? 3.549   -3.601  7.366  1.00 11.73 ? 121 HOH A O    1 
HETATM 924  O O    . HOH E 3 .  ? 13.596  -1.403  -5.827 1.00 9.10  ? 122 HOH A O    1 
HETATM 925  O O    . HOH E 3 .  ? -12.948 0.422   5.687  1.00 6.99  ? 123 HOH A O    1 
HETATM 926  O O    . HOH E 3 .  ? -2.030  -5.569  6.709  1.00 13.72 ? 124 HOH A O    1 
HETATM 927  O O    . HOH E 3 .  ? -6.713  -4.462  4.285  1.00 5.34  ? 125 HOH A O    1 
HETATM 928  O O    . HOH E 3 .  ? 6.262   -2.289  -5.439 1.00 13.44 ? 126 HOH A O    1 
HETATM 929  O O    . HOH E 3 .  ? -16.537 10.865  -0.645 1.00 45.15 ? 127 HOH A O    1 
HETATM 930  O O    . HOH E 3 .  ? 4.602   -9.831  -0.267 1.00 13.30 ? 128 HOH A O    1 
HETATM 931  O O    . HOH E 3 .  ? 1.983   -7.149  5.891  1.00 25.44 ? 129 HOH A O    1 
HETATM 932  O O    . HOH E 3 .  ? 16.836  0.530   -5.060 1.00 8.54  ? 130 HOH A O    1 
HETATM 933  O O    . HOH E 3 .  ? -0.449  -7.581  7.470  1.00 23.83 ? 131 HOH A O    1 
HETATM 934  O O    . HOH E 3 .  ? 24.456  -3.719  -7.370 1.00 24.62 ? 132 HOH A O    1 
HETATM 935  O O    . HOH E 3 .  ? 8.387   -3.767  -6.748 1.00 13.85 ? 133 HOH A O    1 
HETATM 936  O O    . HOH E 3 .  ? 5.165   -6.662  -4.939 1.00 12.65 ? 134 HOH A O    1 
HETATM 937  O O    . HOH E 3 .  ? -2.138  -6.006  3.857  1.00 8.78  ? 135 HOH A O    1 
HETATM 938  O O    . HOH E 3 .  ? -6.623  -1.566  6.492  1.00 11.07 ? 136 HOH A O    1 
HETATM 939  O O    . HOH E 3 .  ? 6.873   -7.877  -1.021 1.00 13.33 ? 137 HOH A O    1 
HETATM 940  O O    . HOH E 3 .  ? 16.193  -1.665  -6.582 1.00 9.84  ? 138 HOH A O    1 
HETATM 941  O O    . HOH E 3 .  ? 15.993  -6.416  -5.315 1.00 11.68 ? 139 HOH A O    1 
HETATM 942  O O    . HOH E 3 .  ? 3.755   -6.372  6.855  1.00 16.15 ? 140 HOH A O    1 
HETATM 943  O O    . HOH E 3 .  ? -3.930  -1.154  7.508  1.00 10.57 ? 141 HOH A O    1 
HETATM 944  O O    . HOH E 3 .  ? -24.397 9.788   -5.296 1.00 27.49 ? 142 HOH A O    1 
HETATM 945  O O    . HOH E 3 .  ? 19.531  -5.500  -8.275 1.00 30.03 ? 143 HOH A O    1 
HETATM 946  O O    . HOH E 3 .  ? -20.519 1.395   4.626  1.00 10.29 ? 144 HOH A O    1 
HETATM 947  O O    . HOH E 3 .  ? -8.822  8.623   3.315  1.00 11.03 ? 145 HOH A O    1 
HETATM 948  O O    A HOH E 3 .  ? -10.600 0.236   7.110  0.50 5.91  ? 146 HOH A O    1 
HETATM 949  O O    B HOH E 3 .  ? -10.741 -1.250  6.529  0.50 9.61  ? 146 HOH A O    1 
HETATM 950  O O    . HOH E 3 .  ? 12.612  0.978   -6.474 1.00 7.91  ? 147 HOH A O    1 
HETATM 951  O O    . HOH E 3 .  ? -4.105  -4.153  7.971  1.00 9.84  ? 148 HOH A O    1 
HETATM 952  O O    . HOH E 3 .  ? 22.318  -8.191  -6.506 1.00 11.08 ? 149 HOH A O    1 
HETATM 953  O O    . HOH E 3 .  ? -15.204 -1.173  6.200  1.00 6.76  ? 150 HOH A O    1 
HETATM 954  O O    . HOH E 3 .  ? 10.169  -2.261  -8.224 1.00 16.33 ? 151 HOH A O    1 
HETATM 955  O O    . HOH E 3 .  ? 10.449  0.813   -7.982 1.00 11.07 ? 152 HOH A O    1 
HETATM 956  O O    . HOH E 3 .  ? 10.648  -1.077  -9.697 1.00 17.98 ? 153 HOH A O    1 
HETATM 957  O O    . HOH F 3 .  ? 32.704  -6.076  -4.612 1.00 29.12 ? 101 HOH B O    1 
HETATM 958  O O    . HOH F 3 .  ? -16.160 8.649   -4.056 1.00 28.78 ? 102 HOH B O    1 
HETATM 959  O O    . HOH F 3 .  ? -15.513 8.710   -1.976 1.00 23.26 ? 103 HOH B O    1 
HETATM 960  O O    . HOH F 3 .  ? 25.456  -5.776  -3.976 1.00 16.05 ? 104 HOH B O    1 
HETATM 961  O O    . HOH F 3 .  ? 18.158  -9.756  0.903  1.00 21.63 ? 105 HOH B O    1 
HETATM 962  O O    . HOH F 3 .  ? 10.030  -5.001  4.861  1.00 16.22 ? 106 HOH B O    1 
HETATM 963  O O    . HOH F 3 .  ? -6.630  4.653   -5.916 1.00 18.48 ? 107 HOH B O    1 
HETATM 964  O O    . HOH F 3 .  ? -12.885 6.490   -4.807 1.00 16.53 ? 108 HOH B O    1 
HETATM 965  O O    . HOH F 3 .  ? 11.608  -6.848  5.930  1.00 16.00 ? 109 HOH B O    1 
HETATM 966  O O    . HOH F 3 .  ? -3.781  5.552   1.645  1.00 17.75 ? 110 HOH B O    1 
HETATM 967  O O    . HOH F 3 .  ? 2.214   0.753   5.302  1.00 7.05  ? 111 HOH B O    1 
HETATM 968  O O    . HOH F 3 .  ? 19.904  -11.789 1.407  1.00 27.72 ? 112 HOH B O    1 
HETATM 969  O O    . HOH F 3 .  ? 24.409  -11.867 2.462  1.00 15.88 ? 113 HOH B O    1 
HETATM 970  O O    . HOH F 3 .  ? 16.123  -6.245  6.708  1.00 18.73 ? 114 HOH B O    1 
HETATM 971  O O    . HOH F 3 .  ? -10.384 6.628   -5.920 1.00 8.65  ? 115 HOH B O    1 
HETATM 972  O O    . HOH F 3 .  ? 14.695  -9.665  0.294  1.00 12.22 ? 116 HOH B O    1 
HETATM 973  O O    . HOH F 3 .  ? -7.548  7.583   0.940  1.00 10.54 ? 117 HOH B O    1 
HETATM 974  O O    . HOH F 3 .  ? -7.575  4.741   3.680  1.00 5.87  ? 118 HOH B O    1 
HETATM 975  O O    . HOH F 3 .  ? 15.850  -7.796  -2.733 1.00 8.75  ? 119 HOH B O    1 
HETATM 976  O O    . HOH F 3 .  ? 7.307   -5.308  5.128  1.00 12.34 ? 120 HOH B O    1 
HETATM 977  O O    . HOH F 3 .  ? -22.353 2.254   -5.862 1.00 13.69 ? 121 HOH B O    1 
HETATM 978  O O    . HOH F 3 .  ? -26.065 7.605   -4.555 1.00 12.03 ? 122 HOH B O    1 
HETATM 979  O O    . HOH F 3 .  ? 7.385   -6.912  1.707  1.00 10.52 ? 123 HOH B O    1 
HETATM 980  O O    . HOH F 3 .  ? 7.493   5.915   -0.371 1.00 16.13 ? 124 HOH B O    1 
HETATM 981  O O    . HOH F 3 .  ? -20.813 3.857   -7.448 1.00 12.30 ? 125 HOH B O    1 
HETATM 982  O O    . HOH F 3 .  ? 9.288   -8.690  2.540  1.00 21.95 ? 126 HOH B O    1 
HETATM 983  O O    . HOH F 3 .  ? 17.533  -9.956  -2.959 1.00 19.75 ? 127 HOH B O    1 
HETATM 984  O O    . HOH F 3 .  ? -31.059 1.715   -3.919 1.00 27.61 ? 128 HOH B O    1 
HETATM 985  O O    . HOH F 3 .  ? -5.220  5.878   4.528  1.00 9.81  ? 129 HOH B O    1 
HETATM 986  O O    . HOH F 3 .  ? 22.846  -9.964  -4.607 1.00 27.21 ? 130 HOH B O    1 
HETATM 987  O O    . HOH F 3 .  ? -33.480 6.710   -7.176 1.00 30.49 ? 131 HOH B O    1 
HETATM 988  O O    . HOH F 3 .  ? -7.173  4.072   -8.227 1.00 24.17 ? 132 HOH B O    1 
HETATM 989  O O    . HOH F 3 .  ? 5.987   -7.173  5.806  1.00 27.41 ? 133 HOH B O    1 
HETATM 990  O O    . HOH F 3 .  ? 11.290  -6.898  8.536  1.00 21.22 ? 134 HOH B O    1 
HETATM 991  O O    . HOH F 3 .  ? -18.968 7.985   -7.965 1.00 22.73 ? 135 HOH B O    1 
HETATM 992  O O    . HOH F 3 .  ? -14.854 6.299   -7.553 1.00 24.93 ? 136 HOH B O    1 
HETATM 993  O O    . HOH F 3 .  ? 7.614   -4.493  7.443  1.00 15.90 ? 137 HOH B O    1 
HETATM 994  O O    . HOH F 3 .  ? 12.637  -10.526 -1.536 1.00 22.87 ? 138 HOH B O    1 
HETATM 995  O O    . HOH F 3 .  ? 17.634  -8.345  -6.385 1.00 25.42 ? 139 HOH B O    1 
HETATM 996  O O    . HOH F 3 .  ? 10.119  -10.851 0.314  1.00 18.78 ? 140 HOH B O    1 
HETATM 997  O O    . HOH G 3 .  ? 26.610  -10.029 2.380  1.00 24.81 ? 201 HOH C O    1 
HETATM 998  O O    . HOH G 3 .  ? -12.535 -2.159  -3.200 1.00 10.01 ? 202 HOH C O    1 
HETATM 999  O O    . HOH G 3 .  ? 0.637   -7.697  0.374  1.00 7.00  ? 203 HOH C O    1 
HETATM 1000 O O    . HOH G 3 .  ? 14.930  2.169   1.824  1.00 24.25 ? 204 HOH C O    1 
HETATM 1001 O O    . HOH G 3 .  ? 11.523  2.940   3.311  1.00 22.12 ? 205 HOH C O    1 
HETATM 1002 O O    . HOH G 3 .  ? -15.549 -0.811  -4.972 1.00 12.02 ? 206 HOH C O    1 
HETATM 1003 O O    . HOH G 3 .  ? -4.709  3.150   -4.604 1.00 10.21 ? 207 HOH C O    1 
HETATM 1004 O O    . HOH G 3 .  ? -23.205 -0.270  -2.146 1.00 9.77  ? 208 HOH C O    1 
HETATM 1005 O O    . HOH G 3 .  ? 2.924   -8.474  -4.658 1.00 15.26 ? 209 HOH C O    1 
HETATM 1006 O O    . HOH G 3 .  ? 6.373   3.050   -3.166 1.00 21.85 ? 210 HOH C O    1 
HETATM 1007 O O    . HOH G 3 .  ? -14.914 -2.409  3.782  1.00 6.57  ? 211 HOH C O    1 
HETATM 1008 O O    . HOH G 3 .  ? -27.302 4.705   4.007  1.00 10.80 ? 212 HOH C O    1 
HETATM 1009 O O    . HOH G 3 .  ? -20.925 -0.238  2.261  1.00 6.39  ? 213 HOH C O    1 
HETATM 1010 O O    . HOH G 3 .  ? 12.824  2.192   -4.088 1.00 5.77  ? 214 HOH C O    1 
HETATM 1011 O O    . HOH G 3 .  ? 17.218  3.255   2.482  1.00 10.26 ? 215 HOH C O    1 
HETATM 1012 O O    . HOH G 3 .  ? -3.775  -0.826  -5.278 1.00 13.57 ? 216 HOH C O    1 
HETATM 1013 O O    . HOH G 3 .  ? 22.175  -3.696  6.577  1.00 29.31 ? 217 HOH C O    1 
HETATM 1014 O O    . HOH G 3 .  ? 18.578  -6.109  5.439  1.00 23.23 ? 218 HOH C O    1 
HETATM 1015 O O    . HOH G 3 .  ? 32.989  -7.962  2.571  1.00 25.26 ? 219 HOH C O    1 
HETATM 1016 O O    . HOH G 3 .  ? 11.722  -0.223  4.762  1.00 10.80 ? 220 HOH C O    1 
HETATM 1017 O O    . HOH G 3 .  ? -33.426 4.107   0.481  1.00 27.49 ? 221 HOH C O    1 
HETATM 1018 O O    . HOH G 3 .  ? 25.677  -9.950  6.068  1.00 21.10 ? 222 HOH C O    1 
HETATM 1019 O O    . HOH G 3 .  ? -5.293  -6.480  -5.748 1.00 12.41 ? 223 HOH C O    1 
HETATM 1020 O O    . HOH G 3 .  ? -32.989 11.473  5.447  1.00 27.11 ? 224 HOH C O    1 
HETATM 1021 O O    . HOH G 3 .  ? 2.179   5.308   -2.090 1.00 14.40 ? 225 HOH C O    1 
HETATM 1022 O O    . HOH G 3 .  ? 3.586   -10.314 -2.770 1.00 11.54 ? 226 HOH C O    1 
HETATM 1023 O O    . HOH G 3 .  ? -3.135  -5.679  -7.075 1.00 19.92 ? 227 HOH C O    1 
HETATM 1024 O O    . HOH G 3 .  ? 17.742  3.134   5.270  1.00 14.67 ? 228 HOH C O    1 
HETATM 1025 O O    . HOH G 3 .  ? 4.538   -1.011  -7.476 1.00 16.76 ? 229 HOH C O    1 
HETATM 1026 O O    . HOH G 3 .  ? -10.493 -3.953  -3.128 1.00 9.99  ? 230 HOH C O    1 
HETATM 1027 O O    . HOH G 3 .  ? 13.549  1.752   5.397  1.00 17.24 ? 231 HOH C O    1 
HETATM 1028 O O    . HOH G 3 .  ? -4.159  5.688   -3.832 1.00 14.30 ? 232 HOH C O    1 
HETATM 1029 O O    . HOH G 3 .  ? -4.027  -2.782  -6.009 1.00 26.57 ? 233 HOH C O    1 
HETATM 1030 O O    . HOH G 3 .  ? 16.156  1.275   6.415  1.00 13.76 ? 234 HOH C O    1 
HETATM 1031 O O    . HOH G 3 .  ? -22.931 -0.218  -4.992 1.00 27.84 ? 235 HOH C O    1 
HETATM 1032 O O    . HOH G 3 .  ? -2.836  3.442   -6.590 1.00 17.45 ? 236 HOH C O    1 
HETATM 1033 O O    . HOH G 3 .  ? -17.161 -2.858  -5.249 1.00 12.87 ? 237 HOH C O    1 
HETATM 1034 O O    . HOH G 3 .  ? -19.908 -3.270  -4.959 1.00 20.28 ? 238 HOH C O    1 
HETATM 1035 O O    . HOH G 3 .  ? 5.917   -10.661 -4.337 1.00 18.56 ? 239 HOH C O    1 
HETATM 1036 O O    . HOH G 3 .  ? -14.766 -3.413  7.752  1.00 9.12  ? 240 HOH C O    1 
# 
loop_
_atom_site_anisotrop.id 
_atom_site_anisotrop.type_symbol 
_atom_site_anisotrop.pdbx_label_atom_id 
_atom_site_anisotrop.pdbx_label_alt_id 
_atom_site_anisotrop.pdbx_label_comp_id 
_atom_site_anisotrop.pdbx_label_asym_id 
_atom_site_anisotrop.pdbx_label_seq_id 
_atom_site_anisotrop.pdbx_PDB_ins_code 
_atom_site_anisotrop.U[1][1] 
_atom_site_anisotrop.U[2][2] 
_atom_site_anisotrop.U[3][3] 
_atom_site_anisotrop.U[1][2] 
_atom_site_anisotrop.U[1][3] 
_atom_site_anisotrop.U[2][3] 
_atom_site_anisotrop.pdbx_auth_seq_id 
_atom_site_anisotrop.pdbx_auth_comp_id 
_atom_site_anisotrop.pdbx_auth_asym_id 
_atom_site_anisotrop.pdbx_auth_atom_id 
1    N N   . PRO A 1  ? 0.0976 0.2887 0.2587 0.0592  0.0021  0.0222  1   PRO A N   
2    C CA  . PRO A 1  ? 0.0967 0.2506 0.2397 0.0677  0.0056  0.0176  1   PRO A CA  
3    C C   . PRO A 1  ? 0.0965 0.2124 0.2226 0.0667  -0.0074 0.0254  1   PRO A C   
4    O O   . PRO A 1  ? 0.0935 0.2037 0.2236 0.0564  -0.0235 0.0321  1   PRO A O   
5    C CB  . PRO A 1  ? 0.1030 0.2620 0.2451 0.0728  0.0142  0.0142  1   PRO A CB  
6    C CG  . PRO A 1  ? 0.1084 0.2741 0.2660 0.0646  0.0149  0.0276  1   PRO A CG  
7    C CD  . PRO A 1  ? 0.1168 0.2846 0.2685 0.0570  0.0088  0.0310  1   PRO A CD  
17   N N   . HYP A 2  ? 0.1056 0.1949 0.2141 0.0696  -0.0113 0.0310  2   HYP A N   
18   C CA  . HYP A 2  ? 0.1014 0.1875 0.1868 0.0552  -0.0072 0.0295  2   HYP A CA  
19   C C   . HYP A 2  ? 0.0927 0.1789 0.1367 0.0565  0.0006  0.0046  2   HYP A C   
20   O O   . HYP A 2  ? 0.0983 0.1928 0.1340 0.0586  0.0099  0.0047  2   HYP A O   
21   C CB  . HYP A 2  ? 0.1303 0.2214 0.2094 0.0471  -0.0135 0.0563  2   HYP A CB  
22   C CG  . HYP A 2  ? 0.1570 0.2635 0.2258 0.0613  -0.0171 0.0704  2   HYP A CG  
23   C CD  . HYP A 2  ? 0.1383 0.2299 0.2250 0.0665  -0.0172 0.0523  2   HYP A CD  
24   O OD1 . HYP A 2  ? 0.1891 0.3098 0.2341 0.0706  -0.0179 0.0948  2   HYP A OD1 
32   N N   . GLY A 3  ? 0.0627 0.1652 0.1244 0.0397  -0.0082 0.0022  3   GLY A N   
33   C CA  . GLY A 3  ? 0.0551 0.1162 0.1107 0.0216  0.0002  0.0068  3   GLY A CA  
34   C C   . GLY A 3  ? 0.0495 0.1044 0.1023 0.0261  0.0174  0.0050  3   GLY A C   
35   O O   . GLY A 3  ? 0.0627 0.1003 0.1090 0.0110  0.0011  -0.0008 3   GLY A O   
39   N N   . PRO A 4  ? 0.0526 0.1369 0.1062 0.0166  0.0092  0.0174  4   PRO A N   
40   C CA  . PRO A 4  ? 0.0486 0.1360 0.0952 0.0260  0.0039  0.0000  4   PRO A CA  
41   C C   . PRO A 4  ? 0.0400 0.1070 0.0891 0.0167  0.0054  0.0105  4   PRO A C   
42   O O   . PRO A 4  ? 0.0367 0.0958 0.0874 0.0205  0.0022  0.0012  4   PRO A O   
43   C CB  . PRO A 4  ? 0.0691 0.1954 0.0893 0.0276  0.0041  -0.0029 4   PRO A CB  
44   C CG  . PRO A 4  ? 0.0927 0.1753 0.1125 0.0014  -0.0118 0.0118  4   PRO A CG  
45   C CD  . PRO A 4  ? 0.0734 0.1534 0.0995 0.0156  0.0064  0.0093  4   PRO A CD  
53   N N   . HYP A 5  ? 0.0412 0.0906 0.0972 0.0123  0.0022  0.0115  5   HYP A N   
54   C CA  . HYP A 5  ? 0.0292 0.1031 0.0954 0.0131  -0.0006 0.0044  5   HYP A CA  
55   C C   . HYP A 5  ? 0.0279 0.0998 0.0827 0.0094  -0.0058 -0.0082 5   HYP A C   
56   O O   . HYP A 5  ? 0.0455 0.1218 0.0828 0.0322  -0.0006 -0.0051 5   HYP A O   
57   C CB  . HYP A 5  ? 0.0400 0.1420 0.1076 0.0048  0.0009  0.0290  5   HYP A CB  
58   C CG  . HYP A 5  ? 0.0534 0.1371 0.1102 0.0118  0.0006  0.0203  5   HYP A CG  
59   C CD  . HYP A 5  ? 0.0670 0.1209 0.0992 0.0224  0.0077  0.0172  5   HYP A CD  
60   O OD1 . HYP A 5  ? 0.0594 0.1462 0.1297 0.0166  -0.0030 0.0272  5   HYP A OD1 
68   N N   . GLY A 6  ? 0.0313 0.1001 0.0672 0.0187  -0.0014 -0.0047 6   GLY A N   
69   C CA  . GLY A 6  ? 0.0352 0.0992 0.0551 0.0195  0.0105  0.0015  6   GLY A CA  
70   C C   . GLY A 6  ? 0.0283 0.0951 0.0784 0.0122  0.0091  -0.0028 6   GLY A C   
71   O O   . GLY A 6  ? 0.0416 0.1073 0.0832 0.0078  -0.0041 -0.0176 6   GLY A O   
75   N N   . PRO A 7  ? 0.0249 0.0848 0.0778 0.0095  0.0076  -0.0053 7   PRO A N   
76   C CA  . PRO A 7  ? 0.0291 0.1039 0.0806 0.0099  0.0075  0.0069  7   PRO A CA  
77   C C   . PRO A 7  ? 0.0265 0.0875 0.0755 0.0130  0.0064  0.0054  7   PRO A C   
78   O O   . PRO A 7  ? 0.0250 0.0785 0.0825 0.0084  -0.0046 0.0109  7   PRO A O   
79   C CB  . PRO A 7  ? 0.0480 0.1375 0.0975 0.0011  -0.0011 0.0197  7   PRO A CB  
80   C CG  . PRO A 7  ? 0.0746 0.1146 0.0920 0.0169  -0.0014 -0.0028 7   PRO A CG  
81   C CD  . PRO A 7  ? 0.0402 0.1010 0.0772 0.0213  0.0111  -0.0160 7   PRO A CD  
89   N N   . HYP A 8  ? 0.0287 0.0763 0.0529 0.0137  0.0100  -0.0092 8   HYP A N   
90   C CA  . HYP A 8  ? 0.0240 0.0780 0.0598 0.0112  0.0031  -0.0100 8   HYP A CA  
91   C C   . HYP A 8  ? 0.0207 0.0736 0.0666 0.0060  -0.0010 -0.0083 8   HYP A C   
92   O O   . HYP A 8  ? 0.0320 0.0915 0.0780 0.0046  -0.0039 0.0057  8   HYP A O   
93   C CB  . HYP A 8  ? 0.0274 0.0902 0.0874 -0.0010 -0.0119 0.0001  8   HYP A CB  
94   C CG  . HYP A 8  ? 0.0387 0.1039 0.0705 0.0259  -0.0012 -0.0094 8   HYP A CG  
95   C CD  . HYP A 8  ? 0.0384 0.0953 0.0619 0.0214  0.0128  -0.0058 8   HYP A CD  
96   O OD1 . HYP A 8  ? 0.0541 0.0855 0.0729 0.0248  -0.0068 -0.0176 8   HYP A OD1 
104  N N   . GLY A 9  ? 0.0231 0.0651 0.0700 0.0109  0.0047  0.0000  9   GLY A N   
105  C CA  . GLY A 9  ? 0.0324 0.0826 0.0713 0.0220  0.0062  0.0077  9   GLY A CA  
106  C C   . GLY A 9  ? 0.0198 0.0697 0.0683 0.0063  -0.0007 0.0015  9   GLY A C   
107  O O   . GLY A 9  ? 0.0250 0.0802 0.0746 0.0142  -0.0037 0.0034  9   GLY A O   
111  N N   . PRO A 10 ? 0.0177 0.0668 0.0639 0.0016  -0.0038 -0.0032 10  PRO A N   
112  C CA  . PRO A 10 ? 0.0235 0.0728 0.0761 0.0127  0.0021  0.0046  10  PRO A CA  
113  C C   . PRO A 10 ? 0.0225 0.0598 0.0753 0.0092  0.0079  0.0006  10  PRO A C   
114  O O   . PRO A 10 ? 0.0246 0.0689 0.0924 0.0056  0.0019  0.0073  10  PRO A O   
115  C CB  . PRO A 10 ? 0.0286 0.0849 0.0940 0.0151  -0.0074 0.0030  10  PRO A CB  
116  C CG  . PRO A 10 ? 0.0357 0.0957 0.1057 0.0215  -0.0090 0.0063  10  PRO A CG  
117  C CD  . PRO A 10 ? 0.0230 0.0682 0.0813 0.0094  -0.0043 -0.0039 10  PRO A CD  
125  N N   . ARG A 11 ? 0.0176 0.0537 0.0668 -0.0034 -0.0030 -0.0038 11  ARG A N   
126  C CA  . ARG A 11 ? 0.0214 0.0746 0.0799 0.0080  -0.0016 0.0003  11  ARG A CA  
127  C C   . ARG A 11 ? 0.0237 0.0726 0.0870 0.0078  -0.0044 -0.0039 11  ARG A C   
128  O O   . ARG A 11 ? 0.0327 0.0760 0.0892 0.0075  0.0014  -0.0014 11  ARG A O   
129  C CB  . ARG A 11 ? 0.0294 0.0724 0.0876 0.0131  0.0006  0.0053  11  ARG A CB  
130  C CG  . ARG A 11 ? 0.0271 0.0838 0.0958 0.0121  -0.0041 0.0034  11  ARG A CG  
131  C CD  . ARG A 11 ? 0.0257 0.0816 0.0949 0.0075  0.0026  0.0064  11  ARG A CD  
132  N NE  . ARG A 11 ? 0.0360 0.0902 0.0848 0.0115  -0.0022 0.0012  11  ARG A NE  
133  C CZ  . ARG A 11 ? 0.0386 0.0820 0.0689 0.0119  0.0032  -0.0050 11  ARG A CZ  
134  N NH1 . ARG A 11 ? 0.0489 0.0954 0.0911 0.0064  0.0043  0.0188  11  ARG A NH1 
135  N NH2 . ARG A 11 ? 0.0308 0.1096 0.0853 0.0118  0.0024  0.0112  11  ARG A NH2 
149  C C   . XZA A 12 ? 0.0267 0.0879 0.0761 0.0041  0.0003  0.0047  12  XZA A C   
150  O O   . XZA A 12 ? 0.0284 0.0818 0.0671 0.0112  -0.0057 0.0016  12  XZA A O   
151  N NA  . XZA A 12 ? 0.0399 0.0961 0.0738 0.0228  0.0081  0.0017  12  XZA A NA  
152  N N   . XZA A 12 ? 0.0321 0.0889 0.0776 0.0207  0.0074  -0.0044 12  XZA A N   
155  N N   . PRO A 13 ? 0.0343 0.1087 0.0635 0.0129  -0.0055 -0.0058 13  PRO A N   
156  C CA  . PRO A 13 ? 0.0408 0.1001 0.0944 0.0146  -0.0111 -0.0138 13  PRO A CA  
157  C C   . PRO A 13 ? 0.0319 0.0998 0.1057 0.0052  -0.0096 -0.0004 13  PRO A C   
158  O O   . PRO A 13 ? 0.0303 0.1033 0.0938 0.0126  -0.0037 -0.0099 13  PRO A O   
159  C CB  . PRO A 13 ? 0.0666 0.1435 0.1022 0.0333  -0.0161 -0.0050 13  PRO A CB  
160  C CG  . PRO A 13 ? 0.1212 0.1934 0.0604 0.0737  -0.0024 -0.0063 13  PRO A CG  
161  C CD  . PRO A 13 ? 0.0722 0.1536 0.0468 0.0456  -0.0053 -0.0132 13  PRO A CD  
169  N N   . HYP A 14 ? 0.0298 0.0871 0.1097 0.0049  -0.0107 0.0026  14  HYP A N   
170  C CA  . HYP A 14 ? 0.0314 0.1001 0.0944 0.0141  -0.0125 -0.0032 14  HYP A CA  
171  C C   . HYP A 14 ? 0.0260 0.0914 0.0894 0.0094  -0.0085 -0.0004 14  HYP A C   
172  O O   . HYP A 14 ? 0.0362 0.1088 0.0891 0.0042  -0.0117 0.0094  14  HYP A O   
173  C CB  . HYP A 14 ? 0.0454 0.1058 0.0987 0.0216  -0.0056 0.0040  14  HYP A CB  
174  C CG  . HYP A 14 ? 0.0394 0.0725 0.0935 0.0194  0.0063  -0.0083 14  HYP A CG  
175  C CD  . HYP A 14 ? 0.0371 0.0992 0.1020 0.0127  -0.0097 -0.0014 14  HYP A CD  
176  O OD1 . HYP A 14 ? 0.0352 0.1034 0.1127 0.0024  0.0011  0.0108  14  HYP A OD1 
184  N N   . GLY A 15 ? 0.0275 0.0866 0.0631 0.0104  0.0068  -0.0135 15  GLY A N   
185  C CA  . GLY A 15 ? 0.0264 0.0829 0.0876 0.0071  0.0048  -0.0021 15  GLY A CA  
186  C C   . GLY A 15 ? 0.0219 0.0710 0.0704 0.0106  0.0015  -0.0064 15  GLY A C   
187  O O   . GLY A 15 ? 0.0257 0.0775 0.0809 0.0145  0.0083  -0.0027 15  GLY A O   
191  N N   . PRO A 16 ? 0.0276 0.0798 0.0676 0.0155  0.0099  0.0046  16  PRO A N   
192  C CA  . PRO A 16 ? 0.0321 0.0860 0.0549 0.0183  0.0108  0.0012  16  PRO A CA  
193  C C   . PRO A 16 ? 0.0229 0.0746 0.0560 0.0047  0.0114  0.0024  16  PRO A C   
194  O O   . PRO A 16 ? 0.0312 0.0633 0.0551 0.0101  0.0128  -0.0062 16  PRO A O   
195  C CB  . PRO A 16 ? 0.0425 0.1088 0.0706 0.0289  0.0100  0.0114  16  PRO A CB  
196  C CG  . PRO A 16 ? 0.0336 0.1054 0.0897 0.0161  0.0058  0.0167  16  PRO A CG  
197  C CD  . PRO A 16 ? 0.0259 0.0886 0.0817 0.0077  0.0044  0.0121  16  PRO A CD  
205  N N   . HYP A 17 ? 0.0290 0.0735 0.0539 0.0098  0.0021  -0.0080 17  HYP A N   
206  C CA  . HYP A 17 ? 0.0329 0.0713 0.0472 0.0212  0.0068  -0.0070 17  HYP A CA  
207  C C   . HYP A 17 ? 0.0267 0.0745 0.0670 0.0179  -0.0034 -0.0036 17  HYP A C   
208  O O   . HYP A 17 ? 0.0279 0.0871 0.0653 0.0135  0.0008  0.0030  17  HYP A O   
209  C CB  . HYP A 17 ? 0.0480 0.0985 0.0597 0.0165  0.0035  -0.0039 17  HYP A CB  
210  C CG  . HYP A 17 ? 0.0395 0.0943 0.0787 0.0213  0.0022  -0.0085 17  HYP A CG  
211  C CD  . HYP A 17 ? 0.0367 0.1011 0.0776 0.0177  0.0018  -0.0037 17  HYP A CD  
212  O OD1 . HYP A 17 ? 0.0440 0.0909 0.0889 0.0262  -0.0014 -0.0129 17  HYP A OD1 
220  N N   . GLY A 18 ? 0.0233 0.0774 0.0651 0.0130  -0.0015 -0.0019 18  GLY A N   
221  C CA  . GLY A 18 ? 0.0293 0.0792 0.0668 0.0193  -0.0025 -0.0094 18  GLY A CA  
222  C C   . GLY A 18 ? 0.0296 0.0608 0.0819 0.0075  -0.0022 -0.0062 18  GLY A C   
223  O O   . GLY A 18 ? 0.0270 0.0683 0.0848 0.0139  0.0001  -0.0097 18  GLY A O   
227  N N   . PRO A 19 ? 0.0382 0.0665 0.1124 0.0178  0.0091  -0.0034 19  PRO A N   
228  C CA  . PRO A 19 ? 0.0476 0.0729 0.1222 0.0112  0.0079  0.0020  19  PRO A CA  
229  C C   . PRO A 19 ? 0.0446 0.0901 0.0950 0.0169  0.0048  0.0035  19  PRO A C   
230  O O   . PRO A 19 ? 0.0408 0.0889 0.0948 0.0209  0.0053  0.0074  19  PRO A O   
231  C CB  . PRO A 19 ? 0.0778 0.0992 0.1683 0.0245  0.0155  0.0138  19  PRO A CB  
232  C CG  . PRO A 19 ? 0.0755 0.1019 0.1662 0.0090  0.0030  -0.0023 19  PRO A CG  
233  C CD  . PRO A 19 ? 0.0462 0.0863 0.1409 0.0132  0.0048  -0.0083 19  PRO A CD  
241  N N   . HYP A 20 ? 0.0459 0.0968 0.0994 0.0220  0.0162  0.0136  20  HYP A N   
242  C CA  . HYP A 20 ? 0.0506 0.1291 0.1164 0.0321  0.0145  0.0171  20  HYP A CA  
243  C C   . HYP A 20 ? 0.0472 0.1479 0.1284 0.0256  0.0019  0.0182  20  HYP A C   
244  O O   . HYP A 20 ? 0.0542 0.1762 0.1379 0.0251  -0.0138 0.0151  20  HYP A O   
245  C CB  . HYP A 20 ? 0.0606 0.1196 0.1278 0.0309  0.0176  0.0161  20  HYP A CB  
246  C CG  . HYP A 20 ? 0.0685 0.1292 0.1107 0.0224  0.0172  0.0116  20  HYP A CG  
247  C CD  . HYP A 20 ? 0.0487 0.1086 0.0856 0.0185  0.0168  0.0008  20  HYP A CD  
248  O OD1 . HYP A 20 ? 0.0868 0.1416 0.1212 0.0175  0.0115  0.0180  20  HYP A OD1 
256  N N   . GLY A 21 ? 0.0516 0.1784 0.1364 0.0005  -0.0070 0.0405  21  GLY A N   
257  C CA  . GLY A 21 ? 0.0610 0.2106 0.1369 -0.0109 -0.0120 0.0481  21  GLY A CA  
258  C C   . GLY A 21 ? 0.0684 0.2091 0.1470 -0.0148 -0.0118 0.0454  21  GLY A C   
259  O O   . GLY A 21 ? 0.0673 0.2226 0.1696 0.0109  0.0031  0.0632  21  GLY A O   
263  N N   . PRO A 22 ? 0.0828 0.2534 0.1472 -0.0174 -0.0117 0.0482  22  PRO A N   
264  C CA  . PRO A 22 ? 0.0914 0.2616 0.1634 -0.0107 -0.0080 0.0587  22  PRO A CA  
265  C C   . PRO A 22 ? 0.0776 0.2305 0.1832 -0.0128 -0.0088 0.0790  22  PRO A C   
266  O O   . PRO A 22 ? 0.0888 0.2231 0.2113 -0.0138 -0.0234 0.0996  22  PRO A O   
267  C CB  . PRO A 22 ? 0.1224 0.2961 0.1512 0.0021  -0.0106 0.0473  22  PRO A CB  
268  C CG  . PRO A 22 ? 0.1345 0.3147 0.1439 0.0054  -0.0139 0.0446  22  PRO A CG  
269  C CD  . PRO A 22 ? 0.1055 0.3063 0.1455 -0.0080 -0.0143 0.0494  22  PRO A CD  
277  N N   . HYP A 23 ? 0.0763 0.2291 0.1612 -0.0060 -0.0075 0.0746  23  HYP A N   
278  C CA  . HYP A 23 ? 0.0738 0.2316 0.1567 0.0056  -0.0078 0.0699  23  HYP A CA  
279  C C   . HYP A 23 ? 0.0898 0.2550 0.1784 0.0318  -0.0212 0.0515  23  HYP A C   
280  O O   . HYP A 23 ? 0.1033 0.2777 0.1949 0.0358  -0.0312 0.0502  23  HYP A O   
281  C CB  . HYP A 23 ? 0.0903 0.2264 0.1323 0.0046  -0.0097 0.0614  23  HYP A CB  
282  C CG  . HYP A 23 ? 0.0978 0.2364 0.1249 0.0198  -0.0051 0.0556  23  HYP A CG  
283  C CD  . HYP A 23 ? 0.0926 0.2467 0.1401 0.0080  -0.0040 0.0724  23  HYP A CD  
284  O OD1 . HYP A 23 ? 0.1032 0.2083 0.1355 0.0254  -0.0088 0.0521  23  HYP A OD1 
292  N N   . GLY A 24 ? 0.0938 0.2580 0.1976 0.0459  -0.0204 0.0474  24  GLY A N   
293  C CA  . GLY A 24 ? 0.0938 0.2753 0.2148 0.0349  -0.0245 0.0554  24  GLY A CA  
294  C C   . GLY A 24 ? 0.1179 0.3141 0.2340 0.0189  -0.0320 0.0758  24  GLY A C   
295  O O   . GLY A 24 ? 0.1217 0.3318 0.2464 0.0063  -0.0173 0.0930  24  GLY A O   
299  N N   . NH2 A 25 ? 0.1296 0.3543 0.2306 0.0242  -0.0477 0.0736  25  NH2 A N   
300  N N   . PRO B 1  ? 0.1192 0.1594 0.1814 0.0337  -0.0407 0.0233  1   PRO B N   
301  C CA  . PRO B 1  ? 0.0955 0.1481 0.1757 0.0121  -0.0390 0.0399  1   PRO B CA  
302  C C   . PRO B 1  ? 0.0600 0.1314 0.1451 -0.0110 -0.0302 0.0335  1   PRO B C   
303  O O   . PRO B 1  ? 0.0563 0.1449 0.1419 0.0061  -0.0185 0.0327  1   PRO B O   
304  C CB  . PRO B 1  ? 0.1349 0.1905 0.2082 0.0200  -0.0491 0.0713  1   PRO B CB  
305  C CG  . PRO B 1  ? 0.1762 0.2450 0.2313 0.0569  -0.0396 0.0846  1   PRO B CG  
306  C CD  . PRO B 1  ? 0.1648 0.2095 0.2085 0.0619  -0.0349 0.0511  1   PRO B CD  
316  N N   . HYP B 2  ? 0.0549 0.1267 0.1133 -0.0051 -0.0219 0.0132  2   HYP B N   
317  C CA  . HYP B 2  ? 0.0523 0.1376 0.1110 0.0068  -0.0120 0.0200  2   HYP B CA  
318  C C   . HYP B 2  ? 0.0406 0.1341 0.1120 0.0107  -0.0001 0.0282  2   HYP B C   
319  O O   . HYP B 2  ? 0.0452 0.1429 0.1190 0.0016  -0.0079 0.0303  2   HYP B O   
320  C CB  . HYP B 2  ? 0.0636 0.1517 0.1351 0.0086  -0.0062 0.0336  2   HYP B CB  
321  C CG  . HYP B 2  ? 0.0718 0.1485 0.1369 0.0019  -0.0062 0.0266  2   HYP B CG  
322  C CD  . HYP B 2  ? 0.0763 0.1347 0.1222 0.0011  -0.0134 0.0176  2   HYP B CD  
323  O OD1 . HYP B 2  ? 0.0858 0.1543 0.1686 -0.0136 -0.0077 0.0428  2   HYP B OD1 
331  N N   . GLY B 3  ? 0.0374 0.1128 0.1059 0.0083  0.0053  0.0307  3   GLY B N   
332  C CA  . GLY B 3  ? 0.0361 0.1093 0.0884 0.0180  0.0083  0.0204  3   GLY B CA  
333  C C   . GLY B 3  ? 0.0392 0.0985 0.0889 0.0216  0.0091  0.0132  3   GLY B C   
334  O O   . GLY B 3  ? 0.0412 0.1044 0.0989 0.0181  -0.0038 0.0114  3   GLY B O   
338  N N   . PRO B 4  ? 0.0458 0.1107 0.0895 0.0164  0.0202  0.0237  4   PRO B N   
339  C CA  . PRO B 4  ? 0.0534 0.1166 0.0842 0.0255  0.0171  0.0168  4   PRO B CA  
340  C C   . PRO B 4  ? 0.0416 0.1088 0.0742 0.0163  0.0116  0.0061  4   PRO B C   
341  O O   . PRO B 4  ? 0.0440 0.1117 0.0722 0.0138  0.0076  0.0010  4   PRO B O   
342  C CB  . PRO B 4  ? 0.0699 0.1265 0.1392 0.0192  0.0128  0.0404  4   PRO B CB  
343  C CG  . PRO B 4  ? 0.0918 0.1223 0.1282 0.0230  0.0177  0.0250  4   PRO B CG  
344  C CD  . PRO B 4  ? 0.0578 0.1166 0.1166 0.0141  0.0212  0.0258  4   PRO B CD  
352  N N   . HYP B 5  ? 0.0443 0.1142 0.0860 0.0276  0.0095  0.0077  5   HYP B N   
353  C CA  . HYP B 5  ? 0.0369 0.1121 0.0926 0.0218  0.0078  0.0092  5   HYP B CA  
354  C C   . HYP B 5  ? 0.0336 0.1009 0.1014 0.0187  0.0035  0.0099  5   HYP B C   
355  O O   . HYP B 5  ? 0.0455 0.1128 0.1082 0.0280  -0.0065 0.0120  5   HYP B O   
356  C CB  . HYP B 5  ? 0.0640 0.1390 0.0863 0.0389  0.0138  0.0068  5   HYP B CB  
357  C CG  . HYP B 5  ? 0.0850 0.1250 0.0994 0.0307  0.0093  0.0163  5   HYP B CG  
358  C CD  . HYP B 5  ? 0.0590 0.1344 0.0988 0.0256  0.0107  0.0214  5   HYP B CD  
359  O OD1 . HYP B 5  ? 0.1249 0.1443 0.1216 0.0260  -0.0156 0.0235  5   HYP B OD1 
367  N N   . GLY B 6  ? 0.0318 0.0974 0.1097 0.0078  -0.0004 0.0180  6   GLY B N   
368  C CA  . GLY B 6  ? 0.0304 0.0736 0.1031 0.0107  0.0040  0.0163  6   GLY B CA  
369  C C   . GLY B 6  ? 0.0294 0.0688 0.0917 0.0136  0.0109  0.0010  6   GLY B C   
370  O O   . GLY B 6  ? 0.0376 0.0930 0.0892 0.0136  0.0192  0.0077  6   GLY B O   
374  N N   . PRO B 7  ? 0.0344 0.0683 0.1094 0.0127  0.0140  0.0038  7   PRO B N   
375  C CA  . PRO B 7  ? 0.0342 0.0815 0.1189 0.0137  0.0066  -0.0018 7   PRO B CA  
376  C C   . PRO B 7  ? 0.0359 0.0896 0.0948 0.0229  0.0115  0.0026  7   PRO B C   
377  O O   . PRO B 7  ? 0.0304 0.0791 0.0819 0.0065  0.0060  0.0017  7   PRO B O   
378  C CB  . PRO B 7  ? 0.0497 0.0960 0.1447 0.0075  -0.0018 -0.0017 7   PRO B CB  
379  C CG  . PRO B 7  ? 0.0718 0.1055 0.1226 -0.0015 -0.0060 -0.0005 7   PRO B CG  
380  C CD  . PRO B 7  ? 0.0468 0.0802 0.1275 0.0092  0.0038  0.0000  7   PRO B CD  
388  N N   . HYP B 8  ? 0.0376 0.0706 0.0860 0.0174  0.0207  0.0174  8   HYP B N   
389  C CA  . HYP B 8  ? 0.0342 0.0729 0.0850 0.0226  0.0099  0.0002  8   HYP B CA  
390  C C   . HYP B 8  ? 0.0267 0.0719 0.0774 0.0180  0.0058  -0.0020 8   HYP B C   
391  O O   . HYP B 8  ? 0.0459 0.0690 0.0762 0.0217  0.0051  0.0000  8   HYP B O   
392  C CB  . HYP B 8  ? 0.0264 0.0708 0.0923 0.0053  0.0094  0.0112  8   HYP B CB  
393  C CG  . HYP B 8  ? 0.0389 0.1123 0.1140 0.0052  0.0119  0.0329  8   HYP B CG  
394  C CD  . HYP B 8  ? 0.0467 0.1063 0.1177 0.0152  0.0158  0.0376  8   HYP B CD  
395  O OD1 . HYP B 8  ? 0.0506 0.1458 0.1138 0.0113  0.0195  0.0302  8   HYP B OD1 
403  N N   . GLY B 9  ? 0.0246 0.0634 0.0717 0.0121  0.0040  0.0017  9   GLY B N   
404  C CA  . GLY B 9  ? 0.0281 0.0710 0.0775 0.0090  0.0083  0.0139  9   GLY B CA  
405  C C   . GLY B 9  ? 0.0303 0.0748 0.0921 0.0190  0.0026  -0.0003 9   GLY B C   
406  O O   . GLY B 9  ? 0.0301 0.0675 0.1070 0.0079  -0.0070 0.0048  9   GLY B O   
410  N N   . PRO B 10 ? 0.0275 0.0769 0.0845 0.0170  0.0008  -0.0049 10  PRO B N   
411  C CA  . PRO B 10 ? 0.0247 0.0691 0.0893 0.0062  -0.0025 -0.0096 10  PRO B CA  
412  C C   . PRO B 10 ? 0.0285 0.0600 0.0919 0.0124  0.0008  -0.0102 10  PRO B C   
413  O O   . PRO B 10 ? 0.0333 0.0579 0.1147 0.0082  -0.0117 -0.0134 10  PRO B O   
414  C CB  . PRO B 10 ? 0.0420 0.0941 0.0831 0.0230  -0.0060 -0.0244 10  PRO B CB  
415  C CG  . PRO B 10 ? 0.0427 0.0993 0.0848 0.0213  -0.0014 -0.0068 10  PRO B CG  
416  C CD  . PRO B 10 ? 0.0311 0.0853 0.0809 0.0215  -0.0008 -0.0036 10  PRO B CD  
424  N N   . ARG B 11 ? 0.0312 0.0640 0.1093 0.0110  -0.0047 -0.0010 11  ARG B N   
425  C CA  . ARG B 11 ? 0.0271 0.1003 0.1015 0.0088  -0.0055 0.0006  11  ARG B CA  
426  C C   . ARG B 11 ? 0.0254 0.0818 0.0895 0.0120  -0.0047 0.0004  11  ARG B C   
427  O O   . ARG B 11 ? 0.0306 0.0639 0.1024 0.0136  0.0004  0.0007  11  ARG B O   
428  C CB  . ARG B 11 ? 0.0417 0.1224 0.1349 0.0253  -0.0046 0.0030  11  ARG B CB  
429  C CG  . ARG B 11 ? 0.0573 0.0883 0.1486 0.0300  -0.0094 -0.0160 11  ARG B CG  
430  C CD  . ARG B 11 ? 0.0469 0.0912 0.1532 0.0148  -0.0174 -0.0241 11  ARG B CD  
431  N NE  . ARG B 11 ? 0.0566 0.0870 0.1664 0.0226  -0.0186 -0.0183 11  ARG B NE  
432  C CZ  . ARG B 11 ? 0.0713 0.0936 0.1784 0.0345  -0.0058 -0.0017 11  ARG B CZ  
433  N NH1 . ARG B 11 ? 0.0864 0.0771 0.1784 0.0358  -0.0076 -0.0115 11  ARG B NH1 
434  N NH2 . ARG B 11 ? 0.0627 0.1007 0.1909 0.0088  -0.0011 0.0226  11  ARG B NH2 
448  C C   . XZA B 12 ? 0.0240 0.0774 0.0647 0.0127  -0.0026 -0.0083 12  XZA B C   
449  O O   . XZA B 12 ? 0.0214 0.0689 0.0697 0.0112  0.0033  -0.0037 12  XZA B O   
450  N NA  . XZA B 12 ? 0.0332 0.0712 0.0874 0.0153  -0.0156 -0.0007 12  XZA B NA  
451  N N   . XZA B 12 ? 0.0269 0.0566 0.0794 0.0068  -0.0103 -0.0031 12  XZA B N   
454  N N   . PRO B 13 ? 0.0194 0.0721 0.0727 0.0069  0.0012  -0.0005 13  PRO B N   
455  C CA  . PRO B 13 ? 0.0315 0.0834 0.0622 0.0178  0.0077  -0.0063 13  PRO B CA  
456  C C   . PRO B 13 ? 0.0220 0.0703 0.0807 0.0066  -0.0021 -0.0058 13  PRO B C   
457  O O   . PRO B 13 ? 0.0275 0.0645 0.0834 0.0086  -0.0015 -0.0052 13  PRO B O   
458  C CB  . PRO B 13 ? 0.0400 0.0953 0.0797 0.0265  0.0110  0.0034  13  PRO B CB  
459  C CG  . PRO B 13 ? 0.0399 0.0896 0.0990 0.0249  0.0094  0.0156  13  PRO B CG  
460  C CD  . PRO B 13 ? 0.0326 0.0865 0.0959 0.0208  0.0029  0.0057  13  PRO B CD  
468  N N   . HYP B 14 ? 0.0267 0.0919 0.0694 0.0111  0.0076  -0.0012 14  HYP B N   
469  C CA  . HYP B 14 ? 0.0229 0.0576 0.0828 -0.0061 0.0039  0.0081  14  HYP B CA  
470  C C   . HYP B 14 ? 0.0209 0.0507 0.0725 0.0022  0.0098  0.0051  14  HYP B C   
471  O O   . HYP B 14 ? 0.0299 0.0717 0.0667 0.0056  0.0204  0.0066  14  HYP B O   
472  C CB  . HYP B 14 ? 0.0245 0.0945 0.0873 0.0045  -0.0037 0.0014  14  HYP B CB  
473  C CG  . HYP B 14 ? 0.0303 0.1024 0.0798 0.0055  0.0082  0.0062  14  HYP B CG  
474  C CD  . HYP B 14 ? 0.0373 0.0998 0.0780 0.0121  0.0203  0.0151  14  HYP B CD  
475  O OD1 . HYP B 14 ? 0.0445 0.0958 0.0682 0.0223  0.0155  -0.0146 14  HYP B OD1 
483  N N   . GLY B 15 ? 0.0229 0.0466 0.0739 0.0072  0.0099  0.0078  15  GLY B N   
484  C CA  . GLY B 15 ? 0.0211 0.0485 0.0705 0.0005  0.0095  0.0108  15  GLY B CA  
485  C C   . GLY B 15 ? 0.0188 0.0669 0.0725 -0.0001 0.0042  0.0012  15  GLY B C   
486  O O   . GLY B 15 ? 0.0262 0.0779 0.0777 0.0113  0.0091  0.0107  15  GLY B O   
490  N N   . PRO B 16 ? 0.0355 0.0469 0.1172 0.0102  0.0021  -0.0021 16  PRO B N   
491  C CA  . PRO B 16 ? 0.0549 0.0718 0.1095 0.0280  0.0100  -0.0053 16  PRO B CA  
492  C C   . PRO B 16 ? 0.0466 0.0626 0.0850 0.0285  0.0125  -0.0004 16  PRO B C   
493  O O   . PRO B 16 ? 0.0305 0.0758 0.0734 0.0126  0.0089  0.0091  16  PRO B O   
494  C CB  . PRO B 16 ? 0.0772 0.0873 0.1433 0.0301  -0.0008 -0.0150 16  PRO B CB  
495  C CG  . PRO B 16 ? 0.0966 0.0978 0.1418 0.0307  -0.0015 -0.0098 16  PRO B CG  
496  C CD  . PRO B 16 ? 0.0564 0.0657 0.1308 0.0159  0.0052  -0.0056 16  PRO B CD  
504  N N   . HYP B 17 ? 0.0480 0.0884 0.0856 0.0305  0.0176  0.0200  17  HYP B N   
505  C CA  . HYP B 17 ? 0.0420 0.0989 0.0864 0.0263  0.0121  0.0220  17  HYP B CA  
506  C C   . HYP B 17 ? 0.0389 0.1033 0.0862 0.0255  0.0079  0.0120  17  HYP B C   
507  O O   . HYP B 17 ? 0.0413 0.1008 0.0968 0.0265  0.0091  0.0163  17  HYP B O   
508  C CB  . HYP B 17 ? 0.0601 0.1393 0.1005 0.0391  0.0117  0.0362  17  HYP B CB  
509  C CG  . HYP B 17 ? 0.0758 0.1572 0.1096 0.0462  0.0198  0.0512  17  HYP B CG  
510  C CD  . HYP B 17 ? 0.0710 0.1134 0.1144 0.0438  0.0173  0.0384  17  HYP B CD  
511  O OD1 . HYP B 17 ? 0.0886 0.2058 0.1147 0.0548  0.0144  0.0537  17  HYP B OD1 
519  N N   . GLY B 18 ? 0.0380 0.0852 0.0886 0.0272  0.0064  -0.0047 18  GLY B N   
520  C CA  . GLY B 18 ? 0.0382 0.0959 0.0819 0.0268  0.0062  -0.0036 18  GLY B CA  
521  C C   . GLY B 18 ? 0.0493 0.1051 0.0916 0.0327  0.0119  0.0158  18  GLY B C   
522  O O   . GLY B 18 ? 0.0584 0.1061 0.1061 0.0325  0.0168  0.0379  18  GLY B O   
526  N N   . PRO B 19 ? 0.0652 0.1209 0.0904 0.0444  0.0198  0.0221  19  PRO B N   
527  C CA  . PRO B 19 ? 0.0834 0.1445 0.0948 0.0568  0.0244  0.0262  19  PRO B CA  
528  C C   . PRO B 19 ? 0.0679 0.1311 0.1080 0.0426  0.0268  0.0363  19  PRO B C   
529  O O   . PRO B 19 ? 0.0550 0.1561 0.1202 0.0291  0.0134  0.0380  19  PRO B O   
530  C CB  . PRO B 19 ? 0.1015 0.1860 0.0970 0.0694  0.0287  0.0339  19  PRO B CB  
531  C CG  . PRO B 19 ? 0.1034 0.1764 0.1041 0.0554  0.0243  0.0508  19  PRO B CG  
532  C CD  . PRO B 19 ? 0.0668 0.1451 0.0894 0.0414  0.0188  0.0334  19  PRO B CD  
540  N N   . HYP B 20 ? 0.0760 0.1549 0.1709 0.0356  0.0240  0.0732  20  HYP B N   
541  C CA  . HYP B 20 ? 0.0937 0.2064 0.1940 0.0496  0.0199  0.0809  20  HYP B CA  
542  C C   . HYP B 20 ? 0.0878 0.2331 0.1997 0.0423  0.0169  0.0773  20  HYP B C   
543  O O   . HYP B 20 ? 0.0799 0.2237 0.1909 0.0424  0.0169  0.0521  20  HYP B O   
544  C CB  . HYP B 20 ? 0.1090 0.2085 0.2063 0.0555  0.0321  0.1007  20  HYP B CB  
545  C CG  . HYP B 20 ? 0.1215 0.1876 0.2054 0.0532  0.0335  0.0994  20  HYP B CG  
546  C CD  . HYP B 20 ? 0.1181 0.1636 0.1894 0.0597  0.0339  0.0820  20  HYP B CD  
547  O OD1 . HYP B 20 ? 0.1416 0.1958 0.2125 0.0674  0.0357  0.1018  20  HYP B OD1 
555  N N   . GLY B 21 ? 0.0902 0.2474 0.1953 0.0408  0.0259  0.0835  21  GLY B N   
556  C CA  . GLY B 21 ? 0.0873 0.2303 0.2059 0.0319  0.0293  0.0882  21  GLY B CA  
557  C C   . GLY B 21 ? 0.0783 0.1927 0.2292 0.0136  0.0224  0.0824  21  GLY B C   
558  O O   . GLY B 21 ? 0.0865 0.1827 0.2606 0.0208  0.0199  0.0959  21  GLY B O   
562  N N   . PRO B 22 ? 0.0840 0.1735 0.2113 0.0059  0.0186  0.0458  22  PRO B N   
563  C CA  . PRO B 22 ? 0.1014 0.1798 0.2341 0.0189  0.0160  0.0262  22  PRO B CA  
564  C C   . PRO B 22 ? 0.0996 0.1855 0.2926 0.0309  0.0091  0.0102  22  PRO B C   
565  O O   . PRO B 22 ? 0.1008 0.2273 0.2915 0.0314  -0.0050 0.0175  22  PRO B O   
566  C CB  . PRO B 22 ? 0.1131 0.1814 0.2104 0.0153  0.0193  0.0286  22  PRO B CB  
567  C CG  . PRO B 22 ? 0.1085 0.1692 0.1867 0.0231  0.0340  0.0303  22  PRO B CG  
568  C CD  . PRO B 22 ? 0.0911 0.1704 0.1823 0.0061  0.0268  0.0398  22  PRO B CD  
576  N N   . HYP B 23 ? 0.1262 0.1770 0.3641 0.0390  0.0070  0.0012  23  HYP B N   
577  C CA  . HYP B 23 ? 0.1284 0.1846 0.3878 0.0385  0.0122  0.0067  23  HYP B CA  
578  C C   . HYP B 23 ? 0.1155 0.1995 0.3658 0.0222  0.0222  0.0145  23  HYP B C   
579  O O   . HYP B 23 ? 0.1253 0.1956 0.3375 0.0196  0.0315  0.0035  23  HYP B O   
580  C CB  . HYP B 23 ? 0.1824 0.2210 0.4177 0.0687  -0.0002 0.0036  23  HYP B CB  
581  C CG  . HYP B 23 ? 0.2256 0.2409 0.4341 0.0754  -0.0154 -0.0002 23  HYP B CG  
582  C CD  . HYP B 23 ? 0.1803 0.2021 0.4042 0.0677  0.0000  -0.0063 23  HYP B CD  
583  O OD1 . HYP B 23 ? 0.2807 0.2747 0.4658 0.0724  -0.0421 0.0022  23  HYP B OD1 
591  N N   . GLY B 24 ? 0.1211 0.2051 0.3602 0.0224  0.0206  0.0191  24  GLY B N   
592  C CA  . GLY B 24 ? 0.1197 0.2153 0.3662 0.0223  0.0181  0.0290  24  GLY B CA  
593  C C   . GLY B 24 ? 0.1412 0.2607 0.3851 0.0370  0.0137  0.0553  24  GLY B C   
594  O O   . GLY B 24 ? 0.1665 0.2860 0.4100 0.0698  0.0199  0.0797  24  GLY B O   
598  N N   . NH2 B 25 ? 0.1377 0.2796 0.3777 0.0330  0.0041  0.0477  25  NH2 B N   
599  N N   . PRO C 1  ? 0.3111 0.2870 0.3927 0.0883  0.0274  0.0823  1   PRO C N   
600  C CA  . PRO C 1  ? 0.2773 0.2912 0.3528 0.0857  0.0233  0.0677  1   PRO C CA  
601  C C   . PRO C 1  ? 0.2054 0.2696 0.2838 0.0909  0.0210  0.0394  1   PRO C C   
602  O O   . PRO C 1  ? 0.1722 0.2862 0.2908 0.0987  0.0277  0.0587  1   PRO C O   
603  C CB  . PRO C 1  ? 0.3209 0.3374 0.3903 0.0835  0.0141  0.0901  1   PRO C CB  
604  C CG  . PRO C 1  ? 0.3429 0.3412 0.4149 0.0875  0.0149  0.0987  1   PRO C CG  
605  C CD  . PRO C 1  ? 0.3402 0.3116 0.4122 0.0897  0.0221  0.0917  1   PRO C CD  
615  N N   . HYP C 2  ? 0.1749 0.2329 0.2223 0.0795  0.0073  0.0049  2   HYP C N   
616  C CA  . HYP C 2  ? 0.1385 0.1881 0.2009 0.0661  0.0030  0.0009  2   HYP C CA  
617  C C   . HYP C 2  ? 0.0927 0.1678 0.1650 0.0553  0.0086  0.0122  2   HYP C C   
618  O O   . HYP C 2  ? 0.0935 0.1788 0.1690 0.0582  0.0299  0.0449  2   HYP C O   
619  C CB  . HYP C 2  ? 0.1657 0.1822 0.2006 0.0821  0.0052  -0.0197 2   HYP C CB  
620  C CG  . HYP C 2  ? 0.2031 0.2253 0.2085 0.0984  0.0037  -0.0141 2   HYP C CG  
621  C CD  . HYP C 2  ? 0.2003 0.2487 0.2142 0.0940  0.0026  -0.0033 2   HYP C CD  
622  O OD1 . HYP C 2  ? 0.2287 0.2557 0.2233 0.1145  0.0014  -0.0038 2   HYP C OD1 
630  N N   . GLY C 3  ? 0.0618 0.1356 0.1344 0.0458  0.0062  -0.0003 3   GLY C N   
631  C CA  . GLY C 3  ? 0.0556 0.1317 0.1244 0.0353  -0.0041 0.0032  3   GLY C CA  
632  C C   . GLY C 3  ? 0.0524 0.1164 0.0954 0.0343  0.0066  -0.0017 3   GLY C C   
633  O O   . GLY C 3  ? 0.0669 0.1203 0.1169 0.0236  -0.0002 0.0073  3   GLY C O   
637  N N   . PRO C 4  ? 0.0371 0.1063 0.1054 0.0179  0.0089  0.0195  4   PRO C N   
638  C CA  . PRO C 4  ? 0.0412 0.0975 0.1107 0.0239  0.0002  0.0188  4   PRO C CA  
639  C C   . PRO C 4  ? 0.0390 0.0834 0.0988 0.0234  -0.0002 0.0174  4   PRO C C   
640  O O   . PRO C 4  ? 0.0365 0.1099 0.0904 0.0121  -0.0001 0.0325  4   PRO C O   
641  C CB  . PRO C 4  ? 0.0459 0.1037 0.1489 0.0015  -0.0007 0.0493  4   PRO C CB  
642  C CG  . PRO C 4  ? 0.0625 0.1267 0.1450 -0.0060 -0.0089 0.0480  4   PRO C CG  
643  C CD  . PRO C 4  ? 0.0387 0.1004 0.1285 -0.0096 -0.0011 0.0297  4   PRO C CD  
651  N N   . HYP C 5  ? 0.0307 0.0902 0.0888 0.0161  0.0025  0.0139  5   HYP C N   
652  C CA  . HYP C 5  ? 0.0276 0.0945 0.0943 0.0119  -0.0057 0.0045  5   HYP C CA  
653  C C   . HYP C 5  ? 0.0267 0.0823 0.0879 0.0165  0.0002  0.0006  5   HYP C C   
654  O O   . HYP C 5  ? 0.0382 0.1118 0.0867 0.0172  0.0029  0.0097  5   HYP C O   
655  C CB  . HYP C 5  ? 0.0392 0.1022 0.0942 0.0203  -0.0188 -0.0073 5   HYP C CB  
656  C CG  . HYP C 5  ? 0.0496 0.1060 0.1010 0.0248  -0.0124 -0.0032 5   HYP C CG  
657  C CD  . HYP C 5  ? 0.0434 0.1130 0.0934 0.0251  -0.0018 0.0094  5   HYP C CD  
658  O OD1 . HYP C 5  ? 0.0738 0.1287 0.1165 0.0408  -0.0103 -0.0070 5   HYP C OD1 
666  N N   . GLY C 6  ? 0.0263 0.0826 0.0849 0.0131  0.0046  0.0064  6   GLY C N   
667  C CA  . GLY C 6  ? 0.0320 0.1011 0.0799 0.0167  0.0066  0.0128  6   GLY C CA  
668  C C   . GLY C 6  ? 0.0362 0.0883 0.0801 0.0224  -0.0019 -0.0079 6   GLY C C   
669  O O   . GLY C 6  ? 0.0283 0.0728 0.0818 0.0099  -0.0053 -0.0061 6   GLY C O   
673  N N   . PRO C 7  ? 0.0367 0.1205 0.0884 0.0200  -0.0011 -0.0107 7   PRO C N   
674  C CA  . PRO C 7  ? 0.0412 0.1291 0.0933 0.0185  -0.0007 -0.0156 7   PRO C CA  
675  C C   . PRO C 7  ? 0.0246 0.0941 0.0838 0.0034  0.0057  -0.0030 7   PRO C C   
676  O O   . PRO C 7  ? 0.0244 0.0878 0.0858 0.0067  0.0055  -0.0051 7   PRO C O   
677  C CB  . PRO C 7  ? 0.0678 0.1544 0.1038 0.0150  -0.0066 -0.0121 7   PRO C CB  
678  C CG  . PRO C 7  ? 0.0893 0.1498 0.0812 0.0071  0.0128  0.0025  7   PRO C CG  
679  C CD  . PRO C 7  ? 0.0451 0.1432 0.0765 0.0123  0.0076  -0.0080 7   PRO C CD  
687  N N   . HYP C 8  ? 0.0277 0.0923 0.0989 0.0030  0.0020  0.0056  8   HYP C N   
688  C CA  . HYP C 8  ? 0.0264 0.0798 0.0894 0.0066  -0.0032 -0.0064 8   HYP C CA  
689  C C   . HYP C 8  ? 0.0292 0.0854 0.0756 0.0131  0.0046  -0.0167 8   HYP C C   
690  O O   . HYP C 8  ? 0.0311 0.1208 0.0844 0.0017  0.0008  -0.0110 8   HYP C O   
691  C CB  . HYP C 8  ? 0.0297 0.0888 0.0908 0.0183  0.0045  -0.0043 8   HYP C CB  
692  C CG  . HYP C 8  ? 0.0335 0.1010 0.1080 0.0193  0.0072  0.0013  8   HYP C CG  
693  C CD  . HYP C 8  ? 0.0372 0.1008 0.1030 0.0091  0.0052  0.0031  8   HYP C CD  
694  O OD1 . HYP C 8  ? 0.0292 0.0973 0.1118 0.0080  -0.0034 0.0000  8   HYP C OD1 
702  N N   . GLY C 9  ? 0.0325 0.0904 0.0614 0.0128  0.0066  -0.0215 9   GLY C N   
703  C CA  . GLY C 9  ? 0.0270 0.0922 0.0822 0.0127  0.0067  -0.0014 9   GLY C CA  
704  C C   . GLY C 9  ? 0.0209 0.0749 0.0710 0.0038  -0.0067 -0.0043 9   GLY C C   
705  O O   . GLY C 9  ? 0.0252 0.0782 0.0752 0.0132  -0.0080 -0.0015 9   GLY C O   
709  N N   . PRO C 10 ? 0.0286 0.0700 0.0747 0.0170  -0.0005 0.0022  10  PRO C N   
710  C CA  . PRO C 10 ? 0.0265 0.0907 0.0674 0.0126  -0.0030 -0.0081 10  PRO C CA  
711  C C   . PRO C 10 ? 0.0344 0.0554 0.0764 0.0034  -0.0047 -0.0046 10  PRO C C   
712  O O   . PRO C 10 ? 0.0349 0.0568 0.0854 0.0147  -0.0051 -0.0055 10  PRO C O   
713  C CB  . PRO C 10 ? 0.0364 0.1202 0.0698 0.0209  0.0014  0.0060  10  PRO C CB  
714  C CG  . PRO C 10 ? 0.0435 0.1182 0.0892 0.0251  0.0085  0.0283  10  PRO C CG  
715  C CD  . PRO C 10 ? 0.0367 0.0889 0.0792 0.0249  0.0032  0.0137  10  PRO C CD  
723  N N   . ARG C 11 ? 0.0319 0.0715 0.0671 0.0089  -0.0010 -0.0083 11  ARG C N   
724  C CA  . ARG C 11 ? 0.0318 0.0705 0.0736 0.0212  0.0106  -0.0037 11  ARG C CA  
725  C C   . ARG C 11 ? 0.0246 0.0809 0.0868 0.0089  0.0074  0.0017  11  ARG C C   
726  O O   . ARG C 11 ? 0.0328 0.1043 0.0954 0.0026  0.0034  0.0119  11  ARG C O   
727  C CB  . ARG C 11 ? 0.0562 0.1008 0.0902 0.0391  0.0138  0.0050  11  ARG C CB  
728  C CG  . ARG C 11 ? 0.0629 0.0881 0.0839 0.0280  0.0076  0.0000  11  ARG C CG  
729  C CD  . ARG C 11 ? 0.0621 0.0772 0.1073 0.0245  -0.0029 0.0001  11  ARG C CD  
730  N NE  . ARG C 11 ? 0.0621 0.0833 0.1091 0.0097  -0.0123 0.0044  11  ARG C NE  
731  C CZ  . ARG C 11 ? 0.0608 0.0834 0.1072 0.0067  -0.0152 0.0019  11  ARG C CZ  
732  N NH1 . ARG C 11 ? 0.0895 0.0887 0.0881 0.0357  -0.0182 -0.0221 11  ARG C NH1 
733  N NH2 . ARG C 11 ? 0.0572 0.1043 0.0862 -0.0036 -0.0119 0.0016  11  ARG C NH2 
747  C C   . XZA C 12 ? 0.0325 0.1061 0.0989 0.0097  -0.0072 0.0157  12  XZA C C   
748  O O   . XZA C 12 ? 0.0337 0.0967 0.1127 0.0173  -0.0045 0.0059  12  XZA C O   
749  N NA  . XZA C 12 ? 0.0259 0.0938 0.0954 0.0109  -0.0037 0.0006  12  XZA C NA  
750  N N   . XZA C 12 ? 0.0247 0.0912 0.0938 0.0082  0.0025  0.0001  12  XZA C N   
753  N N   . PRO C 13 ? 0.0318 0.1053 0.1053 0.0085  -0.0082 0.0123  13  PRO C N   
754  C CA  . PRO C 13 ? 0.0378 0.1157 0.1215 -0.0018 -0.0091 0.0271  13  PRO C CA  
755  C C   . PRO C 13 ? 0.0472 0.1360 0.0976 0.0128  -0.0014 0.0208  13  PRO C C   
756  O O   . PRO C 13 ? 0.0410 0.0919 0.0925 0.0056  -0.0005 0.0177  13  PRO C O   
757  C CB  . PRO C 13 ? 0.0697 0.1189 0.1587 0.0136  -0.0129 0.0429  13  PRO C CB  
758  C CG  . PRO C 13 ? 0.0545 0.1152 0.1635 0.0032  -0.0191 0.0404  13  PRO C CG  
759  C CD  . PRO C 13 ? 0.0431 0.1100 0.1335 0.0122  -0.0135 0.0248  13  PRO C CD  
767  N N   . HYP C 14 ? 0.0444 0.1593 0.0865 0.0123  0.0052  0.0151  14  HYP C N   
768  C CA  . HYP C 14 ? 0.0428 0.1365 0.0817 0.0186  0.0087  -0.0090 14  HYP C CA  
769  C C   . HYP C 14 ? 0.0355 0.0998 0.0802 0.0220  0.0087  -0.0052 14  HYP C C   
770  O O   . HYP C 14 ? 0.0408 0.1107 0.1012 0.0284  0.0033  0.0042  14  HYP C O   
771  C CB  . HYP C 14 ? 0.0492 0.1897 0.1138 0.0057  0.0084  0.0102  14  HYP C CB  
772  C CG  . HYP C 14 ? 0.0707 0.2589 0.1237 0.0017  0.0070  0.0272  14  HYP C CG  
773  C CD  . HYP C 14 ? 0.0559 0.2010 0.1159 -0.0068 0.0063  0.0395  14  HYP C CD  
774  O OD1 . HYP C 14 ? 0.0948 0.3615 0.1215 0.0291  0.0036  0.0129  14  HYP C OD1 
782  N N   . GLY C 15 ? 0.0247 0.0829 0.0887 0.0104  -0.0056 0.0012  15  GLY C N   
783  C CA  . GLY C 15 ? 0.0260 0.0691 0.0852 0.0107  0.0020  0.0132  15  GLY C CA  
784  C C   . GLY C 15 ? 0.0283 0.0670 0.0732 0.0194  0.0072  -0.0001 15  GLY C C   
785  O O   . GLY C 15 ? 0.0347 0.0833 0.0728 0.0214  0.0136  0.0074  15  GLY C O   
789  N N   . PRO C 16 ? 0.0263 0.0816 0.0838 0.0148  0.0071  -0.0027 16  PRO C N   
790  C CA  . PRO C 16 ? 0.0300 0.0987 0.1062 0.0145  0.0003  -0.0028 16  PRO C CA  
791  C C   . PRO C 16 ? 0.0261 0.0760 0.0850 0.0141  0.0055  -0.0038 16  PRO C C   
792  O O   . PRO C 16 ? 0.0351 0.0572 0.0810 0.0064  0.0017  -0.0025 16  PRO C O   
793  C CB  . PRO C 16 ? 0.0635 0.1277 0.1107 0.0246  -0.0162 -0.0407 16  PRO C CB  
794  C CG  . PRO C 16 ? 0.1008 0.1283 0.1099 -0.0151 -0.0196 0.0047  16  PRO C CG  
795  C CD  . PRO C 16 ? 0.0476 0.1075 0.0810 0.0071  0.0043  -0.0077 16  PRO C CD  
803  N N   . HYP C 17 ? 0.0300 0.0669 0.0962 0.0113  0.0121  0.0071  17  HYP C N   
804  C CA  . HYP C 17 ? 0.0229 0.0781 0.0878 0.0064  0.0015  0.0001  17  HYP C CA  
805  C C   . HYP C 17 ? 0.0253 0.0792 0.0846 0.0072  -0.0026 0.0031  17  HYP C C   
806  O O   . HYP C 17 ? 0.0417 0.1095 0.0661 0.0176  -0.0126 -0.0092 17  HYP C O   
807  C CB  . HYP C 17 ? 0.0343 0.0982 0.0912 0.0106  0.0101  0.0166  17  HYP C CB  
808  C CG  . HYP C 17 ? 0.0496 0.1021 0.1082 0.0169  0.0104  0.0233  17  HYP C CG  
809  C CD  . HYP C 17 ? 0.0591 0.0801 0.1112 0.0241  0.0149  0.0113  17  HYP C CD  
810  O OD1 . HYP C 17 ? 0.0448 0.1034 0.1219 0.0151  0.0165  0.0434  17  HYP C OD1 
818  N N   . GLY C 18 ? 0.0363 0.0659 0.0658 0.0204  0.0009  -0.0053 18  GLY C N   
819  C CA  . GLY C 18 ? 0.0328 0.0761 0.0678 0.0219  0.0104  0.0002  18  GLY C CA  
820  C C   . GLY C 18 ? 0.0446 0.1025 0.0663 0.0260  0.0123  -0.0015 18  GLY C C   
821  O O   . GLY C 18 ? 0.0483 0.0810 0.0925 0.0212  0.0096  -0.0088 18  GLY C O   
825  N N   . PRO C 19 ? 0.0345 0.1195 0.0617 0.0135  0.0077  0.0033  19  PRO C N   
826  C CA  . PRO C 19 ? 0.0476 0.1211 0.0693 0.0215  0.0015  -0.0140 19  PRO C CA  
827  C C   . PRO C 19 ? 0.0408 0.1288 0.0838 0.0141  -0.0022 -0.0086 19  PRO C C   
828  O O   . PRO C 19 ? 0.0402 0.1228 0.0792 0.0139  -0.0094 -0.0128 19  PRO C O   
829  C CB  . PRO C 19 ? 0.0529 0.1600 0.0799 0.0299  0.0005  -0.0025 19  PRO C CB  
830  C CG  . PRO C 19 ? 0.0583 0.1897 0.0907 0.0308  0.0034  0.0296  19  PRO C CG  
831  C CD  . PRO C 19 ? 0.0474 0.1507 0.0835 0.0264  -0.0004 0.0188  19  PRO C CD  
839  N N   . HYP C 20 ? 0.0385 0.1375 0.1008 0.0101  0.0014  -0.0219 20  HYP C N   
840  C CA  . HYP C 20 ? 0.0444 0.1485 0.1050 0.0214  -0.0001 -0.0191 20  HYP C CA  
841  C C   . HYP C 20 ? 0.0484 0.1573 0.0904 0.0265  0.0045  0.0040  20  HYP C C   
842  O O   . HYP C 20 ? 0.0623 0.1936 0.1269 0.0346  0.0031  0.0309  20  HYP C O   
843  C CB  . HYP C 20 ? 0.0497 0.1832 0.1361 0.0099  -0.0085 -0.0018 20  HYP C CB  
844  C CG  . HYP C 20 ? 0.0673 0.1924 0.1293 0.0021  -0.0131 -0.0140 20  HYP C CG  
845  C CD  . HYP C 20 ? 0.0622 0.1736 0.1149 0.0086  -0.0031 -0.0157 20  HYP C CD  
846  O OD1 . HYP C 20 ? 0.0938 0.1916 0.1360 0.0104  -0.0035 -0.0204 20  HYP C OD1 
854  N N   . GLY C 21 ? 0.0602 0.1708 0.0931 0.0403  0.0062  0.0174  21  GLY C N   
855  C CA  . GLY C 21 ? 0.0591 0.1620 0.1072 0.0384  0.0116  0.0248  21  GLY C CA  
856  C C   . GLY C 21 ? 0.0659 0.1895 0.1379 0.0304  0.0052  0.0488  21  GLY C C   
857  O O   . GLY C 21 ? 0.0653 0.2134 0.1319 0.0237  -0.0059 0.0447  21  GLY C O   
861  N N   . PRO C 22 ? 0.0850 0.1890 0.1697 0.0456  0.0085  0.0636  22  PRO C N   
862  C CA  . PRO C 22 ? 0.1073 0.2049 0.2046 0.0477  0.0069  0.0924  22  PRO C CA  
863  C C   . PRO C 22 ? 0.1078 0.2298 0.2085 0.0308  -0.0018 0.1050  22  PRO C C   
864  O O   . PRO C 22 ? 0.0863 0.2135 0.1939 0.0269  0.0060  0.0998  22  PRO C O   
865  C CB  . PRO C 22 ? 0.1386 0.2004 0.2404 0.0547  0.0043  0.1034  22  PRO C CB  
866  C CG  . PRO C 22 ? 0.1698 0.2125 0.2214 0.0683  0.0030  0.0930  22  PRO C CG  
867  C CD  . PRO C 22 ? 0.1425 0.1989 0.1925 0.0621  0.0054  0.0750  22  PRO C CD  
875  N N   . HYP C 23 ? 0.1408 0.2602 0.2237 0.0070  -0.0270 0.1187  23  HYP C N   
876  C CA  . HYP C 23 ? 0.1567 0.2757 0.2398 0.0130  -0.0344 0.1153  23  HYP C CA  
877  C C   . HYP C 23 ? 0.1324 0.2466 0.2622 0.0176  -0.0266 0.1072  23  HYP C C   
878  O O   . HYP C 23 ? 0.1075 0.2230 0.2897 0.0117  -0.0185 0.1080  23  HYP C O   
879  C CB  . HYP C 23 ? 0.2007 0.3054 0.2337 0.0152  -0.0468 0.1191  23  HYP C CB  
880  C CG  . HYP C 23 ? 0.2249 0.3239 0.2453 0.0188  -0.0561 0.1263  23  HYP C CG  
881  C CD  . HYP C 23 ? 0.1786 0.2853 0.2331 0.0035  -0.0416 0.1288  23  HYP C CD  
882  O OD1 . HYP C 23 ? 0.2772 0.3717 0.2625 0.0257  -0.0720 0.1345  23  HYP C OD1 
890  N N   . GLY C 24 ? 0.1426 0.2627 0.2588 0.0436  -0.0170 0.1059  24  GLY C N   
891  C CA  . GLY C 24 ? 0.1520 0.2895 0.2644 0.0659  -0.0097 0.1040  24  GLY C CA  
892  C C   . GLY C 24 ? 0.1591 0.3161 0.2779 0.0787  -0.0146 0.0972  24  GLY C C   
893  O O   . GLY C 24 ? 0.1773 0.3403 0.2950 0.0955  -0.0188 0.1034  24  GLY C O   
897  N N   . NH2 C 25 ? 0.1412 0.3211 0.2826 0.0682  -0.0154 0.0965  25  NH2 C N   
898  S S   . SO4 D .  ? 0.0549 0.1308 0.1367 0.0207  -0.0005 0.0019  101 SO4 C S   
899  O O1  . SO4 D .  ? 0.0965 0.1904 0.1795 0.0286  0.0031  0.0313  101 SO4 C O1  
900  O O2  . SO4 D .  ? 0.0559 0.1264 0.1685 0.0109  -0.0201 -0.0014 101 SO4 C O2  
901  O O3  . SO4 D .  ? 0.0915 0.1254 0.1509 0.0343  -0.0119 0.0047  101 SO4 C O3  
902  O O4  . SO4 D .  ? 0.1087 0.1281 0.1298 0.0169  -0.0053 0.0019  101 SO4 C O4  
903  O O   . HOH E .  ? 0.3802 0.3802 0.3802 0.0000  0.0000  0.0000  101 HOH A O   
904  O O   . HOH E .  ? 0.0798 0.1726 0.1572 0.0198  0.0147  0.0137  102 HOH A O   
905  O O   . HOH E .  ? 0.2009 0.1384 0.1823 0.0202  -0.0901 -0.0251 103 HOH A O   
906  O O   . HOH E .  ? 0.0585 0.1218 0.1026 -0.0045 -0.0054 -0.0108 104 HOH A O   
907  O O   . HOH E .  ? 0.0658 0.1900 0.1697 0.0080  0.0041  -0.0747 105 HOH A O   
908  O O   . HOH E .  ? 0.0961 0.1089 0.1281 0.0141  -0.0203 0.0306  106 HOH A O   
909  O O   . HOH E .  ? 0.1197 0.1294 0.1302 0.0665  -0.0331 -0.0178 107 HOH A O   
910  O O   . HOH E .  ? 0.0369 0.0856 0.1293 0.0122  0.0110  0.0035  108 HOH A O   
911  O O   . HOH E .  ? 0.1667 0.2019 0.3343 -0.0081 -0.0364 0.0714  109 HOH A O   
912  O O   . HOH E .  ? 0.3802 0.3802 0.3802 0.0000  0.0000  0.0000  110 HOH A O   
913  O O   . HOH E .  ? 0.0633 0.1605 0.1857 0.0197  0.0222  -0.0354 111 HOH A O   
914  O O   . HOH E .  ? 0.1415 0.1528 0.1171 0.0674  0.0192  0.0303  112 HOH A O   
915  O O   . HOH E .  ? 0.1243 0.1721 0.1236 0.0473  0.0216  -0.0168 113 HOH A O   
916  O O   . HOH E .  ? 0.0970 0.2880 0.1167 0.0595  -0.0102 0.0080  114 HOH A O   
917  O O   . HOH E .  ? 0.1520 0.2244 0.3960 0.0376  -0.0234 0.1169  115 HOH A O   
918  O O   . HOH E .  ? 0.0722 0.1288 0.1080 0.0146  -0.0210 0.0201  116 HOH A O   
919  O O   . HOH E .  ? 0.2434 0.1911 0.1103 0.0536  -0.0219 -0.0168 117 HOH A O   
920  O O   . HOH E .  ? 0.0503 0.0918 0.1202 0.0203  -0.0107 0.0189  118 HOH A O   
921  O O   . HOH E .  ? 0.1254 0.1687 0.1019 0.0169  0.0029  -0.0277 119 HOH A O   
922  O O   . HOH E .  ? 0.1921 0.2688 0.2179 -0.0009 -0.0509 0.0828  120 HOH A O   
923  O O   . HOH E .  ? 0.0775 0.1608 0.2072 -0.0028 -0.0306 0.0764  121 HOH A O   
924  O O   . HOH E .  ? 0.1045 0.1400 0.1013 0.0439  0.0223  0.0324  122 HOH A O   
925  O O   . HOH E .  ? 0.0496 0.1015 0.1143 0.0119  0.0134  0.0264  123 HOH A O   
926  O O   . HOH E .  ? 0.0834 0.1983 0.2397 -0.0069 -0.0200 0.0591  124 HOH A O   
927  O O   . HOH E .  ? 0.0333 0.0824 0.0871 0.0210  0.0069  0.0035  125 HOH A O   
928  O O   . HOH E .  ? 0.1069 0.2803 0.1236 -0.0578 -0.0322 0.0241  126 HOH A O   
929  O O   . HOH E .  ? 0.5934 0.6206 0.5015 -0.0444 0.0161  0.0621  127 HOH A O   
930  O O   . HOH E .  ? 0.2175 0.1014 0.1864 0.0463  -0.0452 0.0250  128 HOH A O   
931  O O   . HOH E .  ? 0.4261 0.1726 0.3680 -0.0142 -0.0525 0.0596  129 HOH A O   
932  O O   . HOH E .  ? 0.0646 0.1406 0.1190 0.0050  0.0281  0.0042  130 HOH A O   
933  O O   . HOH E .  ? 0.4178 0.2338 0.2539 0.1236  -0.0477 -0.0791 131 HOH A O   
934  O O   . HOH E .  ? 0.2463 0.2724 0.4167 0.0579  -0.0063 0.0616  132 HOH A O   
935  O O   . HOH E .  ? 0.1362 0.2522 0.1380 -0.0575 -0.0465 0.0127  133 HOH A O   
936  O O   . HOH E .  ? 0.1887 0.1571 0.1350 0.0687  -0.0307 0.0013  134 HOH A O   
937  O O   . HOH E .  ? 0.0858 0.1300 0.1178 0.0495  -0.0307 -0.0315 135 HOH A O   
938  O O   . HOH E .  ? 0.0684 0.1716 0.1805 0.0062  -0.0396 0.0326  136 HOH A O   
939  O O   . HOH E .  ? 0.1140 0.1456 0.2467 0.0118  -0.0227 -0.0372 137 HOH A O   
940  O O   . HOH E .  ? 0.0890 0.1569 0.1279 0.0466  0.0421  0.0308  138 HOH A O   
941  O O   . HOH E .  ? 0.0665 0.1814 0.1959 0.0454  0.0129  -0.0045 139 HOH A O   
942  O O   . HOH E .  ? 0.1635 0.1852 0.2649 0.0233  -0.0051 0.0509  140 HOH A O   
943  O O   . HOH E .  ? 0.0915 0.1826 0.1275 0.0227  0.0062  0.0049  141 HOH A O   
944  O O   . HOH E .  ? 0.2486 0.3024 0.4933 0.0813  -0.0075 0.0714  142 HOH A O   
945  O O   . HOH E .  ? 0.4224 0.4675 0.2512 0.2314  -0.1255 -0.1164 143 HOH A O   
946  O O   . HOH E .  ? 0.0800 0.1859 0.1250 0.0168  -0.0014 -0.0028 144 HOH A O   
947  O O   . HOH E .  ? 0.1216 0.1464 0.1510 0.0021  -0.0098 -0.0053 145 HOH A O   
948  O O   A HOH E .  ? 0.0339 0.1092 0.0814 0.0129  -0.0050 0.0200  146 HOH A O   
949  O O   B HOH E .  ? 0.1147 0.1408 0.1096 0.0094  -0.0147 0.0013  146 HOH A O   
950  O O   . HOH E .  ? 0.0990 0.1132 0.0883 0.0307  0.0018  0.0037  147 HOH A O   
951  O O   . HOH E .  ? 0.1217 0.1482 0.1040 0.0120  -0.0088 0.0020  148 HOH A O   
952  O O   . HOH E .  ? 0.1430 0.1722 0.1056 0.0158  0.0429  -0.0207 149 HOH A O   
953  O O   . HOH E .  ? 0.0674 0.0931 0.0965 0.0074  0.0098  -0.0027 150 HOH A O   
954  O O   . HOH E .  ? 0.1846 0.2559 0.1801 0.0591  -0.0533 -0.0062 151 HOH A O   
955  O O   . HOH E .  ? 0.0748 0.2478 0.0978 0.0172  -0.0079 0.0201  152 HOH A O   
956  O O   . HOH E .  ? 0.1510 0.2671 0.2651 0.0196  -0.0108 0.0267  153 HOH A O   
957  O O   . HOH F .  ? 0.3953 0.3416 0.3693 0.1611  0.0657  -0.0624 101 HOH B O   
958  O O   . HOH F .  ? 0.3295 0.2237 0.5403 0.0043  0.1447  0.1160  102 HOH B O   
959  O O   . HOH F .  ? 0.1483 0.2156 0.5200 -0.0149 0.0688  -0.0533 103 HOH B O   
960  O O   . HOH F .  ? 0.1318 0.3101 0.1680 0.0530  0.0453  0.0175  104 HOH B O   
961  O O   . HOH F .  ? 0.2885 0.1751 0.3582 0.0145  -0.0650 0.0919  105 HOH B O   
962  O O   . HOH F .  ? 0.1087 0.3726 0.1349 0.0429  0.0121  0.0535  106 HOH B O   
963  O O   . HOH F .  ? 0.2051 0.3466 0.1504 0.1423  0.0475  0.0628  107 HOH B O   
964  O O   . HOH F .  ? 0.1497 0.2525 0.2259 0.0776  0.0783  0.1073  108 HOH B O   
965  O O   . HOH F .  ? 0.1801 0.2264 0.2015 0.0737  0.0645  0.0561  109 HOH B O   
966  O O   . HOH F .  ? 0.1227 0.1154 0.4362 0.0055  -0.0573 -0.0308 110 HOH B O   
967  O O   . HOH F .  ? 0.0393 0.1269 0.1018 0.0166  -0.0058 -0.0081 111 HOH B O   
968  O O   . HOH F .  ? 0.2555 0.3051 0.4925 0.1157  0.0666  0.1111  112 HOH B O   
969  O O   . HOH F .  ? 0.1847 0.2241 0.1945 0.1025  0.0145  0.0746  113 HOH B O   
970  O O   . HOH F .  ? 0.1835 0.3690 0.1591 0.0753  0.0030  0.0670  114 HOH B O   
971  O O   . HOH F .  ? 0.0646 0.1512 0.1130 0.0221  0.0033  0.0309  115 HOH B O   
972  O O   . HOH F .  ? 0.1440 0.1363 0.1840 0.0102  0.0184  0.0551  116 HOH B O   
973  O O   . HOH F .  ? 0.0803 0.1461 0.1740 0.0288  -0.0191 0.0081  117 HOH B O   
974  O O   . HOH F .  ? 0.0541 0.0841 0.0847 0.0305  0.0064  -0.0104 118 HOH B O   
975  O O   . HOH F .  ? 0.0638 0.1310 0.1376 0.0148  0.0106  0.0019  119 HOH B O   
976  O O   . HOH F .  ? 0.1689 0.1800 0.1199 0.0294  0.0013  0.0242  120 HOH B O   
977  O O   . HOH F .  ? 0.1297 0.2309 0.1596 0.0184  -0.0286 -0.0023 121 HOH B O   
978  O O   . HOH F .  ? 0.1176 0.1848 0.1548 0.0483  0.0141  0.0344  122 HOH B O   
979  O O   . HOH F .  ? 0.0874 0.1107 0.2015 -0.0177 0.0007  -0.0218 123 HOH B O   
980  O O   . HOH F .  ? 0.1644 0.1282 0.3203 0.0402  0.1163  0.0753  124 HOH B O   
981  O O   . HOH F .  ? 0.1181 0.2284 0.1209 0.0184  -0.0115 -0.0174 125 HOH B O   
982  O O   . HOH F .  ? 0.1662 0.2525 0.4151 -0.0509 -0.0436 0.1649  126 HOH B O   
983  O O   . HOH F .  ? 0.1926 0.2260 0.3317 0.0873  0.0888  -0.0094 127 HOH B O   
984  O O   . HOH F .  ? 0.3457 0.4075 0.2959 -0.1056 0.1067  0.0643  128 HOH B O   
985  O O   . HOH F .  ? 0.1086 0.1465 0.1176 -0.0084 -0.0509 0.0263  129 HOH B O   
986  O O   . HOH F .  ? 0.5028 0.3102 0.2209 0.1878  0.1072  0.0241  130 HOH B O   
987  O O   . HOH F .  ? 0.2835 0.3165 0.5585 0.0156  0.0600  -0.0084 131 HOH B O   
988  O O   . HOH F .  ? 0.1806 0.4551 0.2827 0.0156  -0.0510 -0.1434 132 HOH B O   
989  O O   . HOH F .  ? 0.2834 0.2710 0.4869 0.0857  0.1635  0.0793  133 HOH B O   
990  O O   . HOH F .  ? 0.2689 0.2855 0.2518 0.1533  0.0452  0.0656  134 HOH B O   
991  O O   . HOH F .  ? 0.2573 0.4251 0.1811 0.0859  -0.0190 -0.0256 135 HOH B O   
992  O O   . HOH F .  ? 0.2257 0.3099 0.4115 -0.0357 0.1553  -0.0938 136 HOH B O   
993  O O   . HOH F .  ? 0.1922 0.1910 0.2208 0.0610  -0.1116 -0.0303 137 HOH B O   
994  O O   . HOH F .  ? 0.2782 0.2691 0.3215 0.0925  0.0186  -0.0990 138 HOH B O   
995  O O   . HOH F .  ? 0.1873 0.4529 0.3256 -0.0061 0.0165  -0.2221 139 HOH B O   
996  O O   . HOH F .  ? 0.1646 0.1775 0.3713 -0.0231 -0.0126 0.0830  140 HOH B O   
997  O O   . HOH G .  ? 0.1859 0.2901 0.4668 0.0133  -0.0332 0.1892  201 HOH C O   
998  O O   . HOH G .  ? 0.1030 0.1224 0.1551 0.0106  -0.0156 0.0154  202 HOH C O   
999  O O   . HOH G .  ? 0.0485 0.1161 0.1012 -0.0008 -0.0134 0.0222  203 HOH C O   
1000 O O   . HOH G .  ? 0.2065 0.1771 0.5376 -0.0282 -0.1086 -0.0198 204 HOH C O   
1001 O O   . HOH G .  ? 0.3188 0.2113 0.3102 0.0081  -0.0690 -0.1132 205 HOH C O   
1002 O O   . HOH G .  ? 0.0778 0.2497 0.1292 0.0335  -0.0222 -0.0385 206 HOH C O   
1003 O O   . HOH G .  ? 0.0988 0.1576 0.1315 -0.0095 0.0298  0.0540  207 HOH C O   
1004 O O   . HOH G .  ? 0.1002 0.1344 0.1365 0.0417  -0.0022 0.0333  208 HOH C O   
1005 O O   . HOH G .  ? 0.1473 0.1846 0.2478 0.0473  0.0214  0.0121  209 HOH C O   
1006 O O   . HOH G .  ? 0.2910 0.3611 0.1782 0.1513  0.0499  0.1014  210 HOH C O   
1007 O O   . HOH G .  ? 0.0371 0.1090 0.1034 0.0243  0.0043  -0.0033 211 HOH C O   
1008 O O   . HOH G .  ? 0.1237 0.1639 0.1229 0.0506  -0.0113 0.0232  212 HOH C O   
1009 O O   . HOH G .  ? 0.0369 0.0795 0.1262 0.0089  0.0008  0.0110  213 HOH C O   
1010 O O   . HOH G .  ? 0.0422 0.0691 0.1078 -0.0091 0.0187  0.0191  214 HOH C O   
1011 O O   . HOH G .  ? 0.1272 0.1338 0.1290 -0.0006 -0.0037 0.0020  215 HOH C O   
1012 O O   . HOH G .  ? 0.1199 0.2620 0.1337 0.0894  -0.0069 -0.0055 216 HOH C O   
1013 O O   . HOH G .  ? 0.3522 0.3714 0.3903 0.1338  0.0957  -0.0643 217 HOH C O   
1014 O O   . HOH G .  ? 0.2632 0.3761 0.2432 0.0689  0.1055  0.1359  218 HOH C O   
1015 O O   . HOH G .  ? 0.2451 0.3003 0.4143 0.1381  0.0069  0.0877  219 HOH C O   
1016 O O   . HOH G .  ? 0.1582 0.1629 0.0892 0.0431  0.0174  0.0157  220 HOH C O   
1017 O O   . HOH G .  ? 0.2823 0.3720 0.3904 -0.0993 -0.1011 0.1642  221 HOH C O   
1018 O O   . HOH G .  ? 0.2350 0.3167 0.2498 0.0893  -0.0444 0.0610  222 HOH C O   
1019 O O   . HOH G .  ? 0.0881 0.2664 0.1170 0.0578  0.0007  0.0002  223 HOH C O   
1020 O O   . HOH G .  ? 0.2016 0.5589 0.2695 0.0330  -0.0319 -0.0851 224 HOH C O   
1021 O O   . HOH G .  ? 0.0730 0.2800 0.1943 0.0068  -0.0066 -0.0057 225 HOH C O   
1022 O O   . HOH G .  ? 0.1238 0.1603 0.1544 0.0264  0.0115  0.0322  226 HOH C O   
1023 O O   . HOH G .  ? 0.1393 0.3106 0.3070 0.0547  0.0283  0.1565  227 HOH C O   
1024 O O   . HOH G .  ? 0.1880 0.1929 0.1765 0.0355  -0.0105 -0.0535 228 HOH C O   
1025 O O   . HOH G .  ? 0.1422 0.2866 0.2081 -0.0351 0.0476  0.0299  229 HOH C O   
1026 O O   . HOH G .  ? 0.0974 0.1631 0.1191 0.0353  -0.0139 -0.0182 230 HOH C O   
1027 O O   . HOH G .  ? 0.1789 0.2671 0.2092 0.0208  -0.0372 0.0078  231 HOH C O   
1028 O O   . HOH G .  ? 0.1161 0.2020 0.2253 -0.0185 -0.0397 0.0533  232 HOH C O   
1029 O O   . HOH G .  ? 0.2000 0.4992 0.3105 0.0280  0.0505  -0.0277 233 HOH C O   
1030 O O   . HOH G .  ? 0.1274 0.2498 0.1455 0.0216  0.0284  0.0249  234 HOH C O   
1031 O O   . HOH G .  ? 0.3111 0.4221 0.3245 -0.1126 -0.0646 -0.0260 235 HOH C O   
1032 O O   . HOH G .  ? 0.1570 0.3052 0.2007 -0.0802 0.0434  -0.0373 236 HOH C O   
1033 O O   . HOH G .  ? 0.1162 0.1928 0.1801 0.0272  0.0105  0.0024  237 HOH C O   
1034 O O   . HOH G .  ? 0.1569 0.4346 0.1790 -0.0926 -0.0399 0.0933  238 HOH C O   
1035 O O   . HOH G .  ? 0.1754 0.3312 0.1984 -0.0705 0.0500  -0.1081 239 HOH C O   
1036 O O   . HOH G .  ? 0.0685 0.1381 0.1398 0.0162  -0.0043 0.0175  240 HOH C O   
# 
loop_
_pdbx_poly_seq_scheme.asym_id 
_pdbx_poly_seq_scheme.entity_id 
_pdbx_poly_seq_scheme.seq_id 
_pdbx_poly_seq_scheme.mon_id 
_pdbx_poly_seq_scheme.ndb_seq_num 
_pdbx_poly_seq_scheme.pdb_seq_num 
_pdbx_poly_seq_scheme.auth_seq_num 
_pdbx_poly_seq_scheme.pdb_mon_id 
_pdbx_poly_seq_scheme.auth_mon_id 
_pdbx_poly_seq_scheme.pdb_strand_id 
_pdbx_poly_seq_scheme.pdb_ins_code 
_pdbx_poly_seq_scheme.hetero 
A 1 1  PRO 1  1  1  PRO PRO A . n 
A 1 2  HYP 2  2  2  HYP HYP A . n 
A 1 3  GLY 3  3  3  GLY GLY A . n 
A 1 4  PRO 4  4  4  PRO PRO A . n 
A 1 5  HYP 5  5  5  HYP HYP A . n 
A 1 6  GLY 6  6  6  GLY GLY A . n 
A 1 7  PRO 7  7  7  PRO PRO A . n 
A 1 8  HYP 8  8  8  HYP HYP A . n 
A 1 9  GLY 9  9  9  GLY GLY A . n 
A 1 10 PRO 10 10 10 PRO PRO A . n 
A 1 11 ARG 11 11 11 ARG ARG A . n 
A 1 12 XZA 12 12 12 XZA AZA A . n 
A 1 13 PRO 13 13 13 PRO PRO A . n 
A 1 14 HYP 14 14 14 HYP HYP A . n 
A 1 15 GLY 15 15 15 GLY GLY A . n 
A 1 16 PRO 16 16 16 PRO PRO A . n 
A 1 17 HYP 17 17 17 HYP HYP A . n 
A 1 18 GLY 18 18 18 GLY GLY A . n 
A 1 19 PRO 19 19 19 PRO PRO A . n 
A 1 20 HYP 20 20 20 HYP HYP A . n 
A 1 21 GLY 21 21 21 GLY GLY A . n 
A 1 22 PRO 22 22 22 PRO PRO A . n 
A 1 23 HYP 23 23 23 HYP HYP A . n 
A 1 24 GLY 24 24 24 GLY GLY A . n 
A 1 25 NH2 25 25 25 NH2 NH2 A . n 
B 1 1  PRO 1  1  1  PRO PRO B . n 
B 1 2  HYP 2  2  2  HYP HYP B . n 
B 1 3  GLY 3  3  3  GLY GLY B . n 
B 1 4  PRO 4  4  4  PRO PRO B . n 
B 1 5  HYP 5  5  5  HYP HYP B . n 
B 1 6  GLY 6  6  6  GLY GLY B . n 
B 1 7  PRO 7  7  7  PRO PRO B . n 
B 1 8  HYP 8  8  8  HYP HYP B . n 
B 1 9  GLY 9  9  9  GLY GLY B . n 
B 1 10 PRO 10 10 10 PRO PRO B . n 
B 1 11 ARG 11 11 11 ARG ARG B . n 
B 1 12 XZA 12 12 12 XZA AZA B . n 
B 1 13 PRO 13 13 13 PRO PRO B . n 
B 1 14 HYP 14 14 14 HYP HYP B . n 
B 1 15 GLY 15 15 15 GLY GLY B . n 
B 1 16 PRO 16 16 16 PRO PRO B . n 
B 1 17 HYP 17 17 17 HYP HYP B . n 
B 1 18 GLY 18 18 18 GLY GLY B . n 
B 1 19 PRO 19 19 19 PRO PRO B . n 
B 1 20 HYP 20 20 20 HYP HYP B . n 
B 1 21 GLY 21 21 21 GLY GLY B . n 
B 1 22 PRO 22 22 22 PRO PRO B . n 
B 1 23 HYP 23 23 23 HYP HYP B . n 
B 1 24 GLY 24 24 24 GLY GLY B . n 
B 1 25 NH2 25 25 25 NH2 NH2 B . n 
C 1 1  PRO 1  1  1  PRO PRO C . n 
C 1 2  HYP 2  2  2  HYP HYP C . n 
C 1 3  GLY 3  3  3  GLY GLY C . n 
C 1 4  PRO 4  4  4  PRO PRO C . n 
C 1 5  HYP 5  5  5  HYP HYP C . n 
C 1 6  GLY 6  6  6  GLY GLY C . n 
C 1 7  PRO 7  7  7  PRO PRO C . n 
C 1 8  HYP 8  8  8  HYP HYP C . n 
C 1 9  GLY 9  9  9  GLY GLY C . n 
C 1 10 PRO 10 10 10 PRO PRO C . n 
C 1 11 ARG 11 11 11 ARG ARG C . n 
C 1 12 XZA 12 12 12 XZA AZA C . n 
C 1 13 PRO 13 13 13 PRO PRO C . n 
C 1 14 HYP 14 14 14 HYP HYP C . n 
C 1 15 GLY 15 15 15 GLY GLY C . n 
C 1 16 PRO 16 16 16 PRO PRO C . n 
C 1 17 HYP 17 17 17 HYP HYP C . n 
C 1 18 GLY 18 18 18 GLY GLY C . n 
C 1 19 PRO 19 19 19 PRO PRO C . n 
C 1 20 HYP 20 20 20 HYP HYP C . n 
C 1 21 GLY 21 21 21 GLY GLY C . n 
C 1 22 PRO 22 22 22 PRO PRO C . n 
C 1 23 HYP 23 23 23 HYP HYP C . n 
C 1 24 GLY 24 24 24 GLY GLY C . n 
C 1 25 NH2 25 25 25 NH2 NH2 C . n 
# 
loop_
_pdbx_nonpoly_scheme.asym_id 
_pdbx_nonpoly_scheme.entity_id 
_pdbx_nonpoly_scheme.mon_id 
_pdbx_nonpoly_scheme.ndb_seq_num 
_pdbx_nonpoly_scheme.pdb_seq_num 
_pdbx_nonpoly_scheme.auth_seq_num 
_pdbx_nonpoly_scheme.pdb_mon_id 
_pdbx_nonpoly_scheme.auth_mon_id 
_pdbx_nonpoly_scheme.pdb_strand_id 
_pdbx_nonpoly_scheme.pdb_ins_code 
D 2 SO4 1  101 1   SO4 SO4 C . 
E 3 HOH 1  101 1   HOH HOH A . 
E 3 HOH 2  102 80  HOH HOH A . 
E 3 HOH 3  103 60  HOH HOH A . 
E 3 HOH 4  104 13  HOH HOH A . 
E 3 HOH 5  105 15  HOH HOH A . 
E 3 HOH 6  106 19  HOH HOH A . 
E 3 HOH 7  107 12  HOH HOH A . 
E 3 HOH 8  108 2   HOH HOH A . 
E 3 HOH 9  109 106 HOH HOH A . 
E 3 HOH 10 110 2   HOH HOH A . 
E 3 HOH 11 111 53  HOH HOH A . 
E 3 HOH 12 112 44  HOH HOH A . 
E 3 HOH 13 113 71  HOH HOH A . 
E 3 HOH 14 114 84  HOH HOH A . 
E 3 HOH 15 115 103 HOH HOH A . 
E 3 HOH 16 116 30  HOH HOH A . 
E 3 HOH 17 117 96  HOH HOH A . 
E 3 HOH 18 118 9   HOH HOH A . 
E 3 HOH 19 119 25  HOH HOH A . 
E 3 HOH 20 120 119 HOH HOH A . 
E 3 HOH 21 121 38  HOH HOH A . 
E 3 HOH 22 122 10  HOH HOH A . 
E 3 HOH 23 123 7   HOH HOH A . 
E 3 HOH 24 124 55  HOH HOH A . 
E 3 HOH 25 125 6   HOH HOH A . 
E 3 HOH 26 126 26  HOH HOH A . 
E 3 HOH 27 127 150 HOH HOH A . 
E 3 HOH 28 128 61  HOH HOH A . 
E 3 HOH 29 129 138 HOH HOH A . 
E 3 HOH 30 130 17  HOH HOH A . 
E 3 HOH 31 131 114 HOH HOH A . 
E 3 HOH 32 132 116 HOH HOH A . 
E 3 HOH 33 133 39  HOH HOH A . 
E 3 HOH 34 134 94  HOH HOH A . 
E 3 HOH 35 135 22  HOH HOH A . 
E 3 HOH 36 136 42  HOH HOH A . 
E 3 HOH 37 137 63  HOH HOH A . 
E 3 HOH 38 138 37  HOH HOH A . 
E 3 HOH 39 139 54  HOH HOH A . 
E 3 HOH 40 140 81  HOH HOH A . 
E 3 HOH 41 141 14  HOH HOH A . 
E 3 HOH 42 142 129 HOH HOH A . 
E 3 HOH 43 143 142 HOH HOH A . 
E 3 HOH 44 144 43  HOH HOH A . 
E 3 HOH 45 145 27  HOH HOH A . 
E 3 HOH 46 146 78  HOH HOH A . 
E 3 HOH 47 147 51  HOH HOH A . 
E 3 HOH 48 148 76  HOH HOH A . 
E 3 HOH 49 149 91  HOH HOH A . 
E 3 HOH 50 150 18  HOH HOH A . 
E 3 HOH 51 151 82  HOH HOH A . 
E 3 HOH 52 152 90  HOH HOH A . 
E 3 HOH 53 153 107 HOH HOH A . 
F 3 HOH 1  101 156 HOH HOH B . 
F 3 HOH 2  102 133 HOH HOH B . 
F 3 HOH 3  103 118 HOH HOH B . 
F 3 HOH 4  104 49  HOH HOH B . 
F 3 HOH 5  105 120 HOH HOH B . 
F 3 HOH 6  106 52  HOH HOH B . 
F 3 HOH 7  107 73  HOH HOH B . 
F 3 HOH 8  108 102 HOH HOH B . 
F 3 HOH 9  109 75  HOH HOH B . 
F 3 HOH 10 110 59  HOH HOH B . 
F 3 HOH 11 111 1   HOH HOH B . 
F 3 HOH 12 112 153 HOH HOH B . 
F 3 HOH 13 113 40  HOH HOH B . 
F 3 HOH 14 114 145 HOH HOH B . 
F 3 HOH 15 115 62  HOH HOH B . 
F 3 HOH 16 116 20  HOH HOH B . 
F 3 HOH 17 117 36  HOH HOH B . 
F 3 HOH 18 118 11  HOH HOH B . 
F 3 HOH 19 119 16  HOH HOH B . 
F 3 HOH 20 120 67  HOH HOH B . 
F 3 HOH 21 121 69  HOH HOH B . 
F 3 HOH 22 122 79  HOH HOH B . 
F 3 HOH 23 123 45  HOH HOH B . 
F 3 HOH 24 124 35  HOH HOH B . 
F 3 HOH 25 125 24  HOH HOH B . 
F 3 HOH 26 126 121 HOH HOH B . 
F 3 HOH 27 127 72  HOH HOH B . 
F 3 HOH 28 128 144 HOH HOH B . 
F 3 HOH 29 129 57  HOH HOH B . 
F 3 HOH 30 130 128 HOH HOH B . 
F 3 HOH 31 131 126 HOH HOH B . 
F 3 HOH 32 132 148 HOH HOH B . 
F 3 HOH 33 133 134 HOH HOH B . 
F 3 HOH 34 134 105 HOH HOH B . 
F 3 HOH 35 135 146 HOH HOH B . 
F 3 HOH 36 136 147 HOH HOH B . 
F 3 HOH 37 137 74  HOH HOH B . 
F 3 HOH 38 138 77  HOH HOH B . 
F 3 HOH 39 139 127 HOH HOH B . 
F 3 HOH 40 140 85  HOH HOH B . 
G 3 HOH 1  201 149 HOH HOH C . 
G 3 HOH 2  202 21  HOH HOH C . 
G 3 HOH 3  203 8   HOH HOH C . 
G 3 HOH 4  204 151 HOH HOH C . 
G 3 HOH 5  205 130 HOH HOH C . 
G 3 HOH 6  206 64  HOH HOH C . 
G 3 HOH 7  207 29  HOH HOH C . 
G 3 HOH 8  208 28  HOH HOH C . 
G 3 HOH 9  209 110 HOH HOH C . 
G 3 HOH 10 210 92  HOH HOH C . 
G 3 HOH 11 211 3   HOH HOH C . 
G 3 HOH 12 212 23  HOH HOH C . 
G 3 HOH 13 213 4   HOH HOH C . 
G 3 HOH 14 214 5   HOH HOH C . 
G 3 HOH 15 215 65  HOH HOH C . 
G 3 HOH 16 216 98  HOH HOH C . 
G 3 HOH 17 217 152 HOH HOH C . 
G 3 HOH 18 218 122 HOH HOH C . 
G 3 HOH 19 219 135 HOH HOH C . 
G 3 HOH 20 220 32  HOH HOH C . 
G 3 HOH 21 221 154 HOH HOH C . 
G 3 HOH 22 222 87  HOH HOH C . 
G 3 HOH 23 223 93  HOH HOH C . 
G 3 HOH 24 224 155 HOH HOH C . 
G 3 HOH 25 225 58  HOH HOH C . 
G 3 HOH 26 226 47  HOH HOH C . 
G 3 HOH 27 227 117 HOH HOH C . 
G 3 HOH 28 228 31  HOH HOH C . 
G 3 HOH 29 229 68  HOH HOH C . 
G 3 HOH 30 230 46  HOH HOH C . 
G 3 HOH 31 231 109 HOH HOH C . 
G 3 HOH 32 232 56  HOH HOH C . 
G 3 HOH 33 233 139 HOH HOH C . 
G 3 HOH 34 234 34  HOH HOH C . 
G 3 HOH 35 235 124 HOH HOH C . 
G 3 HOH 36 236 112 HOH HOH C . 
G 3 HOH 37 237 70  HOH HOH C . 
G 3 HOH 38 238 113 HOH HOH C . 
G 3 HOH 39 239 99  HOH HOH C . 
G 3 HOH 40 240 89  HOH HOH C . 
# 
_pdbx_struct_assembly.id                   1 
_pdbx_struct_assembly.details              author_and_software_defined_assembly 
_pdbx_struct_assembly.method_details       PISA 
_pdbx_struct_assembly.oligomeric_details   trimeric 
_pdbx_struct_assembly.oligomeric_count     3 
# 
_pdbx_struct_assembly_gen.assembly_id       1 
_pdbx_struct_assembly_gen.oper_expression   1 
_pdbx_struct_assembly_gen.asym_id_list      A,B,C,D,E,F,G 
# 
loop_
_pdbx_struct_assembly_prop.biol_id 
_pdbx_struct_assembly_prop.type 
_pdbx_struct_assembly_prop.value 
_pdbx_struct_assembly_prop.details 
1 'ABSA (A^2)' 4700 ? 
1 MORE         -25  ? 
1 'SSA (A^2)'  4300 ? 
# 
_pdbx_struct_oper_list.id                   1 
_pdbx_struct_oper_list.type                 'identity operation' 
_pdbx_struct_oper_list.name                 1_555 
_pdbx_struct_oper_list.symmetry_operation   x,y,z 
_pdbx_struct_oper_list.matrix[1][1]         1.0000000000 
_pdbx_struct_oper_list.matrix[1][2]         0.0000000000 
_pdbx_struct_oper_list.matrix[1][3]         0.0000000000 
_pdbx_struct_oper_list.vector[1]            0.0000000000 
_pdbx_struct_oper_list.matrix[2][1]         0.0000000000 
_pdbx_struct_oper_list.matrix[2][2]         1.0000000000 
_pdbx_struct_oper_list.matrix[2][3]         0.0000000000 
_pdbx_struct_oper_list.vector[2]            0.0000000000 
_pdbx_struct_oper_list.matrix[3][1]         0.0000000000 
_pdbx_struct_oper_list.matrix[3][2]         0.0000000000 
_pdbx_struct_oper_list.matrix[3][3]         1.0000000000 
_pdbx_struct_oper_list.vector[3]            0.0000000000 
# 
loop_
_pdbx_audit_revision_history.ordinal 
_pdbx_audit_revision_history.data_content_type 
_pdbx_audit_revision_history.major_revision 
_pdbx_audit_revision_history.minor_revision 
_pdbx_audit_revision_history.revision_date 
1 'Structure model' 1 0 2017-06-28 
2 'Structure model' 1 1 2017-07-12 
3 'Structure model' 1 2 2017-08-02 
4 'Structure model' 1 3 2023-09-27 
5 'Structure model' 2 0 2023-11-15 
# 
_pdbx_audit_revision_details.ordinal             1 
_pdbx_audit_revision_details.revision_ordinal    1 
_pdbx_audit_revision_details.data_content_type   'Structure model' 
_pdbx_audit_revision_details.provider            repository 
_pdbx_audit_revision_details.type                'Initial release' 
_pdbx_audit_revision_details.description         ? 
_pdbx_audit_revision_details.details             ? 
# 
loop_
_pdbx_audit_revision_group.ordinal 
_pdbx_audit_revision_group.revision_ordinal 
_pdbx_audit_revision_group.data_content_type 
_pdbx_audit_revision_group.group 
1 2 'Structure model' 'Database references'    
2 3 'Structure model' 'Database references'    
3 4 'Structure model' 'Data collection'        
4 4 'Structure model' 'Database references'    
5 4 'Structure model' 'Refinement description' 
6 5 'Structure model' 'Atomic model'           
7 5 'Structure model' 'Data collection'        
# 
loop_
_pdbx_audit_revision_category.ordinal 
_pdbx_audit_revision_category.revision_ordinal 
_pdbx_audit_revision_category.data_content_type 
_pdbx_audit_revision_category.category 
1  2 'Structure model' citation                      
2  2 'Structure model' citation_author               
3  3 'Structure model' citation                      
4  3 'Structure model' citation_author               
5  4 'Structure model' chem_comp_atom                
6  4 'Structure model' chem_comp_bond                
7  4 'Structure model' database_2                    
8  4 'Structure model' pdbx_initial_refinement_model 
9  5 'Structure model' atom_site                     
10 5 'Structure model' chem_comp_atom                
11 5 'Structure model' chem_comp_bond                
# 
loop_
_pdbx_audit_revision_item.ordinal 
_pdbx_audit_revision_item.revision_ordinal 
_pdbx_audit_revision_item.data_content_type 
_pdbx_audit_revision_item.item 
1  2 'Structure model' '_citation.country'                   
2  2 'Structure model' '_citation.journal_abbrev'            
3  2 'Structure model' '_citation.journal_id_ASTM'           
4  2 'Structure model' '_citation.journal_id_CSD'            
5  2 'Structure model' '_citation.journal_id_ISSN'           
6  2 'Structure model' '_citation.pdbx_database_id_DOI'      
7  2 'Structure model' '_citation.pdbx_database_id_PubMed'   
8  2 'Structure model' '_citation.title'                     
9  2 'Structure model' '_citation.year'                      
10 2 'Structure model' '_citation_author.name'               
11 3 'Structure model' '_citation.journal_volume'            
12 3 'Structure model' '_citation.page_first'                
13 3 'Structure model' '_citation.page_last'                 
14 3 'Structure model' '_citation_author.name'               
15 4 'Structure model' '_database_2.pdbx_DOI'                
16 4 'Structure model' '_database_2.pdbx_database_accession' 
17 5 'Structure model' '_atom_site.auth_atom_id'             
18 5 'Structure model' '_atom_site.label_atom_id'            
19 5 'Structure model' '_chem_comp_atom.atom_id'             
20 5 'Structure model' '_chem_comp_bond.atom_id_2'           
# 
loop_
_software.citation_id 
_software.classification 
_software.compiler_name 
_software.compiler_version 
_software.contact_author 
_software.contact_author_email 
_software.date 
_software.description 
_software.dependencies 
_software.hardware 
_software.language 
_software.location 
_software.mods 
_software.name 
_software.os 
_software.os_version 
_software.type 
_software.version 
_software.pdbx_ordinal 
? refinement       ? ? ? ? ? ? ? ? ? ? ? PHENIX  ? ? ? dev_1370 1 
? 'data reduction' ? ? ? ? ? ? ? ? ? ? ? iMOSFLM ? ? ? .        2 
? 'data scaling'   ? ? ? ? ? ? ? ? ? ? ? SCALA   ? ? ? .        3 
? phasing          ? ? ? ? ? ? ? ? ? ? ? PHENIX  ? ? ? .        4 
# 
loop_
_pdbx_validate_close_contact.id 
_pdbx_validate_close_contact.PDB_model_num 
_pdbx_validate_close_contact.auth_atom_id_1 
_pdbx_validate_close_contact.auth_asym_id_1 
_pdbx_validate_close_contact.auth_comp_id_1 
_pdbx_validate_close_contact.auth_seq_id_1 
_pdbx_validate_close_contact.PDB_ins_code_1 
_pdbx_validate_close_contact.label_alt_id_1 
_pdbx_validate_close_contact.auth_atom_id_2 
_pdbx_validate_close_contact.auth_asym_id_2 
_pdbx_validate_close_contact.auth_comp_id_2 
_pdbx_validate_close_contact.auth_seq_id_2 
_pdbx_validate_close_contact.PDB_ins_code_2 
_pdbx_validate_close_contact.label_alt_id_2 
_pdbx_validate_close_contact.dist 
1 1 O A HOH 151 ? ? O A HOH 153 ? ? 1.95 
2 1 O C HOH 216 ? ? O C HOH 233 ? ? 2.10 
3 1 O A HOH 129 ? ? O A HOH 140 ? ? 2.16 
4 1 O B HOH 102 ? ? O B HOH 103 ? ? 2.18 
# 
loop_
_pdbx_validate_symm_contact.id 
_pdbx_validate_symm_contact.PDB_model_num 
_pdbx_validate_symm_contact.auth_atom_id_1 
_pdbx_validate_symm_contact.auth_asym_id_1 
_pdbx_validate_symm_contact.auth_comp_id_1 
_pdbx_validate_symm_contact.auth_seq_id_1 
_pdbx_validate_symm_contact.PDB_ins_code_1 
_pdbx_validate_symm_contact.label_alt_id_1 
_pdbx_validate_symm_contact.site_symmetry_1 
_pdbx_validate_symm_contact.auth_atom_id_2 
_pdbx_validate_symm_contact.auth_asym_id_2 
_pdbx_validate_symm_contact.auth_comp_id_2 
_pdbx_validate_symm_contact.auth_seq_id_2 
_pdbx_validate_symm_contact.PDB_ins_code_2 
_pdbx_validate_symm_contact.label_alt_id_2 
_pdbx_validate_symm_contact.site_symmetry_2 
_pdbx_validate_symm_contact.dist 
1 1 O A HOH 131 ? ? 1_555 O A HOH 143 ? ? 1_455 2.07 
2 1 O C HOH 210 ? ? 1_555 O C HOH 233 ? ? 2_655 2.11 
# 
loop_
_pdbx_distant_solvent_atoms.id 
_pdbx_distant_solvent_atoms.PDB_model_num 
_pdbx_distant_solvent_atoms.auth_atom_id 
_pdbx_distant_solvent_atoms.label_alt_id 
_pdbx_distant_solvent_atoms.auth_asym_id 
_pdbx_distant_solvent_atoms.auth_comp_id 
_pdbx_distant_solvent_atoms.auth_seq_id 
_pdbx_distant_solvent_atoms.PDB_ins_code 
_pdbx_distant_solvent_atoms.neighbor_macromolecule_distance 
_pdbx_distant_solvent_atoms.neighbor_ligand_distance 
1 1 O ? A HOH 153 ? 6.75 .    
2 1 O ? C HOH 239 ? .    5.88 
3 1 O ? C HOH 240 ? 6.56 .    
# 
loop_
_chem_comp_atom.comp_id 
_chem_comp_atom.atom_id 
_chem_comp_atom.type_symbol 
_chem_comp_atom.pdbx_aromatic_flag 
_chem_comp_atom.pdbx_stereo_config 
_chem_comp_atom.pdbx_ordinal 
ARG N    N N N 1  
ARG CA   C N S 2  
ARG C    C N N 3  
ARG O    O N N 4  
ARG CB   C N N 5  
ARG CG   C N N 6  
ARG CD   C N N 7  
ARG NE   N N N 8  
ARG CZ   C N N 9  
ARG NH1  N N N 10 
ARG NH2  N N N 11 
ARG OXT  O N N 12 
ARG H    H N N 13 
ARG H2   H N N 14 
ARG HA   H N N 15 
ARG HB2  H N N 16 
ARG HB3  H N N 17 
ARG HG2  H N N 18 
ARG HG3  H N N 19 
ARG HD2  H N N 20 
ARG HD3  H N N 21 
ARG HE   H N N 22 
ARG HH11 H N N 23 
ARG HH12 H N N 24 
ARG HH21 H N N 25 
ARG HH22 H N N 26 
ARG HXT  H N N 27 
GLY N    N N N 28 
GLY CA   C N N 29 
GLY C    C N N 30 
GLY O    O N N 31 
GLY OXT  O N N 32 
GLY H    H N N 33 
GLY H2   H N N 34 
GLY HA2  H N N 35 
GLY HA3  H N N 36 
GLY HXT  H N N 37 
HOH O    O N N 38 
HOH H1   H N N 39 
HOH H2   H N N 40 
HYP N    N N N 41 
HYP CA   C N S 42 
HYP C    C N N 43 
HYP O    O N N 44 
HYP CB   C N N 45 
HYP CG   C N R 46 
HYP CD   C N N 47 
HYP OD1  O N N 48 
HYP OXT  O N N 49 
HYP H    H N N 50 
HYP HA   H N N 51 
HYP HB2  H N N 52 
HYP HB3  H N N 53 
HYP HG   H N N 54 
HYP HD22 H N N 55 
HYP HD23 H N N 56 
HYP HD1  H N N 57 
HYP HXT  H N N 58 
NH2 N    N N N 59 
NH2 HN1  H N N 60 
NH2 HN2  H N N 61 
PRO N    N N N 62 
PRO CA   C N S 63 
PRO C    C N N 64 
PRO O    O N N 65 
PRO CB   C N N 66 
PRO CG   C N N 67 
PRO CD   C N N 68 
PRO OXT  O N N 69 
PRO H    H N N 70 
PRO HA   H N N 71 
PRO HB2  H N N 72 
PRO HB3  H N N 73 
PRO HG2  H N N 74 
PRO HG3  H N N 75 
PRO HD2  H N N 76 
PRO HD3  H N N 77 
PRO HXT  H N N 78 
SO4 S    S N N 79 
SO4 O1   O N N 80 
SO4 O2   O N N 81 
SO4 O3   O N N 82 
SO4 O4   O N N 83 
XZA C    C N N 84 
XZA O    O N N 85 
XZA NA   N N N 86 
XZA N    N N N 87 
XZA OXT  O N N 88 
XZA HNA  H N N 89 
XZA H2   H N N 90 
XZA H    H N N 91 
XZA HXT  H N N 92 
# 
loop_
_chem_comp_bond.comp_id 
_chem_comp_bond.atom_id_1 
_chem_comp_bond.atom_id_2 
_chem_comp_bond.value_order 
_chem_comp_bond.pdbx_aromatic_flag 
_chem_comp_bond.pdbx_stereo_config 
_chem_comp_bond.pdbx_ordinal 
ARG N   CA   sing N N 1  
ARG N   H    sing N N 2  
ARG N   H2   sing N N 3  
ARG CA  C    sing N N 4  
ARG CA  CB   sing N N 5  
ARG CA  HA   sing N N 6  
ARG C   O    doub N N 7  
ARG C   OXT  sing N N 8  
ARG CB  CG   sing N N 9  
ARG CB  HB2  sing N N 10 
ARG CB  HB3  sing N N 11 
ARG CG  CD   sing N N 12 
ARG CG  HG2  sing N N 13 
ARG CG  HG3  sing N N 14 
ARG CD  NE   sing N N 15 
ARG CD  HD2  sing N N 16 
ARG CD  HD3  sing N N 17 
ARG NE  CZ   sing N N 18 
ARG NE  HE   sing N N 19 
ARG CZ  NH1  sing N N 20 
ARG CZ  NH2  doub N N 21 
ARG NH1 HH11 sing N N 22 
ARG NH1 HH12 sing N N 23 
ARG NH2 HH21 sing N N 24 
ARG NH2 HH22 sing N N 25 
ARG OXT HXT  sing N N 26 
GLY N   CA   sing N N 27 
GLY N   H    sing N N 28 
GLY N   H2   sing N N 29 
GLY CA  C    sing N N 30 
GLY CA  HA2  sing N N 31 
GLY CA  HA3  sing N N 32 
GLY C   O    doub N N 33 
GLY C   OXT  sing N N 34 
GLY OXT HXT  sing N N 35 
HOH O   H1   sing N N 36 
HOH O   H2   sing N N 37 
HYP N   CA   sing N N 38 
HYP N   CD   sing N N 39 
HYP N   H    sing N N 40 
HYP CA  C    sing N N 41 
HYP CA  CB   sing N N 42 
HYP CA  HA   sing N N 43 
HYP C   O    doub N N 44 
HYP C   OXT  sing N N 45 
HYP CB  CG   sing N N 46 
HYP CB  HB2  sing N N 47 
HYP CB  HB3  sing N N 48 
HYP CG  CD   sing N N 49 
HYP CG  OD1  sing N N 50 
HYP CG  HG   sing N N 51 
HYP CD  HD22 sing N N 52 
HYP CD  HD23 sing N N 53 
HYP OD1 HD1  sing N N 54 
HYP OXT HXT  sing N N 55 
NH2 N   HN1  sing N N 56 
NH2 N   HN2  sing N N 57 
PRO N   CA   sing N N 58 
PRO N   CD   sing N N 59 
PRO N   H    sing N N 60 
PRO CA  C    sing N N 61 
PRO CA  CB   sing N N 62 
PRO CA  HA   sing N N 63 
PRO C   O    doub N N 64 
PRO C   OXT  sing N N 65 
PRO CB  CG   sing N N 66 
PRO CB  HB2  sing N N 67 
PRO CB  HB3  sing N N 68 
PRO CG  CD   sing N N 69 
PRO CG  HG2  sing N N 70 
PRO CG  HG3  sing N N 71 
PRO CD  HD2  sing N N 72 
PRO CD  HD3  sing N N 73 
PRO OXT HXT  sing N N 74 
SO4 S   O1   doub N N 75 
SO4 S   O2   doub N N 76 
SO4 S   O3   sing N N 77 
SO4 S   O4   sing N N 78 
XZA NA  N    sing N N 79 
XZA NA  C    sing N N 80 
XZA C   O    doub N N 81 
XZA C   OXT  sing N N 82 
XZA NA  HNA  sing N N 83 
XZA N   H2   sing N N 84 
XZA N   H    sing N N 85 
XZA OXT HXT  sing N N 86 
# 
_pdbx_audit_support.funding_organization   'University of Pennsylvania' 
_pdbx_audit_support.country                'United States' 
_pdbx_audit_support.grant_number           ? 
_pdbx_audit_support.ordinal                1 
# 
loop_
_pdbx_entity_nonpoly.entity_id 
_pdbx_entity_nonpoly.name 
_pdbx_entity_nonpoly.comp_id 
2 'SULFATE ION' SO4 
3 water         HOH 
# 
_pdbx_initial_refinement_model.id               1 
_pdbx_initial_refinement_model.entity_id_list   ? 
_pdbx_initial_refinement_model.type             'experimental model' 
_pdbx_initial_refinement_model.source_name      PDB 
_pdbx_initial_refinement_model.accession_code   3WN8 
_pdbx_initial_refinement_model.details          ? 
# 
